data_3G4I
#
_entry.id   3G4I
#
_cell.length_a   98.865
_cell.length_b   113.241
_cell.length_c   161.220
_cell.angle_alpha   90.00
_cell.angle_beta   90.00
_cell.angle_gamma   90.00
#
_symmetry.space_group_name_H-M   'P 21 21 21'
#
loop_
_entity.id
_entity.type
_entity.pdbx_description
1 polymer "cAMP-specific 3',5'-cyclic phosphodiesterase 4D"
2 non-polymer 'ZINC ION'
3 non-polymer 'MAGNESIUM ION'
4 non-polymer 'SULFATE ION'
5 non-polymer 1-(3-nitrophenyl)-3-(pyridin-4-ylmethyl)pyrido[2,3-d]pyrimidine-2,4(1H,3H)-dione
6 non-polymer ETHANOL
7 water water
#
_entity_poly.entity_id   1
_entity_poly.type   'polypeptide(L)'
_entity_poly.pdbx_seq_one_letter_code
;MSIPRFGVKTEQEDVLAKELEDVNKWGLHVFRIAELSGNRPLTVIMHTIFQERDLLKTFKIPVDTLITYLMTLEDHYHAD
VAYHNNIHAADVVQSTHVLLSTPALEAVFTDLEILAAIFASAIHDVDHPGVSNQFLINTNSELALMYNDSSVLENHHLAV
GFKLLQEENCDIFQNLTKKQRQSLRKMVIDIVLATDMSKHMNLLADLKTMVETKKVTSSGVLLLDNYSDRIQVLQNMVHC
ADLSNPTKPLQLYRQWTDRIMEEFFRQGDRERERGMEISPMCDKHNASVEKSQVGFIDYIVHPLWETWADLVHPDAQDIL
DTLEDNREWYQSTIPQAPAPAPDDPEEGRQGQTEKFQFELTLEEDGESDTEKDSGHHHHHH
;
_entity_poly.pdbx_strand_id   A,B,C,D
#
loop_
_chem_comp.id
_chem_comp.type
_chem_comp.name
_chem_comp.formula
D71 non-polymer 1-(3-nitrophenyl)-3-(pyridin-4-ylmethyl)pyrido[2,3-d]pyrimidine-2,4(1H,3H)-dione 'C19 H13 N5 O4'
EOH non-polymer ETHANOL 'C2 H6 O'
MG non-polymer 'MAGNESIUM ION' 'Mg 2'
SO4 non-polymer 'SULFATE ION' 'O4 S -2'
ZN non-polymer 'ZINC ION' 'Zn 2'
#
# COMPACT_ATOMS: atom_id res chain seq x y z
N PHE A 6 7.31 -42.73 -9.19
CA PHE A 6 6.97 -44.04 -9.80
C PHE A 6 6.75 -43.90 -11.32
N GLY A 7 6.05 -42.84 -11.72
CA GLY A 7 5.74 -42.59 -13.12
C GLY A 7 4.28 -42.85 -13.46
N VAL A 8 3.57 -43.48 -12.52
CA VAL A 8 2.13 -43.72 -12.65
C VAL A 8 1.34 -42.99 -11.56
N LYS A 9 0.18 -42.47 -11.95
CA LYS A 9 -0.73 -41.78 -11.07
C LYS A 9 -1.11 -42.63 -9.86
N THR A 10 -1.26 -41.96 -8.72
CA THR A 10 -1.86 -42.55 -7.55
C THR A 10 -3.34 -42.86 -7.86
N GLU A 11 -3.99 -43.68 -7.06
CA GLU A 11 -5.37 -44.02 -7.34
C GLU A 11 -6.28 -42.80 -7.19
N GLN A 12 -6.00 -41.95 -6.21
CA GLN A 12 -6.76 -40.69 -6.05
C GLN A 12 -6.61 -39.79 -7.29
N GLU A 13 -5.38 -39.66 -7.78
CA GLU A 13 -5.08 -38.92 -9.02
C GLU A 13 -5.79 -39.47 -10.24
N ASP A 14 -5.91 -40.79 -10.33
CA ASP A 14 -6.63 -41.42 -11.42
C ASP A 14 -8.13 -41.11 -11.33
N VAL A 15 -8.70 -41.21 -10.14
CA VAL A 15 -10.11 -40.86 -9.93
C VAL A 15 -10.32 -39.35 -10.26
N LEU A 16 -9.38 -38.50 -9.86
CA LEU A 16 -9.44 -37.08 -10.23
C LEU A 16 -9.41 -36.89 -11.75
N ALA A 17 -8.49 -37.58 -12.42
CA ALA A 17 -8.38 -37.51 -13.89
C ALA A 17 -9.67 -37.93 -14.59
N LYS A 18 -10.31 -38.98 -14.09
CA LYS A 18 -11.57 -39.40 -14.67
C LYS A 18 -12.66 -38.35 -14.50
N GLU A 19 -12.71 -37.68 -13.34
CA GLU A 19 -13.72 -36.64 -13.14
C GLU A 19 -13.49 -35.47 -14.09
N LEU A 20 -12.23 -35.16 -14.35
CA LEU A 20 -11.86 -34.06 -15.24
C LEU A 20 -12.18 -34.30 -16.72
N GLU A 21 -12.55 -35.53 -17.09
CA GLU A 21 -13.03 -35.81 -18.43
C GLU A 21 -14.35 -35.07 -18.72
N ASP A 22 -15.04 -34.60 -17.69
CA ASP A 22 -16.22 -33.77 -17.86
C ASP A 22 -15.93 -32.26 -17.83
N VAL A 23 -14.67 -31.85 -18.00
CA VAL A 23 -14.31 -30.42 -17.95
C VAL A 23 -15.06 -29.60 -19.02
N ASN A 24 -15.44 -30.21 -20.15
CA ASN A 24 -16.15 -29.51 -21.22
C ASN A 24 -17.67 -29.54 -21.09
N LYS A 25 -18.19 -30.06 -19.98
CA LYS A 25 -19.64 -30.21 -19.77
C LYS A 25 -20.19 -29.33 -18.65
N TRP A 26 -21.39 -28.81 -18.88
CA TRP A 26 -22.16 -28.09 -17.86
C TRP A 26 -22.56 -29.05 -16.75
N GLY A 27 -22.27 -28.70 -15.50
CA GLY A 27 -22.56 -29.60 -14.38
C GLY A 27 -21.44 -30.53 -13.96
N LEU A 28 -20.19 -30.18 -14.33
CA LEU A 28 -19.03 -30.84 -13.75
C LEU A 28 -19.18 -31.00 -12.23
N HIS A 29 -18.74 -32.14 -11.69
CA HIS A 29 -18.77 -32.40 -10.25
C HIS A 29 -17.65 -31.63 -9.56
N VAL A 30 -17.83 -30.31 -9.48
CA VAL A 30 -16.76 -29.43 -9.04
C VAL A 30 -16.39 -29.60 -7.55
N PHE A 31 -17.35 -29.94 -6.69
CA PHE A 31 -17.07 -30.17 -5.27
C PHE A 31 -16.31 -31.49 -5.08
N ARG A 32 -16.61 -32.48 -5.90
CA ARG A 32 -15.85 -33.73 -5.84
C ARG A 32 -14.38 -33.50 -6.26
N ILE A 33 -14.19 -32.72 -7.33
CA ILE A 33 -12.85 -32.34 -7.76
C ILE A 33 -12.09 -31.57 -6.66
N ALA A 34 -12.80 -30.68 -5.95
CA ALA A 34 -12.18 -29.97 -4.82
C ALA A 34 -11.63 -30.94 -3.78
N GLU A 35 -12.43 -31.96 -3.44
CA GLU A 35 -12.03 -32.96 -2.46
C GLU A 35 -10.90 -33.87 -2.96
N LEU A 36 -11.06 -34.41 -4.17
CA LEU A 36 -10.05 -35.33 -4.73
C LEU A 36 -8.68 -34.66 -4.95
N SER A 37 -8.68 -33.35 -5.20
CA SER A 37 -7.43 -32.62 -5.48
C SER A 37 -6.75 -32.06 -4.23
N GLY A 38 -7.27 -32.34 -3.05
CA GLY A 38 -6.68 -31.79 -1.83
C GLY A 38 -6.92 -30.29 -1.74
N ASN A 39 -8.15 -29.89 -2.06
CA ASN A 39 -8.56 -28.48 -2.09
C ASN A 39 -7.74 -27.64 -3.07
N ARG A 40 -7.49 -28.21 -4.25
CA ARG A 40 -6.85 -27.52 -5.37
C ARG A 40 -7.73 -27.51 -6.64
N PRO A 41 -9.04 -27.26 -6.46
CA PRO A 41 -9.91 -27.22 -7.64
C PRO A 41 -9.52 -26.15 -8.70
N LEU A 42 -9.11 -24.98 -8.25
CA LEU A 42 -8.81 -23.90 -9.17
C LEU A 42 -7.52 -24.23 -9.95
N THR A 43 -6.49 -24.72 -9.26
CA THR A 43 -5.23 -25.10 -9.89
C THR A 43 -5.42 -26.23 -10.93
N VAL A 44 -6.11 -27.30 -10.53
CA VAL A 44 -6.27 -28.45 -11.42
C VAL A 44 -7.19 -28.16 -12.61
N ILE A 45 -8.28 -27.45 -12.36
CA ILE A 45 -9.17 -27.06 -13.45
C ILE A 45 -8.53 -26.08 -14.42
N MET A 46 -7.85 -25.05 -13.91
CA MET A 46 -7.13 -24.13 -14.79
C MET A 46 -6.05 -24.85 -15.61
N HIS A 47 -5.26 -25.71 -14.98
CA HIS A 47 -4.20 -26.43 -15.68
C HIS A 47 -4.79 -27.28 -16.81
N THR A 48 -5.86 -28.03 -16.50
CA THR A 48 -6.52 -28.86 -17.50
C THR A 48 -6.98 -28.03 -18.71
N ILE A 49 -7.63 -26.91 -18.45
CA ILE A 49 -8.16 -26.00 -19.49
C ILE A 49 -7.03 -25.37 -20.33
N PHE A 50 -5.98 -24.89 -19.67
CA PHE A 50 -4.81 -24.37 -20.39
C PHE A 50 -4.19 -25.40 -21.36
N GLN A 51 -4.02 -26.63 -20.87
CA GLN A 51 -3.51 -27.75 -21.68
C GLN A 51 -4.45 -28.07 -22.86
N GLU A 52 -5.75 -28.17 -22.57
CA GLU A 52 -6.79 -28.45 -23.57
C GLU A 52 -6.86 -27.41 -24.70
N ARG A 53 -6.75 -26.13 -24.34
CA ARG A 53 -6.80 -25.03 -25.31
C ARG A 53 -5.41 -24.67 -25.86
N ASP A 54 -4.38 -25.41 -25.45
CA ASP A 54 -2.98 -25.23 -25.91
C ASP A 54 -2.39 -23.86 -25.59
N LEU A 55 -2.81 -23.30 -24.46
CA LEU A 55 -2.38 -21.96 -24.08
C LEU A 55 -0.92 -21.86 -23.64
N LEU A 56 -0.35 -22.94 -23.12
CA LEU A 56 1.03 -22.94 -22.65
C LEU A 56 1.95 -22.75 -23.86
N LYS A 57 1.72 -23.51 -24.91
CA LYS A 57 2.50 -23.39 -26.15
C LYS A 57 2.30 -22.05 -26.86
N THR A 58 1.04 -21.66 -27.03
CA THR A 58 0.67 -20.41 -27.72
C THR A 58 1.30 -19.18 -27.05
N PHE A 59 1.25 -19.12 -25.72
CA PHE A 59 1.78 -17.97 -24.99
C PHE A 59 3.13 -18.22 -24.30
N LYS A 60 3.77 -19.35 -24.63
CA LYS A 60 5.09 -19.71 -24.09
C LYS A 60 5.16 -19.59 -22.56
N ILE A 61 4.17 -20.17 -21.90
CA ILE A 61 4.08 -20.17 -20.44
C ILE A 61 4.82 -21.40 -19.88
N PRO A 62 5.90 -21.19 -19.12
CA PRO A 62 6.54 -22.39 -18.51
C PRO A 62 5.57 -23.14 -17.61
N VAL A 63 5.56 -24.47 -17.66
CA VAL A 63 4.57 -25.22 -16.89
C VAL A 63 4.74 -25.03 -15.36
N ASP A 64 5.98 -24.94 -14.87
CA ASP A 64 6.22 -24.79 -13.44
C ASP A 64 5.75 -23.40 -12.99
N THR A 65 6.00 -22.39 -13.82
CA THR A 65 5.50 -21.03 -13.58
C THR A 65 3.97 -21.01 -13.49
N LEU A 66 3.27 -21.68 -14.40
CA LEU A 66 1.80 -21.74 -14.35
C LEU A 66 1.31 -22.42 -13.07
N ILE A 67 1.87 -23.57 -12.72
CA ILE A 67 1.41 -24.25 -11.51
C ILE A 67 1.72 -23.40 -10.26
N THR A 68 2.89 -22.76 -10.22
CA THR A 68 3.25 -21.93 -9.08
C THR A 68 2.30 -20.74 -8.96
N TYR A 69 2.06 -20.04 -10.07
CA TYR A 69 1.11 -18.93 -10.04
C TYR A 69 -0.28 -19.40 -9.64
N LEU A 70 -0.76 -20.49 -10.23
CA LEU A 70 -2.10 -20.99 -9.91
C LEU A 70 -2.24 -21.36 -8.43
N MET A 71 -1.26 -22.06 -7.87
CA MET A 71 -1.30 -22.40 -6.44
C MET A 71 -1.32 -21.16 -5.56
N THR A 72 -0.47 -20.18 -5.91
CA THR A 72 -0.42 -18.88 -5.25
C THR A 72 -1.78 -18.13 -5.27
N LEU A 73 -2.40 -18.04 -6.45
CA LEU A 73 -3.74 -17.43 -6.62
C LEU A 73 -4.79 -18.14 -5.73
N GLU A 74 -4.81 -19.47 -5.82
CA GLU A 74 -5.74 -20.27 -5.04
C GLU A 74 -5.55 -20.06 -3.53
N ASP A 75 -4.28 -19.96 -3.10
CA ASP A 75 -3.92 -19.71 -1.71
C ASP A 75 -4.46 -18.38 -1.18
N HIS A 76 -4.72 -17.44 -2.08
CA HIS A 76 -5.25 -16.12 -1.70
C HIS A 76 -6.77 -16.01 -1.74
N TYR A 77 -7.46 -17.11 -2.07
CA TYR A 77 -8.87 -17.27 -1.74
C TYR A 77 -8.97 -17.81 -0.32
N HIS A 78 -9.96 -17.33 0.42
CA HIS A 78 -10.02 -17.58 1.87
C HIS A 78 -10.78 -18.89 2.10
N ALA A 79 -10.16 -19.84 2.79
CA ALA A 79 -10.77 -21.16 3.04
C ALA A 79 -11.96 -21.06 4.02
N ASP A 80 -11.96 -20.02 4.84
CA ASP A 80 -13.02 -19.79 5.82
C ASP A 80 -14.28 -19.15 5.22
N VAL A 81 -14.22 -18.68 3.97
CA VAL A 81 -15.36 -18.00 3.33
C VAL A 81 -16.21 -19.05 2.60
N ALA A 82 -17.49 -19.17 2.94
CA ALA A 82 -18.32 -20.29 2.46
C ALA A 82 -18.62 -20.29 0.97
N TYR A 83 -18.84 -19.12 0.37
CA TYR A 83 -19.16 -19.05 -1.04
C TYR A 83 -18.01 -18.51 -1.89
N HIS A 84 -17.53 -17.30 -1.57
CA HIS A 84 -16.50 -16.65 -2.41
C HIS A 84 -15.10 -17.18 -2.11
N ASN A 85 -14.88 -18.43 -2.49
CA ASN A 85 -13.66 -19.14 -2.19
C ASN A 85 -13.14 -19.75 -3.49
N ASN A 86 -12.12 -20.57 -3.38
CA ASN A 86 -11.47 -21.17 -4.55
C ASN A 86 -12.40 -22.10 -5.35
N ILE A 87 -13.40 -22.69 -4.68
CA ILE A 87 -14.31 -23.61 -5.40
C ILE A 87 -15.19 -22.79 -6.33
N HIS A 88 -15.68 -21.65 -5.84
CA HIS A 88 -16.43 -20.75 -6.69
C HIS A 88 -15.61 -20.26 -7.87
N ALA A 89 -14.37 -19.84 -7.61
CA ALA A 89 -13.46 -19.42 -8.69
C ALA A 89 -13.31 -20.51 -9.76
N ALA A 90 -13.05 -21.75 -9.33
CA ALA A 90 -12.91 -22.90 -10.25
C ALA A 90 -14.20 -23.13 -11.08
N ASP A 91 -15.35 -22.97 -10.45
CA ASP A 91 -16.64 -23.12 -11.09
C ASP A 91 -16.88 -22.05 -12.15
N VAL A 92 -16.53 -20.80 -11.84
CA VAL A 92 -16.70 -19.72 -12.79
C VAL A 92 -15.75 -19.88 -13.98
N VAL A 93 -14.51 -20.29 -13.72
CA VAL A 93 -13.55 -20.63 -14.77
C VAL A 93 -14.13 -21.71 -15.70
N GLN A 94 -14.60 -22.79 -15.11
CA GLN A 94 -15.05 -23.94 -15.90
C GLN A 94 -16.30 -23.59 -16.69
N SER A 95 -17.19 -22.81 -16.09
CA SER A 95 -18.43 -22.40 -16.75
C SER A 95 -18.14 -21.45 -17.93
N THR A 96 -17.24 -20.50 -17.73
CA THR A 96 -16.72 -19.65 -18.82
C THR A 96 -16.11 -20.49 -19.95
N HIS A 97 -15.34 -21.51 -19.58
CA HIS A 97 -14.71 -22.44 -20.53
C HIS A 97 -15.76 -23.12 -21.42
N VAL A 98 -16.83 -23.59 -20.82
CA VAL A 98 -17.95 -24.15 -21.58
C VAL A 98 -18.63 -23.12 -22.49
N LEU A 99 -18.95 -21.94 -21.96
CA LEU A 99 -19.60 -20.90 -22.77
C LEU A 99 -18.74 -20.46 -23.97
N LEU A 100 -17.42 -20.43 -23.79
CA LEU A 100 -16.52 -20.02 -24.87
C LEU A 100 -16.61 -20.96 -26.08
N SER A 101 -16.97 -22.21 -25.82
CA SER A 101 -17.01 -23.26 -26.83
C SER A 101 -18.39 -23.50 -27.46
N THR A 102 -19.34 -22.61 -27.22
CA THR A 102 -20.67 -22.69 -27.81
C THR A 102 -20.61 -22.53 -29.33
N PRO A 103 -21.35 -23.38 -30.09
CA PRO A 103 -21.36 -23.31 -31.55
C PRO A 103 -21.47 -21.90 -32.12
N ALA A 104 -22.36 -21.10 -31.57
CA ALA A 104 -22.62 -19.75 -32.07
C ALA A 104 -21.41 -18.82 -32.01
N LEU A 105 -20.38 -19.23 -31.25
CA LEU A 105 -19.19 -18.42 -31.03
C LEU A 105 -17.92 -19.05 -31.63
N GLU A 106 -18.08 -20.11 -32.42
CA GLU A 106 -16.94 -20.79 -33.03
C GLU A 106 -16.10 -19.85 -33.91
N ALA A 107 -14.79 -19.82 -33.64
CA ALA A 107 -13.84 -18.99 -34.40
C ALA A 107 -14.01 -17.49 -34.22
N VAL A 108 -14.86 -17.07 -33.28
CA VAL A 108 -15.07 -15.63 -33.04
C VAL A 108 -13.87 -15.02 -32.30
N PHE A 109 -13.41 -15.65 -31.23
CA PHE A 109 -12.42 -15.04 -30.33
C PHE A 109 -11.00 -15.52 -30.58
N THR A 110 -10.05 -14.60 -30.43
CA THR A 110 -8.64 -14.92 -30.54
C THR A 110 -8.17 -15.63 -29.28
N ASP A 111 -7.01 -16.24 -29.38
CA ASP A 111 -6.41 -16.93 -28.25
C ASP A 111 -6.17 -15.96 -27.08
N LEU A 112 -5.79 -14.72 -27.38
CA LEU A 112 -5.56 -13.72 -26.33
C LEU A 112 -6.86 -13.35 -25.61
N GLU A 113 -7.94 -13.23 -26.38
CA GLU A 113 -9.28 -12.95 -25.84
C GLU A 113 -9.78 -14.12 -24.98
N ILE A 114 -9.55 -15.34 -25.43
CA ILE A 114 -9.82 -16.56 -24.65
C ILE A 114 -9.00 -16.59 -23.35
N LEU A 115 -7.70 -16.30 -23.45
CA LEU A 115 -6.83 -16.19 -22.28
C LEU A 115 -7.39 -15.16 -21.29
N ALA A 116 -7.79 -14.00 -21.79
CA ALA A 116 -8.38 -12.93 -20.97
C ALA A 116 -9.61 -13.38 -20.19
N ALA A 117 -10.58 -13.98 -20.88
CA ALA A 117 -11.81 -14.45 -20.26
C ALA A 117 -11.55 -15.48 -19.14
N ILE A 118 -10.69 -16.45 -19.41
CA ILE A 118 -10.36 -17.51 -18.44
C ILE A 118 -9.57 -16.97 -17.25
N PHE A 119 -8.54 -16.16 -17.51
CA PHE A 119 -7.75 -15.54 -16.41
C PHE A 119 -8.61 -14.63 -15.53
N ALA A 120 -9.43 -13.78 -16.15
CA ALA A 120 -10.39 -12.94 -15.43
C ALA A 120 -11.31 -13.75 -14.52
N SER A 121 -11.84 -14.85 -15.05
CA SER A 121 -12.67 -15.76 -14.27
C SER A 121 -11.93 -16.32 -13.05
N ALA A 122 -10.67 -16.71 -13.24
CA ALA A 122 -9.88 -17.32 -12.16
C ALA A 122 -9.64 -16.34 -11.01
N ILE A 123 -9.37 -15.09 -11.35
CA ILE A 123 -9.00 -14.06 -10.37
C ILE A 123 -10.18 -13.20 -9.86
N HIS A 124 -11.38 -13.41 -10.37
CA HIS A 124 -12.43 -12.38 -10.23
C HIS A 124 -12.94 -12.11 -8.79
N ASP A 125 -12.69 -13.03 -7.86
CA ASP A 125 -13.09 -12.88 -6.44
C ASP A 125 -11.93 -13.13 -5.46
N VAL A 126 -10.70 -13.11 -5.96
CA VAL A 126 -9.55 -13.44 -5.11
C VAL A 126 -9.41 -12.45 -3.92
N ASP A 127 -9.11 -13.03 -2.76
CA ASP A 127 -8.96 -12.30 -1.49
C ASP A 127 -10.28 -11.68 -1.00
N HIS A 128 -11.41 -12.26 -1.42
CA HIS A 128 -12.74 -11.82 -0.95
C HIS A 128 -12.83 -12.09 0.56
N PRO A 129 -13.18 -11.07 1.35
CA PRO A 129 -13.33 -11.26 2.80
C PRO A 129 -14.65 -11.90 3.26
N GLY A 130 -15.56 -12.16 2.34
CA GLY A 130 -16.87 -12.69 2.67
C GLY A 130 -17.90 -11.67 3.16
N VAL A 131 -17.62 -10.38 2.95
CA VAL A 131 -18.57 -9.32 3.23
C VAL A 131 -18.69 -8.41 2.01
N SER A 132 -19.79 -7.66 1.95
CA SER A 132 -20.12 -6.84 0.79
C SER A 132 -19.33 -5.55 0.76
N ASN A 133 -19.35 -4.91 -0.41
CA ASN A 133 -18.78 -3.58 -0.58
C ASN A 133 -19.34 -2.59 0.44
N GLN A 134 -20.64 -2.66 0.67
CA GLN A 134 -21.28 -1.71 1.58
C GLN A 134 -20.82 -1.88 3.01
N PHE A 135 -20.61 -3.13 3.44
CA PHE A 135 -20.04 -3.40 4.77
C PHE A 135 -18.66 -2.77 4.92
N LEU A 136 -17.82 -2.91 3.90
CA LEU A 136 -16.49 -2.33 3.91
C LEU A 136 -16.51 -0.80 3.90
N ILE A 137 -17.46 -0.23 3.18
CA ILE A 137 -17.67 1.22 3.14
C ILE A 137 -18.13 1.74 4.52
N ASN A 138 -19.15 1.10 5.09
CA ASN A 138 -19.75 1.57 6.35
C ASN A 138 -18.83 1.51 7.57
N THR A 139 -17.85 0.62 7.53
CA THR A 139 -16.90 0.48 8.60
C THR A 139 -15.64 1.33 8.39
N ASN A 140 -15.60 2.10 7.30
CA ASN A 140 -14.44 2.91 6.95
C ASN A 140 -13.17 2.09 6.82
N SER A 141 -13.30 0.93 6.19
CA SER A 141 -12.18 0.00 5.96
C SER A 141 -11.11 0.67 5.12
N GLU A 142 -9.86 0.27 5.32
CA GLU A 142 -8.74 0.75 4.52
C GLU A 142 -8.98 0.47 3.02
N LEU A 143 -9.53 -0.70 2.70
CA LEU A 143 -9.83 -1.03 1.30
C LEU A 143 -10.78 -0.02 0.66
N ALA A 144 -11.85 0.31 1.39
CA ALA A 144 -12.81 1.31 0.92
C ALA A 144 -12.18 2.69 0.77
N LEU A 145 -11.28 3.05 1.68
CA LEU A 145 -10.54 4.32 1.60
C LEU A 145 -9.65 4.37 0.35
N MET A 146 -8.94 3.28 0.07
CA MET A 146 -8.07 3.20 -1.11
C MET A 146 -8.84 3.36 -2.42
N TYR A 147 -9.99 2.70 -2.48
CA TYR A 147 -10.77 2.62 -3.71
C TYR A 147 -11.97 3.58 -3.77
N ASN A 148 -12.02 4.54 -2.86
CA ASN A 148 -13.04 5.60 -2.92
C ASN A 148 -14.44 5.02 -3.03
N ASP A 149 -14.70 3.96 -2.27
CA ASP A 149 -16.04 3.37 -2.10
C ASP A 149 -16.64 2.90 -3.42
N SER A 150 -15.81 2.79 -4.47
CA SER A 150 -16.29 2.51 -5.83
C SER A 150 -15.74 1.15 -6.27
N SER A 151 -16.64 0.21 -6.51
CA SER A 151 -16.26 -1.18 -6.87
C SER A 151 -15.06 -1.63 -6.03
N VAL A 152 -15.18 -1.46 -4.71
CA VAL A 152 -14.04 -1.68 -3.79
C VAL A 152 -13.46 -3.08 -3.97
N LEU A 153 -14.31 -4.08 -3.81
CA LEU A 153 -13.89 -5.50 -3.88
C LEU A 153 -13.36 -5.86 -5.27
N GLU A 154 -14.08 -5.45 -6.31
CA GLU A 154 -13.76 -5.79 -7.69
C GLU A 154 -12.41 -5.19 -8.12
N ASN A 155 -12.17 -3.94 -7.74
CA ASN A 155 -10.85 -3.34 -7.90
C ASN A 155 -9.76 -4.12 -7.16
N HIS A 156 -10.07 -4.56 -5.94
CA HIS A 156 -9.11 -5.31 -5.12
C HIS A 156 -8.78 -6.68 -5.72
N HIS A 157 -9.81 -7.40 -6.19
CA HIS A 157 -9.62 -8.73 -6.82
C HIS A 157 -8.64 -8.62 -8.01
N LEU A 158 -8.84 -7.61 -8.86
CA LEU A 158 -7.89 -7.32 -9.96
C LEU A 158 -6.46 -7.03 -9.46
N ALA A 159 -6.33 -6.09 -8.53
CA ALA A 159 -5.01 -5.68 -8.02
C ALA A 159 -4.22 -6.87 -7.45
N VAL A 160 -4.91 -7.70 -6.68
CA VAL A 160 -4.32 -8.92 -6.12
C VAL A 160 -3.97 -9.93 -7.23
N GLY A 161 -4.89 -10.19 -8.16
CA GLY A 161 -4.62 -11.14 -9.25
C GLY A 161 -3.38 -10.78 -10.05
N PHE A 162 -3.23 -9.50 -10.35
CA PHE A 162 -2.05 -9.02 -11.06
C PHE A 162 -0.77 -8.95 -10.18
N LYS A 163 -0.92 -8.47 -8.94
CA LYS A 163 0.21 -8.38 -8.01
C LYS A 163 0.92 -9.73 -7.79
N LEU A 164 0.14 -10.79 -7.73
CA LEU A 164 0.70 -12.12 -7.42
C LEU A 164 1.62 -12.65 -8.51
N LEU A 165 1.49 -12.12 -9.73
CA LEU A 165 2.40 -12.38 -10.85
C LEU A 165 3.86 -12.06 -10.51
N GLN A 166 4.07 -11.19 -9.53
CA GLN A 166 5.38 -10.72 -9.12
C GLN A 166 6.05 -11.60 -8.06
N GLU A 167 5.33 -12.61 -7.54
CA GLU A 167 5.93 -13.54 -6.59
C GLU A 167 6.90 -14.48 -7.33
N GLU A 168 7.69 -15.22 -6.56
CA GLU A 168 8.76 -16.04 -7.16
C GLU A 168 8.23 -17.05 -8.16
N ASN A 169 8.75 -16.98 -9.38
CA ASN A 169 8.36 -17.86 -10.49
C ASN A 169 6.84 -17.89 -10.72
N CYS A 170 6.19 -16.73 -10.64
CA CYS A 170 4.74 -16.61 -10.87
C CYS A 170 4.33 -15.83 -12.13
N ASP A 171 5.28 -15.24 -12.88
CA ASP A 171 4.85 -14.40 -14.01
C ASP A 171 4.55 -15.22 -15.24
N ILE A 172 3.31 -15.69 -15.29
CA ILE A 172 2.87 -16.53 -16.40
C ILE A 172 2.80 -15.76 -17.75
N PHE A 173 2.87 -14.42 -17.69
CA PHE A 173 2.87 -13.60 -18.91
C PHE A 173 4.26 -13.08 -19.30
N GLN A 174 5.29 -13.71 -18.74
CA GLN A 174 6.66 -13.22 -18.93
C GLN A 174 7.08 -13.18 -20.40
N ASN A 175 6.53 -14.07 -21.23
CA ASN A 175 6.92 -14.13 -22.67
C ASN A 175 5.97 -13.41 -23.63
N LEU A 176 4.93 -12.78 -23.10
CA LEU A 176 4.02 -12.00 -23.95
C LEU A 176 4.69 -10.69 -24.30
N THR A 177 4.44 -10.17 -25.50
CA THR A 177 4.95 -8.84 -25.86
C THR A 177 4.21 -7.77 -25.05
N LYS A 178 4.75 -6.56 -25.00
CA LYS A 178 4.06 -5.43 -24.36
C LYS A 178 2.69 -5.19 -24.98
N LYS A 179 2.60 -5.23 -26.31
CA LYS A 179 1.29 -5.14 -27.00
C LYS A 179 0.30 -6.19 -26.48
N GLN A 180 0.73 -7.45 -26.43
CA GLN A 180 -0.13 -8.52 -25.95
C GLN A 180 -0.55 -8.27 -24.50
N ARG A 181 0.42 -7.86 -23.66
CA ARG A 181 0.15 -7.59 -22.22
C ARG A 181 -0.80 -6.43 -21.99
N GLN A 182 -0.62 -5.35 -22.75
CA GLN A 182 -1.51 -4.21 -22.64
C GLN A 182 -2.95 -4.59 -23.04
N SER A 183 -3.09 -5.34 -24.12
CA SER A 183 -4.42 -5.78 -24.57
C SER A 183 -5.06 -6.73 -23.57
N LEU A 184 -4.31 -7.73 -23.13
CA LEU A 184 -4.77 -8.69 -22.13
C LEU A 184 -5.25 -8.01 -20.86
N ARG A 185 -4.41 -7.09 -20.36
CA ARG A 185 -4.69 -6.36 -19.13
C ARG A 185 -6.00 -5.57 -19.23
N LYS A 186 -6.18 -4.84 -20.33
CA LYS A 186 -7.39 -4.06 -20.51
C LYS A 186 -8.64 -4.93 -20.52
N MET A 187 -8.58 -6.03 -21.26
CA MET A 187 -9.70 -6.97 -21.33
C MET A 187 -10.03 -7.55 -19.96
N VAL A 188 -9.00 -7.95 -19.22
CA VAL A 188 -9.20 -8.59 -17.90
C VAL A 188 -9.86 -7.59 -16.95
N ILE A 189 -9.36 -6.36 -16.96
CA ILE A 189 -9.92 -5.29 -16.11
C ILE A 189 -11.40 -5.01 -16.47
N ASP A 190 -11.67 -4.88 -17.76
CA ASP A 190 -13.02 -4.61 -18.25
C ASP A 190 -14.02 -5.72 -17.83
N ILE A 191 -13.56 -6.96 -17.86
CA ILE A 191 -14.38 -8.10 -17.49
C ILE A 191 -14.62 -8.14 -15.96
N VAL A 192 -13.57 -8.06 -15.14
CA VAL A 192 -13.76 -8.16 -13.68
C VAL A 192 -14.54 -6.98 -13.09
N LEU A 193 -14.28 -5.76 -13.54
CA LEU A 193 -15.04 -4.61 -13.04
C LEU A 193 -16.55 -4.73 -13.38
N ALA A 194 -16.85 -5.45 -14.45
CA ALA A 194 -18.25 -5.70 -14.85
C ALA A 194 -18.98 -6.76 -13.98
N THR A 195 -18.24 -7.49 -13.14
CA THR A 195 -18.86 -8.45 -12.21
C THR A 195 -19.46 -7.78 -10.97
N ASP A 196 -19.25 -6.48 -10.76
CA ASP A 196 -19.91 -5.76 -9.66
C ASP A 196 -21.40 -5.78 -9.97
N MET A 197 -22.23 -6.29 -9.05
CA MET A 197 -23.67 -6.46 -9.32
C MET A 197 -24.40 -5.13 -9.49
N SER A 198 -23.78 -4.04 -9.02
CA SER A 198 -24.32 -2.71 -9.30
C SER A 198 -24.26 -2.34 -10.81
N LYS A 199 -23.50 -3.09 -11.60
CA LYS A 199 -23.40 -2.85 -13.03
C LYS A 199 -24.34 -3.75 -13.87
N HIS A 200 -25.10 -4.63 -13.21
CA HIS A 200 -25.86 -5.69 -13.88
C HIS A 200 -26.89 -5.17 -14.90
N MET A 201 -27.71 -4.21 -14.46
CA MET A 201 -28.83 -3.74 -15.29
C MET A 201 -28.33 -3.05 -16.56
N ASN A 202 -27.32 -2.18 -16.42
CA ASN A 202 -26.69 -1.57 -17.59
C ASN A 202 -26.07 -2.60 -18.53
N LEU A 203 -25.36 -3.57 -17.96
CA LEU A 203 -24.76 -4.66 -18.72
C LEU A 203 -25.83 -5.44 -19.51
N LEU A 204 -26.92 -5.76 -18.84
CA LEU A 204 -28.02 -6.47 -19.48
C LEU A 204 -28.67 -5.62 -20.58
N ALA A 205 -28.88 -4.33 -20.29
CA ALA A 205 -29.41 -3.37 -21.28
C ALA A 205 -28.64 -3.44 -22.58
N ASP A 206 -27.31 -3.34 -22.50
CA ASP A 206 -26.47 -3.37 -23.71
C ASP A 206 -26.45 -4.73 -24.40
N LEU A 207 -26.54 -5.83 -23.63
CA LEU A 207 -26.64 -7.17 -24.23
C LEU A 207 -27.92 -7.30 -25.07
N LYS A 208 -29.02 -6.77 -24.54
CA LYS A 208 -30.30 -6.77 -25.26
C LYS A 208 -30.20 -6.02 -26.59
N THR A 209 -29.63 -4.81 -26.53
CA THR A 209 -29.39 -4.00 -27.74
C THR A 209 -28.54 -4.74 -28.78
N MET A 210 -27.54 -5.47 -28.31
CA MET A 210 -26.71 -6.29 -29.18
C MET A 210 -27.53 -7.40 -29.83
N VAL A 211 -28.36 -8.08 -29.04
CA VAL A 211 -29.23 -9.13 -29.59
C VAL A 211 -30.17 -8.51 -30.63
N GLU A 212 -30.69 -7.31 -30.35
CA GLU A 212 -31.58 -6.59 -31.28
C GLU A 212 -30.92 -6.36 -32.66
N THR A 213 -29.62 -6.04 -32.65
CA THR A 213 -28.85 -5.79 -33.86
C THR A 213 -28.01 -6.99 -34.30
N LYS A 214 -28.25 -8.14 -33.64
CA LYS A 214 -27.51 -9.38 -33.86
C LYS A 214 -27.24 -9.63 -35.33
N LYS A 215 -25.97 -9.85 -35.66
CA LYS A 215 -25.58 -10.18 -37.02
C LYS A 215 -24.82 -11.50 -37.02
N VAL A 216 -24.99 -12.28 -38.08
CA VAL A 216 -24.36 -13.61 -38.16
C VAL A 216 -23.89 -13.91 -39.59
N THR A 217 -22.81 -14.68 -39.68
CA THR A 217 -22.22 -15.08 -40.95
C THR A 217 -22.84 -16.39 -41.43
N SER A 218 -23.47 -16.40 -42.61
CA SER A 218 -24.09 -17.61 -43.20
C SER A 218 -23.38 -18.90 -42.78
N SER A 219 -24.17 -19.83 -42.22
CA SER A 219 -23.64 -20.90 -41.37
C SER A 219 -23.29 -20.18 -40.06
N GLY A 220 -24.36 -19.82 -39.35
CA GLY A 220 -24.44 -18.61 -38.52
C GLY A 220 -23.75 -18.50 -37.19
N VAL A 221 -22.44 -18.30 -37.21
CA VAL A 221 -21.71 -17.86 -36.03
C VAL A 221 -21.88 -16.34 -35.88
N LEU A 222 -21.80 -15.86 -34.64
CA LEU A 222 -21.94 -14.42 -34.35
C LEU A 222 -20.85 -13.59 -35.06
N LEU A 223 -21.21 -12.37 -35.44
CA LEU A 223 -20.30 -11.42 -36.06
C LEU A 223 -20.02 -10.27 -35.09
N LEU A 224 -18.76 -10.08 -34.72
CA LEU A 224 -18.37 -8.99 -33.82
C LEU A 224 -17.19 -8.22 -34.42
N ASP A 225 -17.41 -6.96 -34.80
CA ASP A 225 -16.48 -6.20 -35.66
C ASP A 225 -15.53 -5.27 -34.90
N ASN A 226 -15.89 -4.89 -33.69
CA ASN A 226 -15.11 -3.91 -32.92
C ASN A 226 -14.93 -4.34 -31.46
N TYR A 227 -13.95 -3.72 -30.79
CA TYR A 227 -13.63 -4.06 -29.41
C TYR A 227 -14.84 -3.96 -28.50
N SER A 228 -15.62 -2.89 -28.67
CA SER A 228 -16.80 -2.64 -27.83
C SER A 228 -17.77 -3.83 -27.82
N ASP A 229 -18.03 -4.40 -28.99
CA ASP A 229 -18.93 -5.56 -29.11
C ASP A 229 -18.31 -6.83 -28.54
N ARG A 230 -17.03 -7.02 -28.84
CA ARG A 230 -16.31 -8.20 -28.39
C ARG A 230 -16.22 -8.23 -26.88
N ILE A 231 -15.82 -7.10 -26.29
CA ILE A 231 -15.62 -7.06 -24.83
C ILE A 231 -16.97 -7.15 -24.11
N GLN A 232 -18.00 -6.55 -24.72
CA GLN A 232 -19.35 -6.63 -24.19
C GLN A 232 -19.83 -8.08 -24.08
N VAL A 233 -19.56 -8.90 -25.10
CA VAL A 233 -19.92 -10.32 -25.08
C VAL A 233 -19.09 -11.08 -24.03
N LEU A 234 -17.79 -10.75 -23.94
CA LEU A 234 -16.94 -11.38 -22.94
C LEU A 234 -17.34 -11.01 -21.51
N GLN A 235 -17.68 -9.74 -21.28
CA GLN A 235 -18.15 -9.28 -19.97
C GLN A 235 -19.44 -10.02 -19.57
N ASN A 236 -20.41 -10.07 -20.48
CA ASN A 236 -21.65 -10.75 -20.19
C ASN A 236 -21.48 -12.26 -20.03
N MET A 237 -20.55 -12.85 -20.78
CA MET A 237 -20.24 -14.29 -20.64
C MET A 237 -19.77 -14.66 -19.24
N VAL A 238 -18.78 -13.90 -18.72
CA VAL A 238 -18.25 -14.17 -17.36
C VAL A 238 -19.31 -13.82 -16.29
N HIS A 239 -20.09 -12.77 -16.53
CA HIS A 239 -21.17 -12.39 -15.62
C HIS A 239 -22.23 -13.52 -15.56
N CYS A 240 -22.54 -14.11 -16.72
CA CYS A 240 -23.42 -15.30 -16.80
C CYS A 240 -22.82 -16.50 -16.04
N ALA A 241 -21.52 -16.72 -16.18
CA ALA A 241 -20.81 -17.75 -15.43
C ALA A 241 -20.89 -17.51 -13.91
N ASP A 242 -20.67 -16.26 -13.50
CA ASP A 242 -20.75 -15.84 -12.11
C ASP A 242 -22.16 -16.08 -11.52
N LEU A 243 -23.18 -15.90 -12.36
CA LEU A 243 -24.59 -16.09 -12.00
C LEU A 243 -25.15 -17.38 -12.61
N SER A 244 -24.31 -18.41 -12.70
CA SER A 244 -24.72 -19.68 -13.33
C SER A 244 -25.24 -20.76 -12.35
N ASN A 245 -25.10 -20.56 -11.03
CA ASN A 245 -25.48 -21.61 -10.06
C ASN A 245 -26.93 -22.17 -10.27
N PRO A 246 -27.94 -21.29 -10.46
CA PRO A 246 -29.33 -21.77 -10.68
C PRO A 246 -29.60 -22.51 -11.99
N THR A 247 -28.64 -22.44 -12.92
CA THR A 247 -28.72 -23.15 -14.21
C THR A 247 -28.06 -24.53 -14.18
N LYS A 248 -27.44 -24.88 -13.06
CA LYS A 248 -26.78 -26.19 -12.90
C LYS A 248 -27.82 -27.19 -12.35
N PRO A 249 -27.52 -28.50 -12.46
CA PRO A 249 -28.35 -29.50 -11.78
C PRO A 249 -28.61 -29.18 -10.32
N LEU A 250 -29.85 -29.41 -9.90
CA LEU A 250 -30.30 -29.05 -8.56
C LEU A 250 -29.37 -29.45 -7.43
N GLN A 251 -28.78 -30.65 -7.51
CA GLN A 251 -27.80 -31.10 -6.50
C GLN A 251 -26.62 -30.12 -6.32
N LEU A 252 -26.15 -29.56 -7.42
CA LEU A 252 -25.08 -28.55 -7.38
C LEU A 252 -25.61 -27.19 -6.90
N TYR A 253 -26.75 -26.79 -7.45
CA TYR A 253 -27.39 -25.49 -7.16
C TYR A 253 -27.68 -25.33 -5.67
N ARG A 254 -28.24 -26.37 -5.06
CA ARG A 254 -28.54 -26.37 -3.62
C ARG A 254 -27.30 -26.24 -2.74
N GLN A 255 -26.19 -26.86 -3.15
CA GLN A 255 -24.91 -26.69 -2.45
C GLN A 255 -24.45 -25.22 -2.48
N TRP A 256 -24.58 -24.57 -3.63
CA TRP A 256 -24.21 -23.15 -3.77
C TRP A 256 -25.12 -22.23 -2.93
N THR A 257 -26.43 -22.49 -2.98
CA THR A 257 -27.39 -21.75 -2.14
C THR A 257 -27.08 -21.83 -0.65
N ASP A 258 -26.83 -23.04 -0.14
CA ASP A 258 -26.42 -23.23 1.26
C ASP A 258 -25.17 -22.42 1.62
N ARG A 259 -24.21 -22.42 0.72
CA ARG A 259 -22.95 -21.68 0.91
C ARG A 259 -23.16 -20.17 0.93
N ILE A 260 -23.89 -19.63 -0.04
CA ILE A 260 -24.09 -18.17 -0.10
C ILE A 260 -24.94 -17.71 1.07
N MET A 261 -25.94 -18.51 1.47
CA MET A 261 -26.73 -18.19 2.67
C MET A 261 -25.89 -18.23 3.94
N GLU A 262 -24.99 -19.20 4.05
CA GLU A 262 -24.01 -19.23 5.15
C GLU A 262 -23.17 -17.95 5.22
N GLU A 263 -22.61 -17.54 4.09
CA GLU A 263 -21.80 -16.31 4.01
C GLU A 263 -22.61 -15.04 4.35
N PHE A 264 -23.80 -14.93 3.77
CA PHE A 264 -24.72 -13.80 4.00
C PHE A 264 -25.15 -13.68 5.47
N PHE A 265 -25.54 -14.81 6.05
CA PHE A 265 -26.01 -14.85 7.45
C PHE A 265 -24.88 -14.47 8.40
N ARG A 266 -23.66 -14.90 8.06
CA ARG A 266 -22.48 -14.52 8.82
C ARG A 266 -22.27 -13.00 8.81
N GLN A 267 -22.41 -12.39 7.63
CA GLN A 267 -22.33 -10.92 7.54
C GLN A 267 -23.44 -10.28 8.38
N GLY A 268 -24.66 -10.82 8.30
CA GLY A 268 -25.77 -10.31 9.11
C GLY A 268 -25.50 -10.39 10.60
N ASP A 269 -24.90 -11.47 11.02
CA ASP A 269 -24.51 -11.66 12.43
C ASP A 269 -23.50 -10.59 12.86
N ARG A 270 -22.56 -10.26 11.97
CA ARG A 270 -21.56 -9.23 12.25
C ARG A 270 -22.19 -7.83 12.27
N GLU A 271 -23.08 -7.56 11.32
CA GLU A 271 -23.85 -6.32 11.31
C GLU A 271 -24.67 -6.18 12.61
N ARG A 272 -25.39 -7.23 12.97
CA ARG A 272 -26.21 -7.20 14.20
C ARG A 272 -25.37 -6.89 15.44
N GLU A 273 -24.29 -7.65 15.63
CA GLU A 273 -23.44 -7.48 16.81
C GLU A 273 -22.78 -6.09 16.84
N ARG A 274 -22.64 -5.46 15.67
CA ARG A 274 -22.06 -4.10 15.55
C ARG A 274 -23.09 -2.98 15.68
N GLY A 275 -24.37 -3.31 15.75
CA GLY A 275 -25.43 -2.31 15.77
C GLY A 275 -25.76 -1.69 14.42
N MET A 276 -25.30 -2.32 13.34
CA MET A 276 -25.59 -1.84 12.00
C MET A 276 -26.92 -2.43 11.52
N GLU A 277 -27.51 -1.79 10.53
CA GLU A 277 -28.71 -2.35 9.91
C GLU A 277 -28.26 -3.57 9.15
N ILE A 278 -29.05 -4.64 9.25
CA ILE A 278 -28.73 -5.91 8.59
C ILE A 278 -29.05 -5.83 7.10
N SER A 279 -28.05 -6.16 6.26
CA SER A 279 -28.19 -6.06 4.81
C SER A 279 -29.27 -7.00 4.28
N PRO A 280 -29.83 -6.68 3.09
CA PRO A 280 -30.83 -7.56 2.49
C PRO A 280 -30.32 -9.00 2.36
N MET A 281 -31.16 -9.95 2.76
CA MET A 281 -30.90 -11.39 2.64
C MET A 281 -29.94 -11.94 3.71
N CYS A 282 -29.44 -11.08 4.61
CA CYS A 282 -28.45 -11.48 5.62
C CYS A 282 -28.99 -11.79 7.03
N ASP A 283 -30.31 -11.73 7.20
CA ASP A 283 -30.91 -11.96 8.52
C ASP A 283 -31.39 -13.39 8.69
N LYS A 284 -30.66 -14.17 9.48
CA LYS A 284 -30.97 -15.57 9.68
C LYS A 284 -32.29 -15.77 10.44
N HIS A 285 -32.72 -14.73 11.16
CA HIS A 285 -33.98 -14.75 11.92
C HIS A 285 -35.20 -14.28 11.13
N ASN A 286 -34.97 -13.77 9.91
CA ASN A 286 -36.02 -13.25 9.07
C ASN A 286 -35.72 -13.55 7.60
N ALA A 287 -35.53 -14.82 7.29
CA ALA A 287 -35.20 -15.24 5.93
C ALA A 287 -36.33 -15.98 5.23
N SER A 288 -36.43 -15.82 3.91
CA SER A 288 -37.35 -16.63 3.09
C SER A 288 -36.58 -17.21 1.90
N VAL A 289 -35.80 -18.26 2.18
CA VAL A 289 -34.82 -18.79 1.22
C VAL A 289 -35.48 -19.17 -0.10
N GLU A 290 -36.57 -19.93 -0.03
CA GLU A 290 -37.30 -20.35 -1.23
C GLU A 290 -37.87 -19.17 -2.02
N LYS A 291 -38.61 -18.30 -1.33
CA LYS A 291 -39.13 -17.06 -1.95
C LYS A 291 -38.03 -16.23 -2.61
N SER A 292 -36.90 -16.11 -1.90
CA SER A 292 -35.78 -15.32 -2.38
C SER A 292 -35.13 -15.90 -3.63
N GLN A 293 -35.02 -17.23 -3.73
CA GLN A 293 -34.47 -17.87 -4.93
C GLN A 293 -35.38 -17.67 -6.13
N VAL A 294 -36.70 -17.79 -5.93
CA VAL A 294 -37.64 -17.55 -7.04
C VAL A 294 -37.50 -16.12 -7.54
N GLY A 295 -37.39 -15.17 -6.61
CA GLY A 295 -37.20 -13.76 -6.95
C GLY A 295 -35.88 -13.49 -7.65
N PHE A 296 -34.82 -14.07 -7.13
CA PHE A 296 -33.49 -14.00 -7.74
C PHE A 296 -33.55 -14.44 -9.20
N ILE A 297 -34.18 -15.59 -9.43
CA ILE A 297 -34.30 -16.14 -10.78
C ILE A 297 -35.16 -15.26 -11.69
N ASP A 298 -36.34 -14.88 -11.21
CA ASP A 298 -37.29 -14.09 -12.01
C ASP A 298 -36.80 -12.68 -12.33
N TYR A 299 -36.08 -12.07 -11.41
CA TYR A 299 -35.69 -10.67 -11.58
C TYR A 299 -34.27 -10.47 -12.11
N ILE A 300 -33.39 -11.45 -11.90
CA ILE A 300 -31.97 -11.28 -12.25
C ILE A 300 -31.45 -12.37 -13.20
N VAL A 301 -31.59 -13.63 -12.79
CA VAL A 301 -30.92 -14.74 -13.50
C VAL A 301 -31.65 -15.14 -14.78
N HIS A 302 -32.97 -15.28 -14.74
CA HIS A 302 -33.68 -15.67 -15.97
C HIS A 302 -33.62 -14.57 -17.05
N PRO A 303 -33.85 -13.30 -16.68
CA PRO A 303 -33.67 -12.23 -17.68
C PRO A 303 -32.31 -12.21 -18.37
N LEU A 304 -31.24 -12.38 -17.58
CA LEU A 304 -29.89 -12.44 -18.12
C LEU A 304 -29.73 -13.63 -19.09
N TRP A 305 -30.04 -14.82 -18.61
CA TRP A 305 -29.82 -16.05 -19.39
C TRP A 305 -30.72 -16.21 -20.63
N GLU A 306 -31.97 -15.76 -20.51
CA GLU A 306 -32.88 -15.70 -21.66
C GLU A 306 -32.28 -14.80 -22.75
N THR A 307 -31.69 -13.67 -22.36
CA THR A 307 -31.03 -12.79 -23.33
C THR A 307 -29.77 -13.44 -23.93
N TRP A 308 -28.97 -14.11 -23.10
CA TRP A 308 -27.78 -14.83 -23.59
C TRP A 308 -28.19 -15.94 -24.58
N ALA A 309 -29.20 -16.72 -24.18
CA ALA A 309 -29.75 -17.79 -25.02
C ALA A 309 -30.21 -17.29 -26.39
N ASP A 310 -30.79 -16.09 -26.42
CA ASP A 310 -31.15 -15.43 -27.69
C ASP A 310 -29.92 -15.11 -28.53
N LEU A 311 -28.87 -14.59 -27.89
CA LEU A 311 -27.60 -14.27 -28.57
C LEU A 311 -27.00 -15.51 -29.25
N VAL A 312 -27.04 -16.65 -28.56
CA VAL A 312 -26.41 -17.88 -29.06
C VAL A 312 -27.43 -18.94 -29.49
N HIS A 313 -28.67 -18.51 -29.75
CA HIS A 313 -29.78 -19.43 -30.07
C HIS A 313 -29.38 -20.43 -31.16
N PRO A 314 -29.67 -21.72 -30.94
CA PRO A 314 -30.31 -22.43 -29.82
C PRO A 314 -29.34 -23.07 -28.81
N ASP A 315 -28.07 -22.66 -28.81
CA ASP A 315 -27.04 -23.35 -28.02
C ASP A 315 -27.37 -23.55 -26.54
N ALA A 316 -28.01 -22.55 -25.93
CA ALA A 316 -28.24 -22.51 -24.47
C ALA A 316 -29.63 -23.01 -24.04
N GLN A 317 -30.32 -23.76 -24.90
CA GLN A 317 -31.69 -24.15 -24.59
C GLN A 317 -31.78 -25.05 -23.36
N ASP A 318 -30.91 -26.04 -23.27
CA ASP A 318 -30.91 -26.97 -22.12
C ASP A 318 -30.57 -26.26 -20.80
N ILE A 319 -29.58 -25.36 -20.84
CA ILE A 319 -29.24 -24.54 -19.67
C ILE A 319 -30.47 -23.75 -19.21
N LEU A 320 -31.14 -23.09 -20.14
CA LEU A 320 -32.35 -22.34 -19.83
C LEU A 320 -33.48 -23.25 -19.31
N ASP A 321 -33.63 -24.45 -19.88
CA ASP A 321 -34.63 -25.42 -19.42
C ASP A 321 -34.35 -25.84 -17.98
N THR A 322 -33.09 -26.09 -17.66
CA THR A 322 -32.68 -26.46 -16.30
C THR A 322 -33.00 -25.36 -15.30
N LEU A 323 -32.68 -24.12 -15.67
CA LEU A 323 -33.00 -22.95 -14.85
C LEU A 323 -34.49 -22.91 -14.50
N GLU A 324 -35.31 -23.11 -15.52
CA GLU A 324 -36.78 -23.06 -15.36
C GLU A 324 -37.28 -24.22 -14.50
N ASP A 325 -36.73 -25.42 -14.65
CA ASP A 325 -37.03 -26.54 -13.74
C ASP A 325 -36.68 -26.23 -12.28
N ASN A 326 -35.48 -25.67 -12.06
CA ASN A 326 -35.06 -25.34 -10.70
C ASN A 326 -35.94 -24.24 -10.08
N ARG A 327 -36.32 -23.26 -10.89
CA ARG A 327 -37.24 -22.20 -10.47
C ARG A 327 -38.57 -22.79 -9.98
N GLU A 328 -39.11 -23.73 -10.76
CA GLU A 328 -40.36 -24.39 -10.39
C GLU A 328 -40.21 -25.25 -9.14
N TRP A 329 -39.06 -25.92 -8.98
CA TRP A 329 -38.79 -26.68 -7.74
C TRP A 329 -38.87 -25.79 -6.49
N TYR A 330 -38.13 -24.68 -6.52
CA TYR A 330 -38.14 -23.74 -5.39
C TYR A 330 -39.51 -23.14 -5.16
N GLN A 331 -40.20 -22.79 -6.24
CA GLN A 331 -41.57 -22.26 -6.18
C GLN A 331 -42.52 -23.25 -5.48
N SER A 332 -42.40 -24.52 -5.83
CA SER A 332 -43.23 -25.56 -5.23
C SER A 332 -42.86 -25.86 -3.78
N THR A 333 -41.73 -25.31 -3.31
CA THR A 333 -41.20 -25.57 -1.98
C THR A 333 -41.47 -24.44 -1.00
N ILE A 334 -42.03 -23.33 -1.49
CA ILE A 334 -42.40 -22.20 -0.64
C ILE A 334 -43.54 -22.64 0.29
N PRO A 335 -43.32 -22.57 1.62
CA PRO A 335 -44.45 -22.83 2.52
C PRO A 335 -45.48 -21.70 2.45
N GLN A 336 -46.75 -22.02 2.20
CA GLN A 336 -47.81 -21.00 2.09
C GLN A 336 -48.24 -20.47 3.47
N GLU B 11 2.93 43.98 7.44
CA GLU B 11 3.63 44.93 6.53
C GLU B 11 3.35 44.59 5.06
N GLN B 12 3.83 43.42 4.61
CA GLN B 12 3.47 42.87 3.30
C GLN B 12 2.20 42.04 3.49
N GLU B 13 1.89 41.74 4.75
CA GLU B 13 0.58 41.24 5.18
C GLU B 13 -0.56 42.20 4.80
N ASP B 14 -0.25 43.51 4.73
CA ASP B 14 -1.23 44.50 4.29
C ASP B 14 -1.52 44.39 2.81
N VAL B 15 -0.50 44.10 2.01
CA VAL B 15 -0.66 43.97 0.56
C VAL B 15 -1.43 42.69 0.21
N LEU B 16 -1.13 41.61 0.93
CA LEU B 16 -1.81 40.33 0.77
C LEU B 16 -3.31 40.50 1.06
N ALA B 17 -3.62 41.03 2.24
CA ALA B 17 -5.00 41.36 2.62
C ALA B 17 -5.73 42.18 1.55
N LYS B 18 -5.03 43.08 0.88
CA LYS B 18 -5.62 43.87 -0.19
C LYS B 18 -5.94 43.02 -1.42
N GLU B 19 -4.99 42.18 -1.84
CA GLU B 19 -5.24 41.25 -2.94
C GLU B 19 -6.42 40.33 -2.64
N LEU B 20 -6.47 39.85 -1.40
CA LEU B 20 -7.51 38.94 -0.95
C LEU B 20 -8.91 39.56 -0.90
N GLU B 21 -9.01 40.87 -1.08
CA GLU B 21 -10.32 41.51 -1.20
C GLU B 21 -11.00 41.18 -2.52
N ASP B 22 -10.24 40.66 -3.49
CA ASP B 22 -10.81 40.22 -4.77
C ASP B 22 -11.22 38.73 -4.78
N VAL B 23 -11.20 38.05 -3.64
CA VAL B 23 -11.47 36.60 -3.58
C VAL B 23 -12.86 36.20 -4.09
N ASN B 24 -13.80 37.14 -4.11
CA ASN B 24 -15.12 36.89 -4.70
C ASN B 24 -15.22 37.24 -6.18
N LYS B 25 -14.10 37.59 -6.80
CA LYS B 25 -14.07 38.06 -8.19
C LYS B 25 -13.34 37.12 -9.17
N TRP B 26 -13.92 36.97 -10.36
CA TRP B 26 -13.31 36.20 -11.45
C TRP B 26 -12.11 36.97 -11.94
N GLY B 27 -10.91 36.40 -11.79
CA GLY B 27 -9.68 37.08 -12.18
C GLY B 27 -8.81 37.57 -11.02
N LEU B 28 -9.00 37.01 -9.84
CA LEU B 28 -8.08 37.19 -8.72
C LEU B 28 -6.61 37.06 -9.15
N HIS B 29 -5.74 37.86 -8.53
CA HIS B 29 -4.32 37.85 -8.84
C HIS B 29 -3.66 36.70 -8.08
N VAL B 30 -3.94 35.47 -8.51
CA VAL B 30 -3.56 34.29 -7.73
C VAL B 30 -2.04 34.12 -7.62
N PHE B 31 -1.32 34.40 -8.70
CA PHE B 31 0.14 34.33 -8.68
C PHE B 31 0.77 35.32 -7.68
N ARG B 32 0.23 36.54 -7.64
CA ARG B 32 0.69 37.52 -6.67
C ARG B 32 0.40 37.02 -5.25
N ILE B 33 -0.78 36.46 -5.02
CA ILE B 33 -1.12 35.87 -3.72
C ILE B 33 -0.14 34.74 -3.33
N ALA B 34 0.26 33.93 -4.32
CA ALA B 34 1.23 32.86 -4.07
C ALA B 34 2.54 33.44 -3.55
N GLU B 35 2.98 34.52 -4.19
CA GLU B 35 4.20 35.24 -3.83
C GLU B 35 4.14 35.90 -2.45
N LEU B 36 3.08 36.67 -2.21
CA LEU B 36 2.91 37.41 -0.96
C LEU B 36 2.71 36.49 0.26
N SER B 37 2.16 35.29 0.03
CA SER B 37 1.88 34.35 1.12
C SER B 37 3.06 33.42 1.44
N GLY B 38 4.15 33.56 0.70
CA GLY B 38 5.31 32.68 0.90
C GLY B 38 5.04 31.28 0.38
N ASN B 39 4.50 31.22 -0.84
CA ASN B 39 4.05 29.98 -1.48
C ASN B 39 3.03 29.20 -0.64
N ARG B 40 2.06 29.92 -0.08
CA ARG B 40 0.92 29.33 0.62
C ARG B 40 -0.43 29.81 0.07
N PRO B 41 -0.58 29.87 -1.27
CA PRO B 41 -1.83 30.37 -1.84
C PRO B 41 -3.03 29.49 -1.51
N LEU B 42 -2.87 28.16 -1.53
CA LEU B 42 -3.98 27.27 -1.22
C LEU B 42 -4.43 27.43 0.24
N THR B 43 -3.48 27.55 1.18
CA THR B 43 -3.79 27.69 2.60
C THR B 43 -4.52 29.03 2.84
N VAL B 44 -3.92 30.11 2.36
CA VAL B 44 -4.51 31.46 2.50
C VAL B 44 -5.90 31.58 1.85
N ILE B 45 -6.04 31.14 0.60
CA ILE B 45 -7.30 31.26 -0.11
C ILE B 45 -8.39 30.39 0.52
N MET B 46 -8.06 29.14 0.89
CA MET B 46 -9.03 28.27 1.58
C MET B 46 -9.48 28.86 2.93
N HIS B 47 -8.53 29.34 3.74
CA HIS B 47 -8.85 29.97 5.00
C HIS B 47 -9.80 31.16 4.85
N THR B 48 -9.48 32.03 3.90
CA THR B 48 -10.33 33.20 3.62
C THR B 48 -11.73 32.77 3.22
N ILE B 49 -11.84 31.80 2.30
CA ILE B 49 -13.14 31.31 1.84
C ILE B 49 -13.94 30.68 2.97
N PHE B 50 -13.31 29.84 3.78
CA PHE B 50 -13.98 29.22 4.93
C PHE B 50 -14.51 30.30 5.90
N GLN B 51 -13.67 31.31 6.19
CA GLN B 51 -14.09 32.42 7.08
C GLN B 51 -15.23 33.20 6.45
N GLU B 52 -15.09 33.51 5.17
CA GLU B 52 -16.09 34.25 4.40
C GLU B 52 -17.45 33.54 4.39
N ARG B 53 -17.44 32.21 4.26
CA ARG B 53 -18.68 31.41 4.24
C ARG B 53 -19.10 30.89 5.63
N ASP B 54 -18.35 31.25 6.66
CA ASP B 54 -18.65 30.87 8.03
C ASP B 54 -18.66 29.35 8.24
N LEU B 55 -17.78 28.66 7.52
CA LEU B 55 -17.72 27.19 7.55
C LEU B 55 -17.11 26.65 8.84
N LEU B 56 -16.22 27.42 9.47
CA LEU B 56 -15.64 27.00 10.74
C LEU B 56 -16.71 26.88 11.83
N LYS B 57 -17.55 27.90 11.95
CA LYS B 57 -18.61 27.88 12.97
C LYS B 57 -19.69 26.86 12.63
N THR B 58 -20.17 26.86 11.40
CA THR B 58 -21.20 25.92 10.97
C THR B 58 -20.81 24.47 11.29
N PHE B 59 -19.57 24.10 10.97
CA PHE B 59 -19.11 22.70 11.12
C PHE B 59 -18.16 22.46 12.29
N LYS B 60 -18.07 23.43 13.20
CA LYS B 60 -17.25 23.31 14.41
C LYS B 60 -15.82 22.87 14.10
N ILE B 61 -15.22 23.50 13.09
CA ILE B 61 -13.85 23.22 12.68
C ILE B 61 -12.88 24.11 13.48
N PRO B 62 -12.04 23.49 14.32
CA PRO B 62 -11.03 24.29 15.03
C PRO B 62 -10.10 24.97 14.05
N VAL B 63 -9.83 26.26 14.24
CA VAL B 63 -9.01 27.02 13.28
C VAL B 63 -7.58 26.45 13.14
N ASP B 64 -6.99 26.01 14.26
CA ASP B 64 -5.65 25.39 14.25
C ASP B 64 -5.66 24.11 13.41
N THR B 65 -6.71 23.30 13.58
CA THR B 65 -6.87 22.06 12.84
C THR B 65 -7.03 22.36 11.35
N LEU B 66 -7.85 23.36 11.02
CA LEU B 66 -7.95 23.80 9.63
C LEU B 66 -6.62 24.23 9.01
N ILE B 67 -5.85 25.07 9.71
CA ILE B 67 -4.60 25.57 9.13
C ILE B 67 -3.57 24.42 8.98
N THR B 68 -3.51 23.54 9.98
CA THR B 68 -2.62 22.37 9.94
C THR B 68 -2.94 21.45 8.76
N TYR B 69 -4.22 21.17 8.55
CA TYR B 69 -4.64 20.35 7.40
C TYR B 69 -4.28 21.03 6.08
N LEU B 70 -4.60 22.32 5.98
CA LEU B 70 -4.38 23.04 4.74
C LEU B 70 -2.89 23.11 4.38
N MET B 71 -2.03 23.35 5.38
CA MET B 71 -0.59 23.34 5.14
C MET B 71 -0.10 21.96 4.70
N THR B 72 -0.62 20.92 5.34
CA THR B 72 -0.30 19.54 5.01
C THR B 72 -0.75 19.19 3.58
N LEU B 73 -2.01 19.51 3.26
CA LEU B 73 -2.54 19.32 1.90
C LEU B 73 -1.66 20.02 0.84
N GLU B 74 -1.41 21.32 1.05
CA GLU B 74 -0.57 22.13 0.16
C GLU B 74 0.85 21.55 0.03
N ASP B 75 1.39 21.03 1.14
CA ASP B 75 2.73 20.41 1.17
C ASP B 75 2.82 19.17 0.28
N HIS B 76 1.67 18.55 0.02
CA HIS B 76 1.61 17.35 -0.84
C HIS B 76 1.31 17.66 -2.31
N TYR B 77 1.21 18.94 -2.64
CA TYR B 77 1.32 19.38 -4.04
C TYR B 77 2.81 19.61 -4.35
N HIS B 78 3.23 19.18 -5.53
CA HIS B 78 4.64 19.12 -5.88
C HIS B 78 5.13 20.49 -6.37
N ALA B 79 6.14 21.02 -5.70
CA ALA B 79 6.71 22.31 -6.02
C ALA B 79 7.43 22.30 -7.36
N ASP B 80 7.92 21.14 -7.78
CA ASP B 80 8.65 21.03 -9.04
C ASP B 80 7.73 20.90 -10.28
N VAL B 81 6.41 20.81 -10.08
CA VAL B 81 5.46 20.62 -11.17
C VAL B 81 4.87 21.99 -11.58
N ALA B 82 5.00 22.35 -12.86
CA ALA B 82 4.78 23.71 -13.34
C ALA B 82 3.32 24.12 -13.35
N TYR B 83 2.43 23.16 -13.60
CA TYR B 83 1.00 23.46 -13.68
C TYR B 83 0.22 22.82 -12.53
N HIS B 84 0.27 21.49 -12.41
CA HIS B 84 -0.52 20.78 -11.37
C HIS B 84 0.10 20.87 -10.00
N ASN B 85 0.10 22.09 -9.48
CA ASN B 85 0.72 22.42 -8.21
C ASN B 85 -0.29 23.12 -7.30
N ASN B 86 0.18 23.60 -6.16
CA ASN B 86 -0.68 24.28 -5.17
C ASN B 86 -1.34 25.57 -5.71
N ILE B 87 -0.73 26.18 -6.72
CA ILE B 87 -1.29 27.43 -7.28
C ILE B 87 -2.52 27.10 -8.11
N HIS B 88 -2.44 26.01 -8.88
CA HIS B 88 -3.57 25.52 -9.64
C HIS B 88 -4.70 25.06 -8.70
N ALA B 89 -4.34 24.40 -7.59
CA ALA B 89 -5.34 23.98 -6.59
C ALA B 89 -6.07 25.20 -6.04
N ALA B 90 -5.29 26.18 -5.61
CA ALA B 90 -5.81 27.46 -5.11
C ALA B 90 -6.76 28.15 -6.10
N ASP B 91 -6.39 28.11 -7.38
CA ASP B 91 -7.16 28.74 -8.45
C ASP B 91 -8.49 28.03 -8.65
N VAL B 92 -8.47 26.70 -8.67
CA VAL B 92 -9.69 25.92 -8.83
C VAL B 92 -10.64 26.08 -7.64
N VAL B 93 -10.10 26.10 -6.43
CA VAL B 93 -10.88 26.40 -5.22
C VAL B 93 -11.60 27.76 -5.39
N GLN B 94 -10.84 28.78 -5.76
CA GLN B 94 -11.38 30.16 -5.79
C GLN B 94 -12.37 30.31 -6.94
N SER B 95 -12.12 29.66 -8.07
CA SER B 95 -13.07 29.67 -9.19
C SER B 95 -14.39 28.97 -8.83
N THR B 96 -14.30 27.81 -8.16
CA THR B 96 -15.49 27.14 -7.64
C THR B 96 -16.27 28.00 -6.63
N HIS B 97 -15.54 28.73 -5.77
CA HIS B 97 -16.14 29.65 -4.80
C HIS B 97 -16.94 30.76 -5.51
N VAL B 98 -16.46 31.23 -6.64
CA VAL B 98 -17.18 32.24 -7.41
C VAL B 98 -18.40 31.61 -8.07
N LEU B 99 -18.22 30.46 -8.73
CA LEU B 99 -19.32 29.79 -9.39
C LEU B 99 -20.47 29.44 -8.44
N LEU B 100 -20.13 29.02 -7.22
CA LEU B 100 -21.12 28.73 -6.20
C LEU B 100 -22.00 29.94 -5.86
N SER B 101 -21.46 31.14 -6.05
CA SER B 101 -22.19 32.38 -5.74
C SER B 101 -22.98 32.94 -6.92
N THR B 102 -23.12 32.15 -7.98
CA THR B 102 -23.82 32.64 -9.16
C THR B 102 -25.32 32.82 -8.82
N PRO B 103 -25.93 33.95 -9.26
CA PRO B 103 -27.33 34.19 -8.93
C PRO B 103 -28.28 33.01 -9.16
N ALA B 104 -28.12 32.30 -10.29
CA ALA B 104 -28.99 31.11 -10.59
C ALA B 104 -28.90 29.97 -9.54
N LEU B 105 -27.89 30.03 -8.66
CA LEU B 105 -27.75 29.01 -7.60
C LEU B 105 -28.05 29.53 -6.18
N GLU B 106 -28.55 30.76 -6.07
CA GLU B 106 -28.72 31.37 -4.75
C GLU B 106 -29.66 30.52 -3.90
N ALA B 107 -29.21 30.16 -2.69
CA ALA B 107 -29.97 29.31 -1.75
C ALA B 107 -30.27 27.88 -2.23
N VAL B 108 -29.67 27.45 -3.33
CA VAL B 108 -29.91 26.12 -3.86
C VAL B 108 -29.17 25.07 -3.03
N PHE B 109 -27.86 25.23 -2.82
CA PHE B 109 -27.06 24.19 -2.15
C PHE B 109 -26.93 24.36 -0.64
N THR B 110 -26.88 23.24 0.07
CA THR B 110 -26.68 23.27 1.53
C THR B 110 -25.23 23.61 1.83
N ASP B 111 -24.96 23.97 3.09
CA ASP B 111 -23.61 24.29 3.55
C ASP B 111 -22.70 23.05 3.38
N LEU B 112 -23.25 21.87 3.63
CA LEU B 112 -22.49 20.61 3.45
C LEU B 112 -22.11 20.38 1.99
N GLU B 113 -23.01 20.69 1.06
CA GLU B 113 -22.74 20.56 -0.37
C GLU B 113 -21.70 21.59 -0.82
N ILE B 114 -21.81 22.80 -0.27
CA ILE B 114 -20.83 23.85 -0.51
C ILE B 114 -19.46 23.40 -0.01
N LEU B 115 -19.42 22.90 1.22
CA LEU B 115 -18.18 22.37 1.81
C LEU B 115 -17.57 21.29 0.92
N ALA B 116 -18.41 20.39 0.39
CA ALA B 116 -17.94 19.28 -0.46
C ALA B 116 -17.33 19.78 -1.76
N ALA B 117 -17.96 20.79 -2.38
CA ALA B 117 -17.48 21.34 -3.62
C ALA B 117 -16.13 22.01 -3.43
N ILE B 118 -15.99 22.77 -2.34
CA ILE B 118 -14.76 23.49 -2.09
C ILE B 118 -13.62 22.54 -1.64
N PHE B 119 -13.96 21.60 -0.77
CA PHE B 119 -13.01 20.57 -0.36
C PHE B 119 -12.54 19.73 -1.55
N ALA B 120 -13.46 19.24 -2.38
CA ALA B 120 -13.10 18.52 -3.59
C ALA B 120 -12.15 19.34 -4.48
N SER B 121 -12.48 20.62 -4.70
CA SER B 121 -11.61 21.50 -5.49
C SER B 121 -10.18 21.59 -4.90
N ALA B 122 -10.07 21.70 -3.58
CA ALA B 122 -8.76 21.84 -2.91
C ALA B 122 -7.85 20.59 -3.07
N ILE B 123 -8.47 19.40 -3.02
CA ILE B 123 -7.72 18.13 -3.10
C ILE B 123 -7.60 17.54 -4.51
N HIS B 124 -8.29 18.13 -5.49
CA HIS B 124 -8.57 17.40 -6.73
C HIS B 124 -7.34 17.03 -7.56
N ASP B 125 -6.19 17.68 -7.34
CA ASP B 125 -4.94 17.29 -8.00
C ASP B 125 -3.78 16.99 -7.04
N VAL B 126 -4.07 16.69 -5.77
CA VAL B 126 -2.99 16.56 -4.78
C VAL B 126 -2.08 15.37 -5.14
N ASP B 127 -0.78 15.56 -4.93
CA ASP B 127 0.28 14.59 -5.23
C ASP B 127 0.40 14.24 -6.71
N HIS B 128 0.03 15.18 -7.59
CA HIS B 128 0.13 14.99 -9.05
C HIS B 128 1.62 14.97 -9.39
N PRO B 129 2.09 13.93 -10.09
CA PRO B 129 3.53 13.84 -10.47
C PRO B 129 3.94 14.64 -11.71
N GLY B 130 2.99 15.31 -12.35
CA GLY B 130 3.28 16.02 -13.60
C GLY B 130 3.33 15.20 -14.87
N VAL B 131 2.81 13.97 -14.82
CA VAL B 131 2.61 13.13 -16.00
C VAL B 131 1.19 12.57 -16.04
N SER B 132 0.76 12.20 -17.24
CA SER B 132 -0.60 11.70 -17.52
C SER B 132 -0.84 10.30 -17.00
N ASN B 133 -2.13 9.96 -16.83
CA ASN B 133 -2.55 8.60 -16.56
C ASN B 133 -1.92 7.60 -17.53
N GLN B 134 -1.96 7.89 -18.83
CA GLN B 134 -1.38 6.97 -19.83
C GLN B 134 0.10 6.69 -19.62
N PHE B 135 0.86 7.70 -19.21
CA PHE B 135 2.30 7.52 -18.93
C PHE B 135 2.48 6.55 -17.76
N LEU B 136 1.73 6.79 -16.69
CA LEU B 136 1.73 5.90 -15.52
C LEU B 136 1.31 4.47 -15.88
N ILE B 137 0.34 4.35 -16.78
CA ILE B 137 -0.13 3.06 -17.25
C ILE B 137 0.95 2.34 -18.06
N ASN B 138 1.49 3.02 -19.06
CA ASN B 138 2.51 2.43 -19.94
C ASN B 138 3.76 1.90 -19.23
N THR B 139 4.20 2.61 -18.20
CA THR B 139 5.39 2.26 -17.41
C THR B 139 5.16 1.20 -16.33
N ASN B 140 3.92 0.75 -16.17
CA ASN B 140 3.54 -0.22 -15.13
C ASN B 140 3.80 0.36 -13.74
N SER B 141 3.47 1.63 -13.54
CA SER B 141 3.64 2.24 -12.24
C SER B 141 2.80 1.53 -11.18
N GLU B 142 3.31 1.52 -9.96
CA GLU B 142 2.63 1.00 -8.79
C GLU B 142 1.22 1.59 -8.67
N LEU B 143 1.10 2.88 -8.95
CA LEU B 143 -0.21 3.55 -8.93
C LEU B 143 -1.21 2.98 -9.96
N ALA B 144 -0.75 2.75 -11.20
CA ALA B 144 -1.61 2.19 -12.24
C ALA B 144 -2.02 0.76 -11.87
N LEU B 145 -1.10 0.02 -11.28
CA LEU B 145 -1.37 -1.34 -10.83
C LEU B 145 -2.39 -1.38 -9.69
N MET B 146 -2.30 -0.43 -8.76
CA MET B 146 -3.27 -0.34 -7.67
C MET B 146 -4.68 -0.03 -8.19
N TYR B 147 -4.78 0.90 -9.12
CA TYR B 147 -6.06 1.39 -9.63
C TYR B 147 -6.53 0.82 -10.95
N ASN B 148 -5.90 -0.27 -11.41
CA ASN B 148 -6.38 -0.97 -12.59
C ASN B 148 -6.51 -0.05 -13.83
N ASP B 149 -5.51 0.81 -14.00
CA ASP B 149 -5.42 1.68 -15.16
C ASP B 149 -6.65 2.62 -15.36
N SER B 150 -7.46 2.79 -14.32
CA SER B 150 -8.75 3.43 -14.45
C SER B 150 -8.78 4.66 -13.54
N SER B 151 -8.88 5.85 -14.14
CA SER B 151 -8.82 7.12 -13.42
C SER B 151 -7.71 7.09 -12.35
N VAL B 152 -6.51 6.70 -12.77
CA VAL B 152 -5.41 6.41 -11.87
C VAL B 152 -5.10 7.61 -10.95
N LEU B 153 -4.78 8.76 -11.56
CA LEU B 153 -4.46 9.96 -10.79
C LEU B 153 -5.66 10.42 -9.95
N GLU B 154 -6.86 10.35 -10.51
CA GLU B 154 -8.04 10.95 -9.86
C GLU B 154 -8.40 10.15 -8.58
N ASN B 155 -8.29 8.82 -8.65
CA ASN B 155 -8.43 7.95 -7.48
C ASN B 155 -7.37 8.26 -6.43
N HIS B 156 -6.13 8.46 -6.87
CA HIS B 156 -5.02 8.77 -5.97
C HIS B 156 -5.21 10.11 -5.27
N HIS B 157 -5.64 11.14 -6.02
CA HIS B 157 -5.88 12.47 -5.45
C HIS B 157 -6.91 12.39 -4.32
N LEU B 158 -8.00 11.65 -4.55
CA LEU B 158 -8.99 11.43 -3.51
C LEU B 158 -8.40 10.71 -2.29
N ALA B 159 -7.68 9.62 -2.57
CA ALA B 159 -7.14 8.80 -1.49
C ALA B 159 -6.19 9.59 -0.60
N VAL B 160 -5.31 10.36 -1.23
CA VAL B 160 -4.40 11.24 -0.51
C VAL B 160 -5.14 12.36 0.25
N GLY B 161 -6.06 13.05 -0.43
CA GLY B 161 -6.90 14.05 0.24
C GLY B 161 -7.53 13.58 1.54
N PHE B 162 -8.10 12.38 1.53
CA PHE B 162 -8.74 11.80 2.69
C PHE B 162 -7.75 11.28 3.75
N LYS B 163 -6.69 10.57 3.30
CA LYS B 163 -5.68 10.05 4.22
C LYS B 163 -5.02 11.15 5.05
N LEU B 164 -4.78 12.32 4.45
CA LEU B 164 -4.11 13.39 5.17
C LEU B 164 -4.91 13.92 6.39
N LEU B 165 -6.20 13.62 6.41
CA LEU B 165 -7.05 13.95 7.56
C LEU B 165 -6.58 13.24 8.83
N GLN B 166 -5.86 12.12 8.66
CA GLN B 166 -5.38 11.30 9.78
C GLN B 166 -4.05 11.76 10.37
N GLU B 167 -3.39 12.75 9.77
CA GLU B 167 -2.12 13.26 10.32
C GLU B 167 -2.41 14.10 11.59
N GLU B 168 -1.39 14.46 12.34
CA GLU B 168 -1.63 15.03 13.69
C GLU B 168 -2.37 16.35 13.57
N ASN B 169 -3.50 16.43 14.28
CA ASN B 169 -4.36 17.61 14.29
C ASN B 169 -4.81 18.06 12.89
N CYS B 170 -5.20 17.10 12.06
CA CYS B 170 -5.59 17.38 10.68
C CYS B 170 -7.05 17.05 10.38
N ASP B 171 -7.80 16.47 11.31
CA ASP B 171 -9.16 16.02 10.98
C ASP B 171 -10.14 17.18 11.10
N ILE B 172 -10.28 17.92 10.00
CA ILE B 172 -11.18 19.07 9.96
C ILE B 172 -12.67 18.66 10.05
N PHE B 173 -12.97 17.39 9.83
CA PHE B 173 -14.35 16.91 9.89
C PHE B 173 -14.66 16.20 11.20
N GLN B 174 -13.81 16.38 12.21
CA GLN B 174 -13.97 15.69 13.49
C GLN B 174 -15.31 15.96 14.20
N ASN B 175 -15.92 17.11 13.93
CA ASN B 175 -17.19 17.49 14.58
C ASN B 175 -18.42 17.43 13.68
N LEU B 176 -18.27 16.89 12.47
CA LEU B 176 -19.42 16.49 11.65
C LEU B 176 -20.06 15.24 12.24
N THR B 177 -21.37 15.10 12.03
CA THR B 177 -22.06 13.88 12.44
C THR B 177 -21.69 12.78 11.46
N LYS B 178 -21.95 11.54 11.85
CA LYS B 178 -21.69 10.42 10.99
C LYS B 178 -22.41 10.55 9.63
N LYS B 179 -23.68 10.96 9.64
CA LYS B 179 -24.44 11.13 8.39
C LYS B 179 -23.86 12.23 7.48
N GLN B 180 -23.42 13.34 8.09
CA GLN B 180 -22.77 14.43 7.35
C GLN B 180 -21.45 13.97 6.70
N ARG B 181 -20.64 13.26 7.48
CA ARG B 181 -19.38 12.66 7.00
C ARG B 181 -19.60 11.71 5.81
N GLN B 182 -20.59 10.83 5.92
CA GLN B 182 -20.92 9.90 4.83
C GLN B 182 -21.38 10.63 3.55
N SER B 183 -22.24 11.61 3.73
CA SER B 183 -22.74 12.41 2.61
C SER B 183 -21.63 13.23 1.96
N LEU B 184 -20.83 13.92 2.77
CA LEU B 184 -19.70 14.70 2.26
C LEU B 184 -18.74 13.81 1.49
N ARG B 185 -18.36 12.68 2.09
CA ARG B 185 -17.45 11.74 1.43
C ARG B 185 -17.94 11.35 0.03
N LYS B 186 -19.21 10.95 -0.08
CA LYS B 186 -19.78 10.56 -1.36
C LYS B 186 -19.74 11.65 -2.41
N MET B 187 -20.09 12.88 -2.01
CA MET B 187 -20.09 14.00 -2.95
C MET B 187 -18.67 14.34 -3.42
N VAL B 188 -17.70 14.30 -2.50
CA VAL B 188 -16.34 14.66 -2.84
C VAL B 188 -15.76 13.65 -3.83
N ILE B 189 -16.03 12.37 -3.59
CA ILE B 189 -15.60 11.31 -4.52
C ILE B 189 -16.26 11.52 -5.90
N ASP B 190 -17.58 11.72 -5.91
CA ASP B 190 -18.31 11.91 -7.16
C ASP B 190 -17.73 13.08 -7.98
N ILE B 191 -17.40 14.17 -7.29
CA ILE B 191 -16.87 15.37 -7.95
C ILE B 191 -15.45 15.14 -8.51
N VAL B 192 -14.54 14.62 -7.69
CA VAL B 192 -13.16 14.48 -8.12
C VAL B 192 -13.03 13.42 -9.23
N LEU B 193 -13.74 12.30 -9.12
CA LEU B 193 -13.65 11.27 -10.16
C LEU B 193 -14.14 11.82 -11.52
N ALA B 194 -15.01 12.82 -11.49
CA ALA B 194 -15.52 13.46 -12.71
C ALA B 194 -14.54 14.46 -13.36
N THR B 195 -13.41 14.75 -12.70
CA THR B 195 -12.37 15.64 -13.25
C THR B 195 -11.44 14.91 -14.23
N ASP B 196 -11.56 13.59 -14.33
CA ASP B 196 -10.81 12.83 -15.33
C ASP B 196 -11.29 13.27 -16.72
N MET B 197 -10.40 13.87 -17.51
CA MET B 197 -10.77 14.40 -18.83
C MET B 197 -11.35 13.33 -19.75
N SER B 198 -10.96 12.08 -19.55
CA SER B 198 -11.58 10.99 -20.32
C SER B 198 -13.10 10.89 -20.11
N LYS B 199 -13.63 11.51 -19.05
CA LYS B 199 -15.07 11.55 -18.81
C LYS B 199 -15.77 12.82 -19.32
N HIS B 200 -15.02 13.75 -19.91
CA HIS B 200 -15.55 15.04 -20.34
C HIS B 200 -16.76 14.91 -21.25
N MET B 201 -16.66 14.10 -22.31
CA MET B 201 -17.74 14.03 -23.31
C MET B 201 -19.03 13.52 -22.71
N ASN B 202 -18.96 12.51 -21.84
CA ASN B 202 -20.17 12.00 -21.21
C ASN B 202 -20.73 12.97 -20.16
N LEU B 203 -19.85 13.66 -19.44
CA LEU B 203 -20.27 14.70 -18.49
C LEU B 203 -21.02 15.82 -19.23
N LEU B 204 -20.43 16.31 -20.31
CA LEU B 204 -21.03 17.40 -21.09
C LEU B 204 -22.37 16.98 -21.70
N ALA B 205 -22.43 15.79 -22.30
CA ALA B 205 -23.68 15.24 -22.85
C ALA B 205 -24.81 15.23 -21.82
N ASP B 206 -24.50 14.78 -20.61
CA ASP B 206 -25.51 14.76 -19.55
C ASP B 206 -25.89 16.18 -19.07
N LEU B 207 -24.94 17.11 -19.07
CA LEU B 207 -25.23 18.52 -18.74
C LEU B 207 -26.18 19.14 -19.77
N LYS B 208 -25.98 18.79 -21.04
CA LYS B 208 -26.83 19.29 -22.12
C LYS B 208 -28.27 18.78 -21.97
N THR B 209 -28.42 17.51 -21.59
CA THR B 209 -29.74 16.93 -21.30
C THR B 209 -30.42 17.65 -20.14
N MET B 210 -29.67 17.94 -19.08
CA MET B 210 -30.21 18.73 -17.97
C MET B 210 -30.70 20.11 -18.44
N VAL B 211 -29.90 20.79 -19.25
CA VAL B 211 -30.27 22.10 -19.78
C VAL B 211 -31.57 22.03 -20.62
N GLU B 212 -31.75 20.94 -21.36
CA GLU B 212 -32.97 20.75 -22.17
C GLU B 212 -34.26 20.68 -21.35
N THR B 213 -34.19 20.02 -20.19
CA THR B 213 -35.34 19.82 -19.32
C THR B 213 -35.18 20.64 -18.03
N LYS B 214 -34.51 21.77 -18.15
CA LYS B 214 -34.22 22.69 -17.05
C LYS B 214 -35.50 23.18 -16.37
N LYS B 215 -35.54 23.02 -15.05
CA LYS B 215 -36.64 23.53 -14.22
C LYS B 215 -36.12 24.61 -13.27
N VAL B 216 -36.92 25.66 -13.07
CA VAL B 216 -36.53 26.76 -12.19
C VAL B 216 -37.63 27.01 -11.14
N THR B 217 -37.24 27.57 -10.01
CA THR B 217 -38.21 27.93 -8.96
C THR B 217 -38.96 29.20 -9.34
N SER B 218 -39.96 29.53 -8.54
CA SER B 218 -40.69 30.77 -8.69
C SER B 218 -39.77 31.99 -8.56
N SER B 219 -38.67 31.87 -7.80
CA SER B 219 -37.68 32.95 -7.65
C SER B 219 -36.63 33.03 -8.79
N GLY B 220 -36.72 32.11 -9.76
CA GLY B 220 -35.83 32.13 -10.92
C GLY B 220 -34.53 31.37 -10.75
N VAL B 221 -34.43 30.62 -9.66
CA VAL B 221 -33.22 29.88 -9.37
C VAL B 221 -33.42 28.42 -9.79
N LEU B 222 -32.32 27.73 -10.01
CA LEU B 222 -32.35 26.35 -10.49
C LEU B 222 -33.08 25.46 -9.47
N LEU B 223 -33.97 24.61 -9.97
CA LEU B 223 -34.69 23.63 -9.14
C LEU B 223 -34.00 22.29 -9.28
N LEU B 224 -33.37 21.83 -8.19
CA LEU B 224 -32.67 20.54 -8.17
C LEU B 224 -33.30 19.63 -7.10
N ASP B 225 -34.16 18.71 -7.55
CA ASP B 225 -35.06 17.93 -6.68
C ASP B 225 -34.45 16.68 -6.06
N ASN B 226 -33.31 16.24 -6.59
CA ASN B 226 -32.80 14.93 -6.30
C ASN B 226 -31.29 14.94 -6.35
N TYR B 227 -30.67 13.95 -5.73
CA TYR B 227 -29.22 13.89 -5.61
C TYR B 227 -28.53 13.87 -6.97
N SER B 228 -29.08 13.10 -7.91
CA SER B 228 -28.48 12.93 -9.23
C SER B 228 -28.30 14.28 -9.94
N ASP B 229 -29.33 15.12 -9.91
CA ASP B 229 -29.27 16.46 -10.50
C ASP B 229 -28.32 17.37 -9.73
N ARG B 230 -28.39 17.33 -8.40
CA ARG B 230 -27.56 18.18 -7.57
C ARG B 230 -26.08 17.87 -7.76
N ILE B 231 -25.72 16.59 -7.72
CA ILE B 231 -24.30 16.21 -7.86
C ILE B 231 -23.82 16.46 -9.28
N GLN B 232 -24.69 16.25 -10.28
CA GLN B 232 -24.36 16.56 -11.66
C GLN B 232 -23.95 18.06 -11.81
N VAL B 233 -24.75 18.96 -11.26
CA VAL B 233 -24.40 20.40 -11.28
C VAL B 233 -23.05 20.62 -10.59
N LEU B 234 -22.81 19.99 -9.44
CA LEU B 234 -21.56 20.18 -8.71
C LEU B 234 -20.36 19.60 -9.46
N GLN B 235 -20.52 18.41 -10.06
CA GLN B 235 -19.49 17.81 -10.90
C GLN B 235 -19.11 18.73 -12.06
N ASN B 236 -20.09 19.22 -12.80
CA ASN B 236 -19.83 20.12 -13.92
C ASN B 236 -19.24 21.47 -13.48
N MET B 237 -19.66 21.95 -12.30
CA MET B 237 -19.16 23.22 -11.76
C MET B 237 -17.65 23.15 -11.51
N VAL B 238 -17.23 22.11 -10.81
CA VAL B 238 -15.81 21.95 -10.52
C VAL B 238 -15.00 21.63 -11.82
N HIS B 239 -15.61 20.90 -12.75
CA HIS B 239 -15.02 20.62 -14.07
C HIS B 239 -14.82 21.91 -14.87
N CYS B 240 -15.81 22.79 -14.83
CA CYS B 240 -15.69 24.14 -15.40
C CYS B 240 -14.57 24.92 -14.70
N ALA B 241 -14.53 24.88 -13.36
CA ALA B 241 -13.45 25.53 -12.60
C ALA B 241 -12.06 25.02 -12.99
N ASP B 242 -11.95 23.69 -13.13
CA ASP B 242 -10.73 23.03 -13.59
C ASP B 242 -10.35 23.50 -14.99
N LEU B 243 -11.35 23.69 -15.85
CA LEU B 243 -11.12 24.14 -17.23
C LEU B 243 -11.45 25.63 -17.40
N SER B 244 -11.13 26.43 -16.39
CA SER B 244 -11.50 27.87 -16.38
C SER B 244 -10.43 28.82 -16.93
N ASN B 245 -9.21 28.30 -17.11
CA ASN B 245 -8.08 29.18 -17.45
C ASN B 245 -8.36 30.07 -18.68
N PRO B 246 -8.90 29.51 -19.78
CA PRO B 246 -9.12 30.34 -20.99
C PRO B 246 -10.23 31.41 -20.88
N THR B 247 -10.97 31.40 -19.77
CA THR B 247 -12.01 32.37 -19.48
C THR B 247 -11.56 33.46 -18.52
N LYS B 248 -10.31 33.39 -18.04
CA LYS B 248 -9.74 34.41 -17.17
C LYS B 248 -9.13 35.54 -18.00
N PRO B 249 -8.83 36.69 -17.35
CA PRO B 249 -8.07 37.76 -18.01
C PRO B 249 -6.82 37.24 -18.73
N LEU B 250 -6.61 37.71 -19.95
CA LEU B 250 -5.54 37.19 -20.82
C LEU B 250 -4.20 37.01 -20.14
N GLN B 251 -3.82 37.96 -19.29
CA GLN B 251 -2.53 37.92 -18.62
C GLN B 251 -2.42 36.66 -17.72
N LEU B 252 -3.54 36.25 -17.13
CA LEU B 252 -3.57 35.06 -16.27
C LEU B 252 -3.54 33.80 -17.13
N TYR B 253 -4.37 33.79 -18.16
CA TYR B 253 -4.47 32.67 -19.10
C TYR B 253 -3.12 32.33 -19.76
N ARG B 254 -2.38 33.34 -20.22
CA ARG B 254 -1.10 33.10 -20.86
C ARG B 254 -0.09 32.48 -19.91
N GLN B 255 -0.11 32.92 -18.65
CA GLN B 255 0.74 32.33 -17.61
C GLN B 255 0.42 30.85 -17.40
N TRP B 256 -0.88 30.50 -17.34
CA TRP B 256 -1.31 29.11 -17.21
C TRP B 256 -0.88 28.25 -18.40
N THR B 257 -1.01 28.81 -19.61
CA THR B 257 -0.62 28.10 -20.84
C THR B 257 0.87 27.79 -20.84
N ASP B 258 1.69 28.79 -20.51
CA ASP B 258 3.13 28.58 -20.37
C ASP B 258 3.43 27.46 -19.38
N ARG B 259 2.68 27.43 -18.28
CA ARG B 259 2.91 26.42 -17.25
C ARG B 259 2.57 25.00 -17.74
N ILE B 260 1.40 24.82 -18.33
CA ILE B 260 0.98 23.49 -18.79
C ILE B 260 1.87 23.00 -19.93
N MET B 261 2.33 23.91 -20.79
CA MET B 261 3.21 23.49 -21.87
C MET B 261 4.58 23.06 -21.33
N GLU B 262 5.09 23.79 -20.33
CA GLU B 262 6.30 23.37 -19.63
C GLU B 262 6.11 21.94 -19.09
N GLU B 263 4.99 21.69 -18.43
CA GLU B 263 4.71 20.37 -17.85
C GLU B 263 4.61 19.28 -18.94
N PHE B 264 3.81 19.55 -19.97
CA PHE B 264 3.62 18.65 -21.12
C PHE B 264 4.96 18.37 -21.81
N PHE B 265 5.74 19.42 -22.08
CA PHE B 265 7.03 19.23 -22.77
C PHE B 265 8.00 18.37 -21.97
N ARG B 266 8.04 18.55 -20.64
CA ARG B 266 8.88 17.69 -19.80
C ARG B 266 8.44 16.23 -19.88
N GLN B 267 7.13 15.97 -19.88
CA GLN B 267 6.67 14.60 -20.07
C GLN B 267 7.14 14.03 -21.42
N GLY B 268 6.99 14.82 -22.48
CA GLY B 268 7.48 14.40 -23.80
C GLY B 268 8.98 14.16 -23.86
N ASP B 269 9.75 14.95 -23.13
CA ASP B 269 11.20 14.75 -23.02
C ASP B 269 11.50 13.40 -22.34
N ARG B 270 10.69 13.07 -21.34
CA ARG B 270 10.77 11.78 -20.67
C ARG B 270 10.34 10.63 -21.58
N GLU B 271 9.23 10.77 -22.29
CA GLU B 271 8.84 9.74 -23.26
C GLU B 271 9.94 9.52 -24.32
N ARG B 272 10.50 10.61 -24.85
CA ARG B 272 11.54 10.52 -25.90
C ARG B 272 12.79 9.78 -25.41
N GLU B 273 13.27 10.12 -24.23
CA GLU B 273 14.48 9.49 -23.69
C GLU B 273 14.26 8.01 -23.37
N ARG B 274 13.01 7.65 -23.06
CA ARG B 274 12.62 6.26 -22.80
C ARG B 274 12.29 5.46 -24.05
N GLY B 275 12.28 6.11 -25.21
CA GLY B 275 11.93 5.47 -26.47
C GLY B 275 10.43 5.24 -26.62
N MET B 276 9.62 6.00 -25.89
CA MET B 276 8.16 5.87 -25.95
C MET B 276 7.62 6.82 -27.02
N GLU B 277 6.42 6.53 -27.51
CA GLU B 277 5.69 7.46 -28.35
C GLU B 277 5.47 8.73 -27.55
N ILE B 278 5.75 9.88 -28.15
CA ILE B 278 5.55 11.17 -27.46
C ILE B 278 4.06 11.50 -27.47
N SER B 279 3.51 11.87 -26.32
CA SER B 279 2.07 12.09 -26.20
C SER B 279 1.65 13.36 -26.99
N PRO B 280 0.37 13.46 -27.34
CA PRO B 280 -0.10 14.65 -28.07
C PRO B 280 0.20 15.93 -27.30
N MET B 281 0.73 16.94 -27.99
CA MET B 281 1.07 18.25 -27.39
C MET B 281 2.30 18.25 -26.49
N CYS B 282 3.04 17.13 -26.43
CA CYS B 282 4.16 17.01 -25.52
C CYS B 282 5.53 17.06 -26.23
N ASP B 283 5.51 17.21 -27.55
CA ASP B 283 6.75 17.24 -28.32
C ASP B 283 7.16 18.69 -28.58
N LYS B 284 8.16 19.15 -27.84
CA LYS B 284 8.68 20.51 -28.00
C LYS B 284 9.26 20.81 -29.39
N HIS B 285 9.66 19.79 -30.13
CA HIS B 285 10.21 19.94 -31.49
C HIS B 285 9.15 19.90 -32.59
N ASN B 286 7.96 19.39 -32.25
CA ASN B 286 6.84 19.33 -33.19
C ASN B 286 5.55 19.76 -32.49
N ALA B 287 5.55 21.00 -32.02
CA ALA B 287 4.44 21.57 -31.26
C ALA B 287 3.78 22.73 -32.01
N SER B 288 2.48 22.90 -31.76
CA SER B 288 1.68 24.00 -32.30
C SER B 288 0.93 24.64 -31.14
N VAL B 289 1.65 25.36 -30.28
CA VAL B 289 1.10 25.81 -28.99
C VAL B 289 -0.14 26.69 -29.16
N GLU B 290 -0.03 27.69 -30.03
CA GLU B 290 -1.10 28.68 -30.25
C GLU B 290 -2.32 28.06 -30.92
N LYS B 291 -2.09 27.33 -32.00
CA LYS B 291 -3.17 26.65 -32.72
C LYS B 291 -3.88 25.62 -31.83
N SER B 292 -3.11 24.99 -30.94
CA SER B 292 -3.68 24.03 -30.01
C SER B 292 -4.60 24.68 -28.97
N GLN B 293 -4.33 25.94 -28.61
CA GLN B 293 -5.18 26.66 -27.66
C GLN B 293 -6.54 26.99 -28.28
N VAL B 294 -6.52 27.36 -29.55
CA VAL B 294 -7.75 27.67 -30.27
C VAL B 294 -8.59 26.39 -30.46
N GLY B 295 -7.94 25.27 -30.75
CA GLY B 295 -8.62 23.98 -30.84
C GLY B 295 -9.19 23.49 -29.52
N PHE B 296 -8.43 23.73 -28.45
CA PHE B 296 -8.84 23.42 -27.08
C PHE B 296 -10.10 24.20 -26.75
N ILE B 297 -10.09 25.51 -27.05
CA ILE B 297 -11.28 26.34 -26.85
C ILE B 297 -12.43 25.85 -27.72
N ASP B 298 -12.19 25.67 -29.02
CA ASP B 298 -13.24 25.30 -29.96
C ASP B 298 -13.92 23.95 -29.69
N TYR B 299 -13.14 22.95 -29.26
CA TYR B 299 -13.67 21.58 -29.12
C TYR B 299 -14.04 21.15 -27.70
N ILE B 300 -13.44 21.80 -26.70
CA ILE B 300 -13.63 21.39 -25.29
C ILE B 300 -14.17 22.53 -24.42
N VAL B 301 -13.42 23.63 -24.34
CA VAL B 301 -13.73 24.66 -23.35
C VAL B 301 -15.02 25.42 -23.71
N HIS B 302 -15.13 25.92 -24.94
CA HIS B 302 -16.34 26.67 -25.35
C HIS B 302 -17.62 25.85 -25.30
N PRO B 303 -17.64 24.64 -25.89
CA PRO B 303 -18.81 23.78 -25.71
C PRO B 303 -19.23 23.59 -24.25
N LEU B 304 -18.26 23.39 -23.35
CA LEU B 304 -18.55 23.23 -21.91
C LEU B 304 -19.17 24.51 -21.33
N TRP B 305 -18.43 25.61 -21.46
CA TRP B 305 -18.85 26.89 -20.87
C TRP B 305 -20.14 27.48 -21.49
N GLU B 306 -20.33 27.28 -22.79
CA GLU B 306 -21.59 27.65 -23.46
C GLU B 306 -22.77 26.91 -22.84
N THR B 307 -22.57 25.64 -22.49
CA THR B 307 -23.62 24.84 -21.87
C THR B 307 -23.86 25.26 -20.42
N TRP B 308 -22.78 25.49 -19.67
CA TRP B 308 -22.90 26.06 -18.33
C TRP B 308 -23.66 27.40 -18.40
N ALA B 309 -23.24 28.27 -19.30
CA ALA B 309 -23.90 29.57 -19.55
C ALA B 309 -25.42 29.43 -19.71
N ASP B 310 -25.84 28.45 -20.52
CA ASP B 310 -27.26 28.13 -20.68
C ASP B 310 -27.93 27.70 -19.39
N LEU B 311 -27.25 26.85 -18.62
CA LEU B 311 -27.81 26.37 -17.35
C LEU B 311 -28.10 27.52 -16.38
N VAL B 312 -27.18 28.47 -16.30
CA VAL B 312 -27.28 29.58 -15.34
C VAL B 312 -27.64 30.91 -16.04
N HIS B 313 -28.26 30.80 -17.23
CA HIS B 313 -28.56 31.97 -18.05
C HIS B 313 -29.25 33.06 -17.21
N PRO B 314 -28.79 34.32 -17.31
CA PRO B 314 -27.70 34.87 -18.11
C PRO B 314 -26.40 35.10 -17.34
N ASP B 315 -26.24 34.46 -16.18
CA ASP B 315 -25.16 34.81 -15.23
C ASP B 315 -23.74 34.80 -15.80
N ALA B 316 -23.47 33.92 -16.76
CA ALA B 316 -22.11 33.67 -17.27
C ALA B 316 -21.77 34.36 -18.61
N GLN B 317 -22.55 35.35 -19.03
CA GLN B 317 -22.32 36.04 -20.30
C GLN B 317 -20.92 36.64 -20.39
N ASP B 318 -20.49 37.33 -19.34
CA ASP B 318 -19.18 37.98 -19.34
C ASP B 318 -18.01 36.98 -19.42
N ILE B 319 -18.16 35.84 -18.74
CA ILE B 319 -17.17 34.76 -18.84
C ILE B 319 -17.08 34.28 -20.27
N LEU B 320 -18.22 34.00 -20.89
CA LEU B 320 -18.27 33.52 -22.27
C LEU B 320 -17.61 34.54 -23.23
N ASP B 321 -17.88 35.82 -22.98
CA ASP B 321 -17.31 36.90 -23.78
C ASP B 321 -15.80 36.97 -23.70
N THR B 322 -15.25 36.84 -22.48
CA THR B 322 -13.78 36.81 -22.30
C THR B 322 -13.17 35.60 -23.02
N LEU B 323 -13.81 34.44 -22.90
CA LEU B 323 -13.34 33.23 -23.59
C LEU B 323 -13.22 33.46 -25.10
N GLU B 324 -14.25 34.07 -25.68
CA GLU B 324 -14.26 34.41 -27.10
C GLU B 324 -13.18 35.44 -27.48
N ASP B 325 -12.95 36.46 -26.65
CA ASP B 325 -11.85 37.41 -26.83
C ASP B 325 -10.47 36.75 -26.75
N ASN B 326 -10.28 35.87 -25.77
CA ASN B 326 -9.01 35.17 -25.60
C ASN B 326 -8.76 34.23 -26.77
N ARG B 327 -9.82 33.60 -27.27
CA ARG B 327 -9.75 32.74 -28.46
C ARG B 327 -9.20 33.49 -29.68
N GLU B 328 -9.64 34.73 -29.88
CA GLU B 328 -9.18 35.53 -31.01
C GLU B 328 -7.73 35.96 -30.83
N TRP B 329 -7.31 36.28 -29.61
CA TRP B 329 -5.92 36.67 -29.36
C TRP B 329 -4.94 35.54 -29.71
N TYR B 330 -5.21 34.33 -29.23
CA TYR B 330 -4.35 33.17 -29.55
C TYR B 330 -4.36 32.85 -31.03
N GLN B 331 -5.55 32.91 -31.64
CA GLN B 331 -5.72 32.75 -33.10
C GLN B 331 -4.78 33.66 -33.92
N SER B 332 -4.61 34.89 -33.45
CA SER B 332 -3.76 35.88 -34.13
C SER B 332 -2.26 35.65 -33.89
N THR B 333 -1.93 34.76 -32.96
CA THR B 333 -0.54 34.42 -32.64
C THR B 333 -0.10 33.10 -33.30
N ILE B 334 -1.01 32.48 -34.08
CA ILE B 334 -0.74 31.21 -34.74
C ILE B 334 0.17 31.42 -35.95
N PRO B 335 1.33 30.75 -35.99
CA PRO B 335 2.23 31.00 -37.12
C PRO B 335 1.62 30.66 -38.49
N GLN B 336 2.31 31.10 -39.53
CA GLN B 336 1.97 30.87 -40.94
C GLN B 336 0.89 31.84 -41.40
N THR C 10 -30.97 -17.71 30.60
CA THR C 10 -30.00 -18.15 29.55
C THR C 10 -28.98 -19.11 30.14
N GLU C 11 -28.83 -20.25 29.49
CA GLU C 11 -27.94 -21.31 29.94
C GLU C 11 -26.51 -20.97 29.56
N GLN C 12 -26.31 -20.71 28.27
CA GLN C 12 -24.99 -20.33 27.74
C GLN C 12 -24.36 -19.14 28.47
N GLU C 13 -25.19 -18.20 28.90
CA GLU C 13 -24.72 -16.96 29.54
C GLU C 13 -24.25 -17.23 30.98
N ASP C 14 -24.97 -18.06 31.73
CA ASP C 14 -24.52 -18.53 33.05
C ASP C 14 -23.18 -19.26 32.96
N VAL C 15 -23.05 -20.12 31.95
CA VAL C 15 -21.86 -20.95 31.78
C VAL C 15 -20.65 -20.07 31.46
N LEU C 16 -20.83 -19.16 30.49
CA LEU C 16 -19.77 -18.25 30.06
C LEU C 16 -19.28 -17.36 31.21
N ALA C 17 -20.23 -16.77 31.95
CA ALA C 17 -19.92 -15.90 33.09
C ALA C 17 -19.10 -16.66 34.14
N LYS C 18 -19.48 -17.90 34.40
CA LYS C 18 -18.77 -18.74 35.36
C LYS C 18 -17.33 -19.01 34.91
N GLU C 19 -17.13 -19.28 33.62
CA GLU C 19 -15.77 -19.49 33.09
C GLU C 19 -14.92 -18.22 33.22
N LEU C 20 -15.52 -17.08 32.91
CA LEU C 20 -14.83 -15.79 32.95
C LEU C 20 -14.44 -15.38 34.37
N GLU C 21 -15.00 -16.02 35.39
CA GLU C 21 -14.57 -15.81 36.77
C GLU C 21 -13.13 -16.26 37.02
N ASP C 22 -12.59 -17.12 36.16
CA ASP C 22 -11.19 -17.55 36.25
C ASP C 22 -10.22 -16.61 35.51
N VAL C 23 -10.67 -15.41 35.15
CA VAL C 23 -9.88 -14.50 34.32
C VAL C 23 -8.53 -14.08 34.95
N ASN C 24 -8.47 -14.08 36.28
CA ASN C 24 -7.22 -13.81 36.98
C ASN C 24 -6.36 -15.06 37.27
N LYS C 25 -6.73 -16.20 36.73
CA LYS C 25 -6.00 -17.44 37.04
C LYS C 25 -5.28 -18.05 35.84
N TRP C 26 -4.05 -18.51 36.06
CA TRP C 26 -3.30 -19.30 35.09
C TRP C 26 -4.05 -20.61 34.80
N GLY C 27 -4.40 -20.85 33.54
CA GLY C 27 -5.18 -22.06 33.20
C GLY C 27 -6.67 -21.82 33.00
N LEU C 28 -7.06 -20.57 32.74
CA LEU C 28 -8.39 -20.22 32.26
C LEU C 28 -8.77 -21.15 31.13
N HIS C 29 -10.04 -21.54 31.10
CA HIS C 29 -10.56 -22.45 30.08
C HIS C 29 -10.87 -21.69 28.80
N VAL C 30 -9.80 -21.25 28.13
CA VAL C 30 -9.92 -20.34 27.01
C VAL C 30 -10.62 -20.95 25.80
N PHE C 31 -10.40 -22.24 25.53
CA PHE C 31 -11.10 -22.91 24.42
C PHE C 31 -12.61 -23.01 24.65
N ARG C 32 -13.01 -23.26 25.89
CA ARG C 32 -14.43 -23.29 26.28
C ARG C 32 -15.08 -21.91 26.10
N ILE C 33 -14.35 -20.89 26.53
CA ILE C 33 -14.82 -19.50 26.36
C ILE C 33 -15.01 -19.16 24.87
N ALA C 34 -14.07 -19.58 24.01
CA ALA C 34 -14.20 -19.36 22.57
C ALA C 34 -15.50 -19.95 22.00
N GLU C 35 -15.79 -21.19 22.40
CA GLU C 35 -17.00 -21.90 22.01
C GLU C 35 -18.23 -21.16 22.52
N LEU C 36 -18.28 -20.92 23.83
CA LEU C 36 -19.45 -20.30 24.50
C LEU C 36 -19.75 -18.87 24.07
N SER C 37 -18.74 -18.14 23.62
CA SER C 37 -18.90 -16.74 23.20
C SER C 37 -19.23 -16.56 21.72
N GLY C 38 -19.44 -17.67 21.00
CA GLY C 38 -19.67 -17.59 19.55
C GLY C 38 -18.43 -17.18 18.77
N ASN C 39 -17.29 -17.73 19.15
CA ASN C 39 -15.97 -17.35 18.61
C ASN C 39 -15.59 -15.88 18.84
N ARG C 40 -15.83 -15.42 20.06
CA ARG C 40 -15.42 -14.06 20.47
C ARG C 40 -14.56 -14.09 21.73
N PRO C 41 -13.59 -15.04 21.80
CA PRO C 41 -12.75 -15.11 22.98
C PRO C 41 -11.94 -13.84 23.25
N LEU C 42 -11.41 -13.22 22.19
CA LEU C 42 -10.61 -12.02 22.36
C LEU C 42 -11.47 -10.84 22.80
N THR C 43 -12.65 -10.68 22.20
CA THR C 43 -13.56 -9.59 22.58
C THR C 43 -14.00 -9.75 24.06
N VAL C 44 -14.45 -10.93 24.44
CA VAL C 44 -14.99 -11.11 25.79
C VAL C 44 -13.88 -11.11 26.87
N ILE C 45 -12.71 -11.68 26.57
CA ILE C 45 -11.62 -11.67 27.55
C ILE C 45 -10.99 -10.27 27.71
N MET C 46 -10.74 -9.55 26.59
CA MET C 46 -10.20 -8.18 26.65
C MET C 46 -11.14 -7.25 27.41
N HIS C 47 -12.43 -7.33 27.10
CA HIS C 47 -13.43 -6.47 27.73
C HIS C 47 -13.46 -6.74 29.26
N THR C 48 -13.47 -8.02 29.64
CA THR C 48 -13.44 -8.45 31.05
C THR C 48 -12.20 -7.92 31.80
N ILE C 49 -11.05 -7.98 31.13
CA ILE C 49 -9.79 -7.53 31.70
C ILE C 49 -9.76 -6.02 31.86
N PHE C 50 -10.28 -5.30 30.87
CA PHE C 50 -10.37 -3.85 30.92
C PHE C 50 -11.26 -3.37 32.07
N GLN C 51 -12.38 -4.07 32.27
CA GLN C 51 -13.25 -3.80 33.44
C GLN C 51 -12.51 -4.14 34.74
N GLU C 52 -11.97 -5.36 34.82
CA GLU C 52 -11.19 -5.81 35.98
C GLU C 52 -10.15 -4.79 36.42
N ARG C 53 -9.42 -4.22 35.46
CA ARG C 53 -8.36 -3.24 35.73
C ARG C 53 -8.85 -1.77 35.70
N ASP C 54 -10.15 -1.58 35.52
CA ASP C 54 -10.79 -0.25 35.46
C ASP C 54 -10.21 0.68 34.37
N LEU C 55 -9.76 0.09 33.26
CA LEU C 55 -9.13 0.86 32.17
C LEU C 55 -10.10 1.77 31.37
N LEU C 56 -11.39 1.43 31.30
CA LEU C 56 -12.35 2.30 30.61
C LEU C 56 -12.49 3.61 31.37
N LYS C 57 -12.61 3.53 32.69
CA LYS C 57 -12.73 4.73 33.52
C LYS C 57 -11.44 5.56 33.48
N THR C 58 -10.30 4.90 33.68
CA THR C 58 -9.03 5.59 33.78
C THR C 58 -8.70 6.37 32.51
N PHE C 59 -8.93 5.75 31.35
CA PHE C 59 -8.50 6.33 30.06
C PHE C 59 -9.69 6.84 29.27
N LYS C 60 -10.87 6.89 29.91
CA LYS C 60 -12.10 7.42 29.34
C LYS C 60 -12.41 6.81 27.96
N ILE C 61 -12.36 5.48 27.91
CA ILE C 61 -12.61 4.73 26.69
C ILE C 61 -14.13 4.49 26.59
N PRO C 62 -14.79 5.05 25.56
CA PRO C 62 -16.23 4.76 25.45
C PRO C 62 -16.46 3.28 25.24
N VAL C 63 -17.46 2.72 25.91
CA VAL C 63 -17.68 1.29 25.84
C VAL C 63 -18.00 0.82 24.42
N ASP C 64 -18.84 1.55 23.69
CA ASP C 64 -19.18 1.14 22.32
C ASP C 64 -17.93 1.11 21.44
N THR C 65 -17.02 2.05 21.70
CA THR C 65 -15.76 2.16 20.94
C THR C 65 -14.84 0.99 21.25
N LEU C 66 -14.72 0.64 22.53
CA LEU C 66 -13.94 -0.55 22.92
C LEU C 66 -14.48 -1.80 22.26
N ILE C 67 -15.79 -2.04 22.36
CA ILE C 67 -16.40 -3.25 21.80
C ILE C 67 -16.19 -3.31 20.28
N THR C 68 -16.42 -2.19 19.60
CA THR C 68 -16.28 -2.15 18.15
C THR C 68 -14.82 -2.40 17.72
N TYR C 69 -13.86 -1.78 18.40
CA TYR C 69 -12.45 -2.02 18.11
C TYR C 69 -12.08 -3.48 18.35
N LEU C 70 -12.52 -4.03 19.49
CA LEU C 70 -12.17 -5.41 19.84
C LEU C 70 -12.74 -6.40 18.82
N MET C 71 -14.00 -6.22 18.41
CA MET C 71 -14.58 -7.08 17.36
C MET C 71 -13.84 -6.94 16.05
N THR C 72 -13.48 -5.71 15.72
CA THR C 72 -12.71 -5.42 14.52
C THR C 72 -11.35 -6.11 14.53
N LEU C 73 -10.60 -5.96 15.64
CA LEU C 73 -9.32 -6.61 15.80
C LEU C 73 -9.46 -8.15 15.68
N GLU C 74 -10.39 -8.69 16.46
CA GLU C 74 -10.65 -10.14 16.42
C GLU C 74 -11.00 -10.65 15.01
N ASP C 75 -11.80 -9.88 14.28
CA ASP C 75 -12.15 -10.15 12.89
C ASP C 75 -10.93 -10.18 11.93
N HIS C 76 -9.83 -9.55 12.32
CA HIS C 76 -8.61 -9.55 11.48
C HIS C 76 -7.61 -10.64 11.86
N TYR C 77 -7.95 -11.47 12.84
CA TYR C 77 -7.32 -12.77 13.02
C TYR C 77 -8.03 -13.81 12.13
N HIS C 78 -7.24 -14.69 11.51
CA HIS C 78 -7.74 -15.57 10.46
C HIS C 78 -8.37 -16.81 11.07
N ALA C 79 -9.64 -17.04 10.75
CA ALA C 79 -10.40 -18.20 11.22
C ALA C 79 -9.87 -19.52 10.70
N ASP C 80 -9.19 -19.49 9.55
CA ASP C 80 -8.66 -20.69 8.91
C ASP C 80 -7.26 -21.13 9.42
N VAL C 81 -6.64 -20.33 10.30
CA VAL C 81 -5.29 -20.56 10.78
C VAL C 81 -5.42 -21.30 12.11
N ALA C 82 -4.76 -22.46 12.24
CA ALA C 82 -5.01 -23.35 13.40
C ALA C 82 -4.46 -22.82 14.71
N TYR C 83 -3.28 -22.17 14.67
CA TYR C 83 -2.65 -21.69 15.90
C TYR C 83 -2.72 -20.14 16.03
N HIS C 84 -2.17 -19.40 15.07
CA HIS C 84 -2.08 -17.92 15.18
C HIS C 84 -3.43 -17.26 14.84
N ASN C 85 -4.40 -17.47 15.71
CA ASN C 85 -5.77 -16.98 15.51
C ASN C 85 -6.22 -16.21 16.76
N ASN C 86 -7.49 -15.85 16.80
CA ASN C 86 -8.06 -15.06 17.90
C ASN C 86 -7.99 -15.75 19.27
N ILE C 87 -7.98 -17.08 19.26
CA ILE C 87 -7.91 -17.83 20.52
C ILE C 87 -6.51 -17.67 21.12
N HIS C 88 -5.48 -17.76 20.28
CA HIS C 88 -4.12 -17.50 20.70
C HIS C 88 -3.94 -16.07 21.24
N ALA C 89 -4.51 -15.09 20.54
CA ALA C 89 -4.44 -13.68 20.96
C ALA C 89 -5.07 -13.51 22.34
N ALA C 90 -6.25 -14.08 22.52
CA ALA C 90 -6.97 -14.03 23.80
C ALA C 90 -6.13 -14.64 24.91
N ASP C 91 -5.46 -15.75 24.60
CA ASP C 91 -4.65 -16.47 25.56
C ASP C 91 -3.43 -15.64 25.97
N VAL C 92 -2.75 -15.03 25.01
CA VAL C 92 -1.58 -14.21 25.33
C VAL C 92 -2.00 -12.98 26.15
N VAL C 93 -3.13 -12.38 25.79
CA VAL C 93 -3.68 -11.24 26.53
C VAL C 93 -3.92 -11.64 28.00
N GLN C 94 -4.58 -12.76 28.21
CA GLN C 94 -4.95 -13.18 29.57
C GLN C 94 -3.74 -13.62 30.36
N SER C 95 -2.78 -14.27 29.70
CA SER C 95 -1.53 -14.67 30.34
C SER C 95 -0.70 -13.47 30.76
N THR C 96 -0.59 -12.45 29.90
CA THR C 96 0.05 -11.17 30.30
C THR C 96 -0.67 -10.51 31.51
N HIS C 97 -2.00 -10.52 31.46
CA HIS C 97 -2.83 -9.97 32.53
C HIS C 97 -2.51 -10.65 33.86
N VAL C 98 -2.36 -11.97 33.85
CA VAL C 98 -1.96 -12.69 35.08
C VAL C 98 -0.54 -12.30 35.51
N LEU C 99 0.40 -12.27 34.58
CA LEU C 99 1.81 -11.92 34.89
C LEU C 99 2.00 -10.51 35.48
N LEU C 100 1.20 -9.55 35.01
CA LEU C 100 1.28 -8.18 35.50
C LEU C 100 0.93 -8.09 37.00
N SER C 101 0.11 -9.03 37.47
CA SER C 101 -0.37 -9.08 38.87
C SER C 101 0.53 -9.90 39.81
N THR C 102 1.68 -10.33 39.34
CA THR C 102 2.64 -11.08 40.16
C THR C 102 3.08 -10.20 41.35
N PRO C 103 3.05 -10.75 42.59
CA PRO C 103 3.43 -9.99 43.79
C PRO C 103 4.70 -9.15 43.65
N ALA C 104 5.72 -9.70 43.00
CA ALA C 104 7.02 -9.04 42.87
C ALA C 104 6.99 -7.77 42.01
N LEU C 105 5.91 -7.54 41.27
CA LEU C 105 5.76 -6.33 40.45
C LEU C 105 4.67 -5.41 40.98
N GLU C 106 4.21 -5.65 42.21
CA GLU C 106 3.11 -4.84 42.76
C GLU C 106 3.49 -3.35 42.80
N ALA C 107 2.58 -2.52 42.31
CA ALA C 107 2.78 -1.06 42.18
C ALA C 107 4.02 -0.64 41.35
N VAL C 108 4.60 -1.54 40.57
CA VAL C 108 5.75 -1.19 39.73
C VAL C 108 5.33 -0.39 38.48
N PHE C 109 4.36 -0.90 37.71
CA PHE C 109 3.98 -0.26 36.44
C PHE C 109 2.79 0.71 36.54
N THR C 110 2.83 1.76 35.72
CA THR C 110 1.74 2.72 35.61
C THR C 110 0.58 2.12 34.83
N ASP C 111 -0.59 2.73 34.93
CA ASP C 111 -1.77 2.25 34.19
C ASP C 111 -1.51 2.25 32.67
N LEU C 112 -0.75 3.25 32.21
CA LEU C 112 -0.40 3.36 30.79
C LEU C 112 0.52 2.24 30.33
N GLU C 113 1.49 1.87 31.16
CA GLU C 113 2.37 0.73 30.86
C GLU C 113 1.58 -0.58 30.85
N ILE C 114 0.64 -0.70 31.79
CA ILE C 114 -0.29 -1.81 31.86
C ILE C 114 -1.14 -1.90 30.57
N LEU C 115 -1.70 -0.77 30.17
CA LEU C 115 -2.49 -0.69 28.94
C LEU C 115 -1.65 -1.09 27.71
N ALA C 116 -0.41 -0.60 27.66
CA ALA C 116 0.53 -0.92 26.57
C ALA C 116 0.77 -2.42 26.45
N ALA C 117 1.02 -3.09 27.58
CA ALA C 117 1.36 -4.51 27.56
C ALA C 117 0.17 -5.36 27.15
N ILE C 118 -1.02 -4.98 27.61
CA ILE C 118 -2.24 -5.69 27.28
C ILE C 118 -2.64 -5.46 25.81
N PHE C 119 -2.59 -4.21 25.37
CA PHE C 119 -2.89 -3.87 23.97
C PHE C 119 -1.89 -4.56 23.01
N ALA C 120 -0.60 -4.51 23.35
CA ALA C 120 0.44 -5.20 22.56
C ALA C 120 0.14 -6.71 22.43
N SER C 121 -0.24 -7.33 23.56
CA SER C 121 -0.59 -8.74 23.58
C SER C 121 -1.77 -9.03 22.66
N ALA C 122 -2.77 -8.15 22.68
CA ALA C 122 -3.99 -8.29 21.87
C ALA C 122 -3.68 -8.25 20.37
N ILE C 123 -2.82 -7.33 19.95
CA ILE C 123 -2.55 -7.13 18.51
C ILE C 123 -1.35 -7.92 17.96
N HIS C 124 -0.64 -8.67 18.81
CA HIS C 124 0.73 -9.06 18.47
C HIS C 124 0.86 -10.06 17.30
N ASP C 125 -0.23 -10.79 16.97
CA ASP C 125 -0.27 -11.68 15.80
C ASP C 125 -1.38 -11.36 14.80
N VAL C 126 -1.93 -10.16 14.84
CA VAL C 126 -3.08 -9.83 14.01
C VAL C 126 -2.77 -9.95 12.49
N ASP C 127 -3.69 -10.58 11.77
CA ASP C 127 -3.61 -10.80 10.34
C ASP C 127 -2.47 -11.78 9.97
N HIS C 128 -2.13 -12.66 10.89
CA HIS C 128 -1.12 -13.71 10.63
C HIS C 128 -1.66 -14.65 9.55
N PRO C 129 -0.87 -14.89 8.49
CA PRO C 129 -1.30 -15.79 7.42
C PRO C 129 -1.09 -17.29 7.68
N GLY C 130 -0.47 -17.65 8.81
CA GLY C 130 -0.22 -19.05 9.11
C GLY C 130 1.06 -19.61 8.50
N VAL C 131 1.90 -18.73 7.96
CA VAL C 131 3.22 -19.12 7.48
C VAL C 131 4.30 -18.18 8.05
N SER C 132 5.52 -18.67 8.06
CA SER C 132 6.64 -18.00 8.71
C SER C 132 7.19 -16.83 7.87
N ASN C 133 7.97 -15.97 8.55
CA ASN C 133 8.67 -14.90 7.86
C ASN C 133 9.51 -15.43 6.68
N GLN C 134 10.20 -16.54 6.90
CA GLN C 134 11.06 -17.07 5.85
C GLN C 134 10.27 -17.52 4.59
N PHE C 135 9.07 -18.07 4.78
CA PHE C 135 8.21 -18.45 3.66
C PHE C 135 7.83 -17.19 2.87
N LEU C 136 7.43 -16.15 3.59
CA LEU C 136 7.07 -14.88 2.96
C LEU C 136 8.26 -14.25 2.23
N ILE C 137 9.45 -14.37 2.80
CA ILE C 137 10.67 -13.88 2.15
C ILE C 137 11.00 -14.69 0.90
N ASN C 138 10.98 -16.02 1.01
CA ASN C 138 11.36 -16.87 -0.12
C ASN C 138 10.44 -16.80 -1.34
N THR C 139 9.16 -16.52 -1.10
CA THR C 139 8.17 -16.36 -2.17
C THR C 139 8.12 -14.94 -2.79
N ASN C 140 8.93 -14.02 -2.29
CA ASN C 140 8.93 -12.63 -2.77
C ASN C 140 7.57 -11.97 -2.53
N SER C 141 6.97 -12.27 -1.39
CA SER C 141 5.65 -11.73 -1.08
C SER C 141 5.69 -10.20 -0.98
N GLU C 142 4.58 -9.57 -1.30
CA GLU C 142 4.43 -8.13 -1.17
C GLU C 142 4.79 -7.65 0.24
N LEU C 143 4.38 -8.40 1.28
CA LEU C 143 4.71 -8.03 2.67
C LEU C 143 6.21 -7.97 2.94
N ALA C 144 6.94 -9.02 2.51
CA ALA C 144 8.40 -9.07 2.64
C ALA C 144 9.11 -7.95 1.86
N LEU C 145 8.58 -7.60 0.69
CA LEU C 145 9.10 -6.46 -0.07
C LEU C 145 8.90 -5.13 0.68
N MET C 146 7.74 -4.94 1.29
CA MET C 146 7.45 -3.71 2.01
C MET C 146 8.38 -3.55 3.21
N TYR C 147 8.64 -4.64 3.91
CA TYR C 147 9.40 -4.62 5.16
C TYR C 147 10.83 -5.08 5.06
N ASN C 148 11.36 -5.16 3.83
CA ASN C 148 12.77 -5.46 3.64
C ASN C 148 13.22 -6.72 4.38
N ASP C 149 12.39 -7.76 4.34
CA ASP C 149 12.71 -9.09 4.91
C ASP C 149 13.05 -9.12 6.41
N SER C 150 12.74 -8.02 7.10
CA SER C 150 13.17 -7.82 8.48
C SER C 150 11.96 -7.76 9.41
N SER C 151 11.85 -8.74 10.31
CA SER C 151 10.67 -8.88 11.20
C SER C 151 9.37 -8.55 10.43
N VAL C 152 9.19 -9.22 9.28
CA VAL C 152 8.13 -8.89 8.33
C VAL C 152 6.74 -8.96 9.01
N LEU C 153 6.42 -10.12 9.57
CA LEU C 153 5.12 -10.32 10.22
C LEU C 153 4.91 -9.39 11.40
N GLU C 154 5.93 -9.27 12.26
CA GLU C 154 5.84 -8.46 13.50
C GLU C 154 5.62 -6.97 13.19
N ASN C 155 6.34 -6.46 12.20
CA ASN C 155 6.03 -5.13 11.66
C ASN C 155 4.59 -4.99 11.18
N HIS C 156 4.09 -6.01 10.49
CA HIS C 156 2.74 -6.01 9.92
C HIS C 156 1.67 -6.08 11.03
N HIS C 157 1.90 -6.90 12.04
CA HIS C 157 0.95 -7.02 13.17
C HIS C 157 0.75 -5.63 13.80
N LEU C 158 1.85 -4.93 14.02
CA LEU C 158 1.81 -3.58 14.55
C LEU C 158 1.04 -2.62 13.65
N ALA C 159 1.40 -2.56 12.37
CA ALA C 159 0.77 -1.64 11.43
C ALA C 159 -0.77 -1.87 11.35
N VAL C 160 -1.16 -3.13 11.29
CA VAL C 160 -2.59 -3.49 11.27
C VAL C 160 -3.27 -3.13 12.59
N GLY C 161 -2.67 -3.53 13.72
CA GLY C 161 -3.26 -3.18 15.03
C GLY C 161 -3.57 -1.69 15.20
N PHE C 162 -2.62 -0.84 14.81
CA PHE C 162 -2.81 0.60 14.87
C PHE C 162 -3.78 1.12 13.79
N LYS C 163 -3.66 0.61 12.57
CA LYS C 163 -4.56 1.07 11.50
C LYS C 163 -6.04 0.81 11.80
N LEU C 164 -6.34 -0.29 12.47
CA LEU C 164 -7.74 -0.61 12.75
C LEU C 164 -8.41 0.39 13.70
N LEU C 165 -7.60 1.16 14.42
CA LEU C 165 -8.10 2.27 15.27
C LEU C 165 -8.82 3.34 14.44
N GLN C 166 -8.53 3.38 13.13
CA GLN C 166 -9.11 4.37 12.22
C GLN C 166 -10.47 3.95 11.61
N GLU C 167 -10.92 2.70 11.79
CA GLU C 167 -12.23 2.28 11.28
C GLU C 167 -13.34 2.97 12.11
N GLU C 168 -14.59 2.81 11.69
CA GLU C 168 -15.68 3.62 12.27
C GLU C 168 -15.85 3.31 13.76
N ASN C 169 -15.70 4.34 14.59
CA ASN C 169 -15.90 4.21 16.04
C ASN C 169 -14.96 3.19 16.68
N CYS C 170 -13.70 3.18 16.22
CA CYS C 170 -12.69 2.23 16.74
C CYS C 170 -11.52 2.87 17.51
N ASP C 171 -11.49 4.20 17.66
CA ASP C 171 -10.34 4.80 18.31
C ASP C 171 -10.49 4.82 19.82
N ILE C 172 -10.05 3.71 20.41
CA ILE C 172 -10.09 3.54 21.87
C ILE C 172 -9.13 4.47 22.62
N PHE C 173 -8.18 5.08 21.89
CA PHE C 173 -7.22 6.01 22.53
C PHE C 173 -7.57 7.49 22.33
N GLN C 174 -8.79 7.75 21.90
CA GLN C 174 -9.23 9.10 21.51
C GLN C 174 -9.17 10.17 22.64
N ASN C 175 -9.26 9.74 23.89
CA ASN C 175 -9.20 10.66 25.04
C ASN C 175 -7.87 10.61 25.81
N LEU C 176 -6.89 9.85 25.31
CA LEU C 176 -5.52 9.99 25.78
C LEU C 176 -4.95 11.30 25.29
N THR C 177 -4.04 11.88 26.09
CA THR C 177 -3.29 13.04 25.62
C THR C 177 -2.27 12.63 24.56
N LYS C 178 -1.72 13.63 23.89
CA LYS C 178 -0.71 13.39 22.88
C LYS C 178 0.53 12.72 23.46
N LYS C 179 0.97 13.20 24.64
CA LYS C 179 2.08 12.57 25.32
C LYS C 179 1.77 11.09 25.65
N GLN C 180 0.60 10.82 26.18
CA GLN C 180 0.20 9.44 26.50
C GLN C 180 0.21 8.54 25.27
N ARG C 181 -0.33 9.06 24.17
CA ARG C 181 -0.32 8.34 22.88
C ARG C 181 1.08 8.05 22.36
N GLN C 182 1.96 9.06 22.39
CA GLN C 182 3.36 8.86 22.00
C GLN C 182 3.98 7.75 22.83
N SER C 183 3.74 7.80 24.15
CA SER C 183 4.36 6.87 25.06
C SER C 183 3.83 5.45 24.85
N LEU C 184 2.52 5.32 24.77
CA LEU C 184 1.86 4.05 24.51
C LEU C 184 2.38 3.44 23.20
N ARG C 185 2.38 4.24 22.16
CA ARG C 185 2.84 3.81 20.83
C ARG C 185 4.26 3.23 20.86
N LYS C 186 5.21 3.97 21.45
CA LYS C 186 6.57 3.45 21.56
C LYS C 186 6.65 2.14 22.32
N MET C 187 5.94 2.04 23.43
CA MET C 187 6.00 0.85 24.25
C MET C 187 5.44 -0.35 23.51
N VAL C 188 4.32 -0.15 22.82
CA VAL C 188 3.64 -1.22 22.07
C VAL C 188 4.55 -1.72 20.94
N ILE C 189 5.12 -0.79 20.18
CA ILE C 189 6.10 -1.14 19.14
C ILE C 189 7.24 -1.98 19.74
N ASP C 190 7.84 -1.49 20.82
CA ASP C 190 8.98 -2.16 21.44
C ASP C 190 8.63 -3.59 21.89
N ILE C 191 7.42 -3.81 22.40
CA ILE C 191 6.99 -5.15 22.86
C ILE C 191 6.74 -6.12 21.72
N VAL C 192 5.97 -5.69 20.72
CA VAL C 192 5.61 -6.57 19.61
C VAL C 192 6.79 -6.95 18.74
N LEU C 193 7.71 -6.01 18.50
CA LEU C 193 8.90 -6.34 17.71
C LEU C 193 9.77 -7.40 18.41
N ALA C 194 9.75 -7.40 19.73
CA ALA C 194 10.48 -8.35 20.55
C ALA C 194 9.87 -9.77 20.55
N THR C 195 8.69 -9.93 19.93
CA THR C 195 8.04 -11.24 19.82
C THR C 195 8.53 -12.07 18.62
N ASP C 196 9.30 -11.45 17.73
CA ASP C 196 9.98 -12.18 16.66
C ASP C 196 10.90 -13.19 17.34
N MET C 197 10.72 -14.47 17.04
CA MET C 197 11.48 -15.52 17.73
C MET C 197 12.98 -15.47 17.43
N SER C 198 13.34 -14.94 16.26
CA SER C 198 14.74 -14.77 15.93
C SER C 198 15.44 -13.86 16.94
N LYS C 199 14.68 -13.11 17.74
CA LYS C 199 15.23 -12.25 18.79
C LYS C 199 15.28 -12.89 20.20
N HIS C 200 14.83 -14.13 20.32
CA HIS C 200 14.67 -14.77 21.64
C HIS C 200 15.96 -14.88 22.46
N MET C 201 17.03 -15.38 21.83
CA MET C 201 18.30 -15.60 22.55
C MET C 201 18.83 -14.30 23.14
N ASN C 202 18.71 -13.19 22.40
CA ASN C 202 19.18 -11.90 22.91
C ASN C 202 18.31 -11.26 23.99
N LEU C 203 16.99 -11.44 23.88
CA LEU C 203 16.06 -11.08 24.94
C LEU C 203 16.40 -11.79 26.25
N LEU C 204 16.62 -13.10 26.19
CA LEU C 204 16.95 -13.91 27.36
C LEU C 204 18.32 -13.53 27.95
N ALA C 205 19.33 -13.41 27.09
CA ALA C 205 20.67 -12.99 27.53
C ALA C 205 20.57 -11.73 28.38
N ASP C 206 19.84 -10.74 27.87
CA ASP C 206 19.66 -9.46 28.57
C ASP C 206 18.83 -9.59 29.85
N LEU C 207 17.85 -10.51 29.85
CA LEU C 207 17.03 -10.77 31.02
C LEU C 207 17.86 -11.40 32.15
N LYS C 208 18.74 -12.33 31.79
CA LYS C 208 19.68 -12.90 32.76
C LYS C 208 20.53 -11.80 33.37
N THR C 209 21.13 -10.96 32.53
CA THR C 209 21.96 -9.84 33.00
C THR C 209 21.21 -8.99 34.01
N MET C 210 19.93 -8.73 33.74
CA MET C 210 19.08 -7.95 34.65
C MET C 210 18.84 -8.66 35.97
N VAL C 211 18.61 -9.97 35.93
CA VAL C 211 18.39 -10.76 37.15
C VAL C 211 19.65 -10.76 38.02
N GLU C 212 20.82 -10.77 37.39
CA GLU C 212 22.10 -10.70 38.10
C GLU C 212 22.23 -9.39 38.90
N THR C 213 21.82 -8.28 38.29
CA THR C 213 21.92 -6.95 38.91
C THR C 213 20.59 -6.50 39.54
N LYS C 214 19.74 -7.47 39.84
CA LYS C 214 18.39 -7.24 40.36
C LYS C 214 18.37 -6.39 41.63
N LYS C 215 17.53 -5.36 41.65
CA LYS C 215 17.31 -4.52 42.84
C LYS C 215 15.87 -4.69 43.31
N VAL C 216 15.68 -4.61 44.63
CA VAL C 216 14.38 -4.89 45.22
C VAL C 216 14.25 -4.25 46.62
N THR C 217 13.15 -3.53 46.82
CA THR C 217 12.88 -2.84 48.10
C THR C 217 12.70 -3.82 49.27
N SER C 218 12.56 -3.28 50.48
CA SER C 218 12.33 -4.09 51.68
C SER C 218 11.01 -4.87 51.63
N SER C 219 10.05 -4.37 50.86
CA SER C 219 8.79 -5.07 50.60
C SER C 219 8.98 -6.35 49.78
N GLY C 220 10.06 -6.40 48.99
CA GLY C 220 10.34 -7.55 48.13
C GLY C 220 10.02 -7.27 46.66
N VAL C 221 9.45 -6.10 46.38
CA VAL C 221 9.01 -5.75 45.05
C VAL C 221 10.18 -5.22 44.21
N LEU C 222 10.15 -5.53 42.91
CA LEU C 222 11.23 -5.18 42.01
C LEU C 222 11.38 -3.66 41.85
N LEU C 223 12.61 -3.22 41.64
CA LEU C 223 12.92 -1.81 41.46
C LEU C 223 13.44 -1.58 40.04
N LEU C 224 12.62 -0.93 39.21
CA LEU C 224 12.93 -0.68 37.81
C LEU C 224 13.02 0.82 37.56
N ASP C 225 14.23 1.31 37.32
CA ASP C 225 14.56 2.75 37.45
C ASP C 225 14.24 3.58 36.22
N ASN C 226 14.53 3.04 35.05
CA ASN C 226 14.51 3.79 33.80
C ASN C 226 13.69 3.04 32.75
N TYR C 227 13.47 3.68 31.60
CA TYR C 227 12.64 3.09 30.52
C TYR C 227 13.23 1.77 30.02
N SER C 228 14.54 1.71 29.88
CA SER C 228 15.23 0.53 29.39
C SER C 228 14.91 -0.70 30.21
N ASP C 229 15.00 -0.57 31.53
CA ASP C 229 14.65 -1.65 32.46
C ASP C 229 13.16 -1.98 32.47
N ARG C 230 12.34 -0.95 32.51
CA ARG C 230 10.88 -1.12 32.49
C ARG C 230 10.40 -1.83 31.22
N ILE C 231 10.86 -1.38 30.06
CA ILE C 231 10.43 -1.96 28.79
C ILE C 231 11.03 -3.35 28.57
N GLN C 232 12.24 -3.57 29.10
CA GLN C 232 12.84 -4.88 29.01
C GLN C 232 12.00 -5.92 29.77
N VAL C 233 11.51 -5.55 30.95
CA VAL C 233 10.66 -6.45 31.72
C VAL C 233 9.32 -6.71 31.01
N LEU C 234 8.73 -5.68 30.42
CA LEU C 234 7.49 -5.82 29.68
C LEU C 234 7.66 -6.67 28.40
N GLN C 235 8.77 -6.48 27.68
CA GLN C 235 9.11 -7.28 26.50
C GLN C 235 9.22 -8.76 26.84
N ASN C 236 9.96 -9.05 27.91
CA ASN C 236 10.12 -10.43 28.34
C ASN C 236 8.83 -11.03 28.88
N MET C 237 8.02 -10.21 29.58
CA MET C 237 6.70 -10.64 30.08
C MET C 237 5.80 -11.16 28.96
N VAL C 238 5.64 -10.37 27.91
CA VAL C 238 4.76 -10.73 26.81
C VAL C 238 5.37 -11.86 25.98
N HIS C 239 6.69 -11.86 25.81
CA HIS C 239 7.42 -13.00 25.22
C HIS C 239 7.17 -14.31 26.00
N CYS C 240 7.22 -14.23 27.34
CA CYS C 240 6.85 -15.36 28.21
C CYS C 240 5.37 -15.76 28.00
N ALA C 241 4.45 -14.80 27.95
CA ALA C 241 3.05 -15.12 27.67
C ALA C 241 2.91 -15.84 26.29
N ASP C 242 3.61 -15.33 25.29
CA ASP C 242 3.63 -15.95 23.95
C ASP C 242 4.15 -17.43 23.98
N LEU C 243 5.14 -17.67 24.82
CA LEU C 243 5.71 -19.00 25.00
C LEU C 243 5.23 -19.69 26.30
N SER C 244 3.96 -19.48 26.64
CA SER C 244 3.42 -20.05 27.87
C SER C 244 2.66 -21.37 27.73
N ASN C 245 2.37 -21.82 26.50
CA ASN C 245 1.54 -23.01 26.30
C ASN C 245 1.99 -24.24 27.13
N PRO C 246 3.32 -24.56 27.14
CA PRO C 246 3.80 -25.69 27.96
C PRO C 246 3.76 -25.51 29.47
N THR C 247 3.50 -24.29 29.95
CA THR C 247 3.39 -24.01 31.38
C THR C 247 1.94 -24.11 31.87
N LYS C 248 1.00 -24.37 30.97
CA LYS C 248 -0.43 -24.45 31.31
C LYS C 248 -0.85 -25.88 31.64
N PRO C 249 -1.94 -26.04 32.41
CA PRO C 249 -2.52 -27.37 32.61
C PRO C 249 -2.54 -28.18 31.33
N LEU C 250 -2.25 -29.48 31.44
CA LEU C 250 -1.94 -30.33 30.30
C LEU C 250 -3.01 -30.38 29.22
N GLN C 251 -4.28 -30.39 29.62
CA GLN C 251 -5.34 -30.51 28.62
C GLN C 251 -5.35 -29.30 27.67
N LEU C 252 -4.92 -28.15 28.20
CA LEU C 252 -4.75 -26.94 27.41
C LEU C 252 -3.48 -27.02 26.53
N TYR C 253 -2.36 -27.39 27.14
CA TYR C 253 -1.10 -27.59 26.42
C TYR C 253 -1.27 -28.55 25.23
N ARG C 254 -1.94 -29.69 25.42
CA ARG C 254 -2.13 -30.63 24.30
C ARG C 254 -2.90 -30.02 23.13
N GLN C 255 -3.90 -29.19 23.42
CA GLN C 255 -4.69 -28.53 22.37
C GLN C 255 -3.81 -27.54 21.55
N TRP C 256 -2.98 -26.78 22.24
CA TRP C 256 -2.03 -25.86 21.61
C TRP C 256 -1.03 -26.60 20.74
N THR C 257 -0.52 -27.73 21.23
CA THR C 257 0.41 -28.56 20.43
C THR C 257 -0.27 -29.08 19.18
N ASP C 258 -1.48 -29.63 19.30
CA ASP C 258 -2.23 -30.08 18.12
C ASP C 258 -2.38 -28.95 17.09
N ARG C 259 -2.72 -27.77 17.59
CA ARG C 259 -2.96 -26.63 16.72
C ARG C 259 -1.70 -26.14 16.00
N ILE C 260 -0.60 -25.96 16.72
CA ILE C 260 0.64 -25.48 16.07
C ILE C 260 1.22 -26.49 15.08
N MET C 261 1.09 -27.78 15.37
CA MET C 261 1.57 -28.80 14.43
C MET C 261 0.72 -28.81 13.18
N GLU C 262 -0.60 -28.69 13.33
CA GLU C 262 -1.48 -28.53 12.17
C GLU C 262 -1.05 -27.32 11.30
N GLU C 263 -0.76 -26.18 11.92
CA GLU C 263 -0.31 -25.00 11.19
C GLU C 263 1.05 -25.23 10.50
N PHE C 264 2.01 -25.76 11.26
CA PHE C 264 3.33 -26.13 10.75
C PHE C 264 3.28 -27.15 9.59
N PHE C 265 2.52 -28.23 9.77
CA PHE C 265 2.44 -29.25 8.71
C PHE C 265 1.80 -28.66 7.44
N ARG C 266 0.84 -27.75 7.61
CA ARG C 266 0.21 -27.11 6.46
C ARG C 266 1.22 -26.29 5.70
N GLN C 267 2.07 -25.53 6.42
CA GLN C 267 3.16 -24.81 5.76
C GLN C 267 4.07 -25.79 4.99
N GLY C 268 4.44 -26.88 5.65
CA GLY C 268 5.30 -27.92 5.04
C GLY C 268 4.70 -28.50 3.77
N ASP C 269 3.39 -28.72 3.80
CA ASP C 269 2.68 -29.23 2.62
C ASP C 269 2.71 -28.24 1.47
N ARG C 270 2.62 -26.94 1.79
CA ARG C 270 2.76 -25.87 0.80
C ARG C 270 4.19 -25.75 0.26
N GLU C 271 5.17 -25.80 1.15
CA GLU C 271 6.58 -25.87 0.74
C GLU C 271 6.83 -27.06 -0.19
N ARG C 272 6.36 -28.24 0.20
CA ARG C 272 6.51 -29.46 -0.60
C ARG C 272 5.91 -29.33 -2.01
N GLU C 273 4.66 -28.88 -2.10
CA GLU C 273 3.99 -28.77 -3.39
C GLU C 273 4.66 -27.72 -4.31
N ARG C 274 5.33 -26.75 -3.70
CA ARG C 274 6.05 -25.71 -4.42
C ARG C 274 7.49 -26.06 -4.74
N GLY C 275 7.97 -27.20 -4.25
CA GLY C 275 9.35 -27.62 -4.49
C GLY C 275 10.37 -26.93 -3.61
N MET C 276 9.91 -26.35 -2.50
CA MET C 276 10.78 -25.64 -1.57
C MET C 276 11.31 -26.63 -0.54
N GLU C 277 12.42 -26.27 0.10
CA GLU C 277 12.89 -27.00 1.29
C GLU C 277 11.81 -26.88 2.35
N ILE C 278 11.48 -28.01 3.00
CA ILE C 278 10.48 -28.01 4.06
C ILE C 278 11.11 -27.47 5.35
N SER C 279 10.46 -26.50 5.98
CA SER C 279 10.98 -25.85 7.17
C SER C 279 11.08 -26.85 8.34
N PRO C 280 11.94 -26.55 9.32
CA PRO C 280 12.06 -27.41 10.49
C PRO C 280 10.73 -27.54 11.23
N MET C 281 10.36 -28.76 11.59
CA MET C 281 9.13 -29.07 12.33
C MET C 281 7.87 -29.11 11.45
N CYS C 282 8.02 -28.89 10.13
CA CYS C 282 6.87 -28.74 9.22
C CYS C 282 6.61 -29.94 8.28
N ASP C 283 7.39 -31.00 8.43
CA ASP C 283 7.24 -32.20 7.62
C ASP C 283 6.43 -33.29 8.35
N LYS C 284 5.19 -33.48 7.92
CA LYS C 284 4.30 -34.46 8.55
C LYS C 284 4.77 -35.91 8.34
N HIS C 285 5.57 -36.14 7.30
CA HIS C 285 6.11 -37.49 7.01
C HIS C 285 7.39 -37.77 7.76
N ASN C 286 7.99 -36.75 8.37
CA ASN C 286 9.20 -36.93 9.14
C ASN C 286 9.11 -36.23 10.49
N ALA C 287 8.01 -36.45 11.19
CA ALA C 287 7.71 -35.75 12.44
C ALA C 287 8.05 -36.60 13.65
N SER C 288 8.45 -35.94 14.73
CA SER C 288 8.64 -36.55 16.05
C SER C 288 8.05 -35.62 17.11
N VAL C 289 6.73 -35.58 17.19
CA VAL C 289 6.04 -34.54 17.95
C VAL C 289 6.40 -34.54 19.43
N GLU C 290 6.37 -35.72 20.06
CA GLU C 290 6.65 -35.86 21.49
C GLU C 290 8.09 -35.47 21.82
N LYS C 291 9.04 -36.00 21.05
CA LYS C 291 10.46 -35.64 21.23
C LYS C 291 10.72 -34.16 21.01
N SER C 292 10.03 -33.57 20.04
CA SER C 292 10.19 -32.15 19.73
C SER C 292 9.71 -31.24 20.86
N GLN C 293 8.61 -31.62 21.51
CA GLN C 293 8.12 -30.88 22.68
C GLN C 293 9.10 -30.91 23.86
N VAL C 294 9.71 -32.07 24.09
CA VAL C 294 10.71 -32.17 25.14
C VAL C 294 11.89 -31.24 24.80
N GLY C 295 12.29 -31.23 23.53
CA GLY C 295 13.37 -30.33 23.06
C GLY C 295 12.98 -28.86 23.20
N PHE C 296 11.77 -28.53 22.77
CA PHE C 296 11.21 -27.17 22.94
C PHE C 296 11.30 -26.70 24.40
N ILE C 297 10.83 -27.51 25.34
CA ILE C 297 10.88 -27.16 26.78
C ILE C 297 12.33 -27.05 27.27
N ASP C 298 13.14 -28.06 26.95
CA ASP C 298 14.53 -28.08 27.41
C ASP C 298 15.37 -26.90 26.92
N TYR C 299 15.23 -26.54 25.65
CA TYR C 299 16.13 -25.55 25.03
C TYR C 299 15.59 -24.14 24.91
N ILE C 300 14.27 -23.98 24.98
CA ILE C 300 13.67 -22.66 24.83
C ILE C 300 12.81 -22.26 26.03
N VAL C 301 11.81 -23.07 26.35
CA VAL C 301 10.77 -22.64 27.29
C VAL C 301 11.26 -22.70 28.73
N HIS C 302 11.91 -23.79 29.11
CA HIS C 302 12.43 -23.88 30.49
C HIS C 302 13.52 -22.82 30.82
N PRO C 303 14.55 -22.66 29.95
CA PRO C 303 15.52 -21.61 30.20
C PRO C 303 14.90 -20.22 30.40
N LEU C 304 13.91 -19.88 29.57
CA LEU C 304 13.22 -18.59 29.67
C LEU C 304 12.49 -18.45 30.99
N TRP C 305 11.60 -19.39 31.27
CA TRP C 305 10.75 -19.35 32.46
C TRP C 305 11.51 -19.54 33.78
N GLU C 306 12.62 -20.26 33.73
CA GLU C 306 13.53 -20.36 34.88
C GLU C 306 14.11 -18.99 35.20
N THR C 307 14.48 -18.23 34.17
CA THR C 307 14.98 -16.86 34.34
C THR C 307 13.89 -15.90 34.82
N TRP C 308 12.70 -15.96 34.21
CA TRP C 308 11.55 -15.21 34.73
C TRP C 308 11.26 -15.55 36.21
N ALA C 309 11.28 -16.85 36.53
CA ALA C 309 11.04 -17.32 37.90
C ALA C 309 12.05 -16.72 38.89
N ASP C 310 13.29 -16.51 38.46
CA ASP C 310 14.32 -15.84 39.27
C ASP C 310 14.04 -14.36 39.45
N LEU C 311 13.62 -13.69 38.37
CA LEU C 311 13.27 -12.27 38.44
C LEU C 311 12.19 -12.00 39.48
N VAL C 312 11.16 -12.85 39.51
CA VAL C 312 10.01 -12.66 40.38
C VAL C 312 9.94 -13.69 41.53
N HIS C 313 11.08 -14.33 41.82
CA HIS C 313 11.14 -15.38 42.87
C HIS C 313 10.43 -14.94 44.15
N PRO C 314 9.54 -15.80 44.69
CA PRO C 314 9.16 -17.15 44.27
C PRO C 314 7.83 -17.21 43.53
N ASP C 315 7.36 -16.07 43.00
CA ASP C 315 6.00 -15.95 42.45
C ASP C 315 5.65 -17.02 41.40
N ALA C 316 6.64 -17.49 40.64
CA ALA C 316 6.39 -18.35 39.47
C ALA C 316 6.67 -19.82 39.71
N GLN C 317 6.72 -20.27 40.96
CA GLN C 317 7.17 -21.63 41.26
C GLN C 317 6.17 -22.69 40.74
N ASP C 318 4.89 -22.42 40.91
CA ASP C 318 3.83 -23.33 40.44
C ASP C 318 3.78 -23.44 38.90
N ILE C 319 4.05 -22.32 38.20
CA ILE C 319 4.16 -22.32 36.74
C ILE C 319 5.32 -23.21 36.29
N LEU C 320 6.46 -23.02 36.94
CA LEU C 320 7.66 -23.80 36.66
C LEU C 320 7.45 -25.30 36.95
N ASP C 321 6.70 -25.62 38.00
CA ASP C 321 6.38 -27.02 38.36
C ASP C 321 5.46 -27.68 37.33
N THR C 322 4.46 -26.93 36.88
CA THR C 322 3.57 -27.42 35.84
C THR C 322 4.37 -27.73 34.56
N LEU C 323 5.24 -26.79 34.18
CA LEU C 323 6.13 -26.97 33.02
C LEU C 323 6.93 -28.27 33.12
N GLU C 324 7.56 -28.47 34.28
CA GLU C 324 8.39 -29.65 34.51
C GLU C 324 7.55 -30.94 34.48
N ASP C 325 6.35 -30.91 35.04
CA ASP C 325 5.40 -32.03 34.92
C ASP C 325 5.01 -32.35 33.48
N ASN C 326 4.69 -31.32 32.70
CA ASN C 326 4.32 -31.52 31.29
C ASN C 326 5.49 -32.09 30.48
N ARG C 327 6.68 -31.57 30.73
CA ARG C 327 7.92 -32.08 30.13
C ARG C 327 8.03 -33.59 30.32
N GLU C 328 7.78 -34.05 31.54
CA GLU C 328 7.85 -35.46 31.86
C GLU C 328 6.73 -36.28 31.21
N TRP C 329 5.53 -35.71 31.13
CA TRP C 329 4.44 -36.39 30.44
C TRP C 329 4.78 -36.64 28.98
N TYR C 330 5.26 -35.60 28.30
CA TYR C 330 5.64 -35.74 26.89
C TYR C 330 6.81 -36.72 26.71
N GLN C 331 7.77 -36.68 27.63
CA GLN C 331 8.89 -37.63 27.62
C GLN C 331 8.41 -39.07 27.57
N SER C 332 7.51 -39.43 28.49
CA SER C 332 7.03 -40.81 28.61
C SER C 332 6.17 -41.25 27.41
N THR C 333 5.64 -40.28 26.68
CA THR C 333 4.88 -40.53 25.45
C THR C 333 5.77 -40.74 24.23
N ILE C 334 7.08 -40.53 24.37
CA ILE C 334 8.01 -40.76 23.26
C ILE C 334 7.98 -42.24 22.90
N PRO C 335 7.54 -42.58 21.67
CA PRO C 335 7.26 -43.97 21.28
C PRO C 335 8.50 -44.85 21.32
N GLN C 336 8.34 -46.03 21.91
CA GLN C 336 9.44 -46.89 22.37
C GLN C 336 10.49 -46.13 23.20
N ILE D 3 21.87 3.38 -27.76
CA ILE D 3 22.59 4.13 -28.83
C ILE D 3 23.57 5.18 -28.26
N PRO D 4 23.06 6.13 -27.42
CA PRO D 4 23.96 7.19 -26.91
C PRO D 4 25.16 6.68 -26.09
N ARG D 5 26.29 7.37 -26.25
CA ARG D 5 27.58 6.98 -25.66
C ARG D 5 27.54 6.82 -24.13
N PHE D 6 26.93 7.78 -23.44
CA PHE D 6 26.91 7.81 -21.96
C PHE D 6 25.56 7.43 -21.34
N GLY D 7 24.70 6.77 -22.12
CA GLY D 7 23.36 6.37 -21.65
C GLY D 7 22.32 7.46 -21.79
N VAL D 8 22.76 8.65 -22.19
CA VAL D 8 21.91 9.83 -22.29
C VAL D 8 22.35 10.68 -23.47
N LYS D 9 21.38 11.17 -24.24
CA LYS D 9 21.66 12.07 -25.35
C LYS D 9 22.00 13.46 -24.82
N THR D 10 23.00 14.09 -25.45
CA THR D 10 23.48 15.41 -25.05
C THR D 10 24.23 16.00 -26.25
N GLU D 11 24.12 17.31 -26.46
CA GLU D 11 24.89 17.93 -27.56
C GLU D 11 26.30 18.38 -27.13
N GLN D 12 26.53 18.45 -25.82
CA GLN D 12 27.88 18.65 -25.28
C GLN D 12 28.49 17.32 -24.84
N GLU D 13 28.30 16.28 -25.65
CA GLU D 13 28.77 14.94 -25.32
C GLU D 13 30.29 14.87 -25.16
N ASP D 14 30.99 15.78 -25.84
CA ASP D 14 32.46 15.85 -25.79
C ASP D 14 32.93 16.41 -24.46
N VAL D 15 32.32 17.52 -24.04
CA VAL D 15 32.63 18.12 -22.74
C VAL D 15 32.26 17.15 -21.60
N LEU D 16 31.16 16.40 -21.79
CA LEU D 16 30.73 15.38 -20.81
C LEU D 16 31.72 14.22 -20.75
N ALA D 17 32.27 13.84 -21.90
CA ALA D 17 33.29 12.80 -21.99
C ALA D 17 34.53 13.12 -21.17
N LYS D 18 35.02 14.34 -21.27
CA LYS D 18 36.24 14.71 -20.57
C LYS D 18 36.02 14.76 -19.07
N GLU D 19 34.83 15.17 -18.63
CA GLU D 19 34.50 15.13 -17.21
C GLU D 19 34.44 13.69 -16.70
N LEU D 20 33.82 12.80 -17.47
CA LEU D 20 33.62 11.42 -17.03
C LEU D 20 34.89 10.58 -16.99
N GLU D 21 35.97 11.12 -17.55
CA GLU D 21 37.29 10.50 -17.40
C GLU D 21 37.80 10.56 -15.96
N ASP D 22 37.22 11.45 -15.15
CA ASP D 22 37.53 11.55 -13.73
C ASP D 22 36.65 10.64 -12.84
N VAL D 23 35.93 9.68 -13.43
CA VAL D 23 34.98 8.86 -12.67
C VAL D 23 35.65 8.01 -11.59
N ASN D 24 36.93 7.66 -11.78
CA ASN D 24 37.67 6.90 -10.78
C ASN D 24 38.42 7.78 -9.76
N LYS D 25 38.14 9.08 -9.75
CA LYS D 25 38.87 10.00 -8.88
C LYS D 25 37.99 10.65 -7.84
N TRP D 26 38.58 10.91 -6.67
CA TRP D 26 37.94 11.66 -5.59
C TRP D 26 37.88 13.12 -6.03
N GLY D 27 36.70 13.75 -5.93
CA GLY D 27 36.57 15.13 -6.40
C GLY D 27 36.11 15.34 -7.85
N LEU D 28 35.56 14.30 -8.48
CA LEU D 28 34.80 14.44 -9.71
C LEU D 28 33.89 15.67 -9.64
N HIS D 29 33.83 16.41 -10.75
CA HIS D 29 32.98 17.59 -10.88
C HIS D 29 31.54 17.15 -11.13
N VAL D 30 30.87 16.70 -10.07
CA VAL D 30 29.54 16.06 -10.21
C VAL D 30 28.42 17.06 -10.61
N PHE D 31 28.53 18.31 -10.16
CA PHE D 31 27.54 19.32 -10.51
C PHE D 31 27.66 19.68 -12.00
N ARG D 32 28.88 19.77 -12.51
CA ARG D 32 29.10 20.00 -13.93
C ARG D 32 28.56 18.83 -14.77
N ILE D 33 28.77 17.59 -14.32
CA ILE D 33 28.18 16.42 -14.98
C ILE D 33 26.65 16.46 -14.98
N ALA D 34 26.06 16.88 -13.86
CA ALA D 34 24.60 17.06 -13.76
C ALA D 34 24.09 18.04 -14.84
N GLU D 35 24.79 19.16 -15.02
CA GLU D 35 24.41 20.15 -16.03
C GLU D 35 24.58 19.62 -17.46
N LEU D 36 25.75 19.09 -17.76
CA LEU D 36 26.08 18.59 -19.10
C LEU D 36 25.24 17.41 -19.55
N SER D 37 24.69 16.66 -18.60
CA SER D 37 23.89 15.48 -18.92
C SER D 37 22.38 15.76 -18.96
N GLY D 38 22.00 17.03 -18.84
CA GLY D 38 20.58 17.41 -18.77
C GLY D 38 19.88 16.90 -17.52
N ASN D 39 20.58 17.03 -16.40
CA ASN D 39 20.12 16.57 -15.09
C ASN D 39 19.94 15.05 -15.03
N ARG D 40 20.89 14.33 -15.61
CA ARG D 40 20.94 12.88 -15.52
C ARG D 40 22.26 12.40 -14.89
N PRO D 41 22.73 13.06 -13.81
CA PRO D 41 24.01 12.62 -13.25
C PRO D 41 24.01 11.16 -12.74
N LEU D 42 22.89 10.72 -12.15
CA LEU D 42 22.81 9.36 -11.61
C LEU D 42 22.81 8.31 -12.74
N THR D 43 22.03 8.55 -13.78
CA THR D 43 22.00 7.66 -14.93
C THR D 43 23.36 7.59 -15.65
N VAL D 44 24.01 8.72 -15.89
CA VAL D 44 25.29 8.67 -16.66
C VAL D 44 26.45 8.09 -15.84
N ILE D 45 26.50 8.44 -14.56
CA ILE D 45 27.54 7.93 -13.67
C ILE D 45 27.38 6.42 -13.40
N MET D 46 26.15 5.96 -13.14
CA MET D 46 25.92 4.52 -12.99
C MET D 46 26.25 3.74 -14.27
N HIS D 47 25.78 4.24 -15.42
CA HIS D 47 26.10 3.59 -16.70
C HIS D 47 27.62 3.48 -16.90
N THR D 48 28.31 4.57 -16.63
CA THR D 48 29.78 4.62 -16.77
C THR D 48 30.47 3.60 -15.87
N ILE D 49 30.07 3.54 -14.60
CA ILE D 49 30.64 2.62 -13.63
C ILE D 49 30.33 1.16 -13.98
N PHE D 50 29.08 0.88 -14.35
CA PHE D 50 28.69 -0.47 -14.77
C PHE D 50 29.51 -0.97 -15.97
N GLN D 51 29.71 -0.12 -16.97
CA GLN D 51 30.53 -0.48 -18.14
C GLN D 51 32.01 -0.66 -17.72
N GLU D 52 32.53 0.32 -16.97
CA GLU D 52 33.90 0.27 -16.41
C GLU D 52 34.21 -1.05 -15.69
N ARG D 53 33.28 -1.49 -14.84
CA ARG D 53 33.44 -2.71 -14.05
C ARG D 53 32.94 -3.98 -14.77
N ASP D 54 32.44 -3.83 -15.98
CA ASP D 54 32.00 -4.96 -16.82
C ASP D 54 30.78 -5.69 -16.23
N LEU D 55 29.97 -4.96 -15.47
CA LEU D 55 28.84 -5.56 -14.76
C LEU D 55 27.68 -6.01 -15.65
N LEU D 56 27.53 -5.36 -16.81
CA LEU D 56 26.47 -5.76 -17.75
C LEU D 56 26.75 -7.15 -18.32
N LYS D 57 27.98 -7.40 -18.75
CA LYS D 57 28.39 -8.74 -19.16
C LYS D 57 28.33 -9.79 -18.04
N THR D 58 28.95 -9.46 -16.91
CA THR D 58 29.00 -10.39 -15.77
C THR D 58 27.60 -10.85 -15.35
N PHE D 59 26.65 -9.91 -15.28
CA PHE D 59 25.31 -10.24 -14.75
C PHE D 59 24.22 -10.27 -15.83
N LYS D 60 24.65 -10.29 -17.09
CA LYS D 60 23.75 -10.38 -18.25
C LYS D 60 22.62 -9.38 -18.14
N ILE D 61 22.98 -8.12 -17.88
CA ILE D 61 22.01 -7.05 -17.75
C ILE D 61 21.86 -6.41 -19.12
N PRO D 62 20.66 -6.50 -19.73
CA PRO D 62 20.47 -5.77 -21.00
C PRO D 62 20.72 -4.29 -20.85
N VAL D 63 21.37 -3.67 -21.83
CA VAL D 63 21.72 -2.28 -21.68
C VAL D 63 20.49 -1.36 -21.66
N ASP D 64 19.47 -1.68 -22.46
CA ASP D 64 18.23 -0.92 -22.45
C ASP D 64 17.51 -1.03 -21.09
N THR D 65 17.56 -2.22 -20.49
CA THR D 65 16.99 -2.48 -19.17
C THR D 65 17.71 -1.66 -18.11
N LEU D 66 19.04 -1.62 -18.18
CA LEU D 66 19.81 -0.77 -17.26
C LEU D 66 19.46 0.70 -17.35
N ILE D 67 19.43 1.25 -18.57
CA ILE D 67 19.17 2.67 -18.71
C ILE D 67 17.74 3.00 -18.29
N THR D 68 16.77 2.17 -18.64
CA THR D 68 15.36 2.42 -18.25
C THR D 68 15.22 2.44 -16.71
N TYR D 69 15.80 1.44 -16.04
CA TYR D 69 15.82 1.40 -14.58
C TYR D 69 16.48 2.65 -13.98
N LEU D 70 17.66 3.00 -14.49
CA LEU D 70 18.40 4.16 -13.96
C LEU D 70 17.61 5.46 -14.10
N MET D 71 17.02 5.69 -15.28
CA MET D 71 16.21 6.87 -15.47
C MET D 71 15.02 6.89 -14.52
N THR D 72 14.40 5.72 -14.34
CA THR D 72 13.26 5.55 -13.45
C THR D 72 13.62 5.84 -11.98
N LEU D 73 14.72 5.26 -11.54
CA LEU D 73 15.25 5.49 -10.20
C LEU D 73 15.52 6.98 -9.96
N GLU D 74 16.25 7.59 -10.90
CA GLU D 74 16.59 9.00 -10.85
C GLU D 74 15.35 9.88 -10.79
N ASP D 75 14.34 9.55 -11.59
CA ASP D 75 13.04 10.24 -11.59
C ASP D 75 12.31 10.22 -10.24
N HIS D 76 12.64 9.24 -9.39
CA HIS D 76 12.04 9.13 -8.05
C HIS D 76 12.85 9.81 -6.93
N TYR D 77 13.95 10.44 -7.31
CA TYR D 77 14.57 11.47 -6.49
C TYR D 77 13.87 12.81 -6.80
N HIS D 78 13.53 13.55 -5.75
CA HIS D 78 12.72 14.76 -5.85
C HIS D 78 13.53 15.96 -6.34
N ALA D 79 13.12 16.57 -7.45
CA ALA D 79 13.85 17.72 -8.01
C ALA D 79 13.80 18.95 -7.11
N ASP D 80 12.76 19.04 -6.28
CA ASP D 80 12.55 20.19 -5.40
C ASP D 80 13.31 20.10 -4.04
N VAL D 81 14.01 19.00 -3.78
CA VAL D 81 14.74 18.80 -2.53
C VAL D 81 16.20 19.21 -2.80
N ALA D 82 16.73 20.15 -2.01
CA ALA D 82 18.05 20.79 -2.31
C ALA D 82 19.24 19.88 -2.11
N TYR D 83 19.20 19.00 -1.11
CA TYR D 83 20.31 18.07 -0.84
C TYR D 83 20.03 16.60 -1.22
N HIS D 84 18.98 16.00 -0.64
CA HIS D 84 18.67 14.58 -0.87
C HIS D 84 17.99 14.36 -2.22
N ASN D 85 18.76 14.61 -3.28
CA ASN D 85 18.26 14.53 -4.65
C ASN D 85 19.19 13.65 -5.50
N ASN D 86 18.93 13.61 -6.81
CA ASN D 86 19.69 12.77 -7.73
C ASN D 86 21.20 13.06 -7.76
N ILE D 87 21.59 14.31 -7.51
CA ILE D 87 23.00 14.67 -7.52
C ILE D 87 23.70 14.06 -6.32
N HIS D 88 23.07 14.11 -5.16
CA HIS D 88 23.58 13.45 -3.96
C HIS D 88 23.70 11.95 -4.20
N ALA D 89 22.67 11.35 -4.80
CA ALA D 89 22.72 9.90 -5.08
C ALA D 89 23.91 9.58 -5.97
N ALA D 90 24.08 10.34 -7.05
CA ALA D 90 25.17 10.13 -8.01
C ALA D 90 26.55 10.28 -7.32
N ASP D 91 26.63 11.25 -6.41
CA ASP D 91 27.84 11.53 -5.65
C ASP D 91 28.19 10.36 -4.76
N VAL D 92 27.20 9.81 -4.05
CA VAL D 92 27.44 8.69 -3.14
C VAL D 92 27.85 7.44 -3.93
N VAL D 93 27.18 7.19 -5.06
CA VAL D 93 27.55 6.10 -5.97
C VAL D 93 29.03 6.23 -6.38
N GLN D 94 29.41 7.41 -6.86
CA GLN D 94 30.75 7.59 -7.40
C GLN D 94 31.81 7.53 -6.31
N SER D 95 31.46 8.02 -5.11
CA SER D 95 32.38 7.94 -3.96
C SER D 95 32.58 6.48 -3.49
N THR D 96 31.50 5.71 -3.45
CA THR D 96 31.57 4.27 -3.17
C THR D 96 32.44 3.54 -4.21
N HIS D 97 32.24 3.86 -5.48
CA HIS D 97 33.06 3.29 -6.56
C HIS D 97 34.56 3.52 -6.30
N VAL D 98 34.91 4.72 -5.87
CA VAL D 98 36.33 5.04 -5.60
C VAL D 98 36.83 4.27 -4.39
N LEU D 99 36.05 4.22 -3.32
CA LEU D 99 36.44 3.47 -2.12
C LEU D 99 36.61 1.98 -2.38
N LEU D 100 35.73 1.42 -3.21
CA LEU D 100 35.82 0.01 -3.63
C LEU D 100 37.14 -0.34 -4.35
N SER D 101 37.71 0.65 -5.04
CA SER D 101 38.91 0.48 -5.86
C SER D 101 40.19 0.74 -5.09
N THR D 102 40.10 0.95 -3.78
CA THR D 102 41.26 1.28 -3.00
C THR D 102 42.24 0.09 -2.98
N PRO D 103 43.56 0.35 -3.08
CA PRO D 103 44.53 -0.78 -3.07
C PRO D 103 44.36 -1.82 -1.94
N ALA D 104 44.10 -1.35 -0.72
CA ALA D 104 43.94 -2.23 0.44
C ALA D 104 42.74 -3.22 0.32
N LEU D 105 41.82 -2.96 -0.59
CA LEU D 105 40.66 -3.84 -0.75
C LEU D 105 40.70 -4.62 -2.06
N GLU D 106 41.82 -4.56 -2.80
CA GLU D 106 41.89 -5.19 -4.11
C GLU D 106 41.61 -6.70 -4.03
N ALA D 107 40.70 -7.15 -4.90
CA ALA D 107 40.21 -8.53 -4.93
C ALA D 107 39.60 -9.08 -3.63
N VAL D 108 39.22 -8.21 -2.71
CA VAL D 108 38.61 -8.64 -1.44
C VAL D 108 37.12 -9.01 -1.64
N PHE D 109 36.42 -8.23 -2.46
CA PHE D 109 34.98 -8.42 -2.68
C PHE D 109 34.65 -9.04 -4.03
N THR D 110 33.62 -9.86 -4.03
CA THR D 110 33.12 -10.49 -5.25
C THR D 110 32.38 -9.48 -6.11
N ASP D 111 32.14 -9.84 -7.36
CA ASP D 111 31.37 -9.01 -8.28
C ASP D 111 29.96 -8.72 -7.77
N LEU D 112 29.36 -9.71 -7.11
CA LEU D 112 28.03 -9.55 -6.53
C LEU D 112 28.05 -8.58 -5.34
N GLU D 113 29.11 -8.65 -4.54
CA GLU D 113 29.30 -7.74 -3.42
C GLU D 113 29.50 -6.31 -3.93
N ILE D 114 30.31 -6.15 -4.98
CA ILE D 114 30.50 -4.87 -5.63
C ILE D 114 29.17 -4.34 -6.19
N LEU D 115 28.44 -5.18 -6.92
CA LEU D 115 27.11 -4.80 -7.42
C LEU D 115 26.16 -4.31 -6.29
N ALA D 116 26.16 -5.02 -5.17
CA ALA D 116 25.31 -4.68 -4.01
C ALA D 116 25.66 -3.31 -3.44
N ALA D 117 26.96 -3.05 -3.30
CA ALA D 117 27.44 -1.81 -2.74
C ALA D 117 27.05 -0.61 -3.61
N ILE D 118 27.22 -0.77 -4.92
CA ILE D 118 26.94 0.28 -5.88
C ILE D 118 25.42 0.50 -6.01
N PHE D 119 24.67 -0.59 -6.16
CA PHE D 119 23.20 -0.51 -6.19
C PHE D 119 22.61 0.10 -4.94
N ALA D 120 23.09 -0.34 -3.76
CA ALA D 120 22.71 0.24 -2.47
C ALA D 120 22.96 1.76 -2.44
N SER D 121 24.15 2.17 -2.89
CA SER D 121 24.51 3.59 -2.98
C SER D 121 23.53 4.35 -3.89
N ALA D 122 23.17 3.78 -5.04
CA ALA D 122 22.26 4.42 -6.01
C ALA D 122 20.84 4.67 -5.44
N ILE D 123 20.33 3.69 -4.69
CA ILE D 123 18.95 3.76 -4.16
C ILE D 123 18.81 4.32 -2.72
N HIS D 124 19.91 4.61 -2.04
CA HIS D 124 19.88 4.74 -0.57
C HIS D 124 19.06 5.91 -0.01
N ASP D 125 18.78 6.93 -0.83
CA ASP D 125 17.91 8.04 -0.47
C ASP D 125 16.71 8.28 -1.41
N VAL D 126 16.32 7.30 -2.21
CA VAL D 126 15.29 7.51 -3.23
C VAL D 126 13.94 7.85 -2.58
N ASP D 127 13.22 8.80 -3.21
CA ASP D 127 11.94 9.32 -2.73
C ASP D 127 12.03 10.05 -1.36
N HIS D 128 13.20 10.60 -1.07
CA HIS D 128 13.41 11.36 0.15
C HIS D 128 12.55 12.63 0.05
N PRO D 129 11.68 12.87 1.06
CA PRO D 129 10.81 14.05 1.03
C PRO D 129 11.47 15.36 1.50
N GLY D 130 12.71 15.29 1.96
CA GLY D 130 13.40 16.50 2.41
C GLY D 130 13.15 16.85 3.88
N VAL D 131 12.55 15.92 4.63
CA VAL D 131 12.35 16.03 6.09
C VAL D 131 12.83 14.77 6.80
N SER D 132 13.14 14.91 8.08
CA SER D 132 13.75 13.85 8.90
C SER D 132 12.73 12.80 9.31
N ASN D 133 13.24 11.64 9.75
CA ASN D 133 12.40 10.63 10.39
C ASN D 133 11.50 11.20 11.52
N GLN D 134 12.07 12.02 12.39
CA GLN D 134 11.31 12.58 13.54
C GLN D 134 10.12 13.45 13.10
N PHE D 135 10.30 14.24 12.04
CA PHE D 135 9.22 15.03 11.46
C PHE D 135 8.09 14.12 10.96
N LEU D 136 8.43 13.08 10.21
CA LEU D 136 7.45 12.08 9.76
C LEU D 136 6.77 11.37 10.93
N ILE D 137 7.52 11.09 11.99
CA ILE D 137 6.96 10.42 13.15
C ILE D 137 5.99 11.35 13.89
N ASN D 138 6.41 12.57 14.12
CA ASN D 138 5.61 13.51 14.93
C ASN D 138 4.32 13.97 14.26
N THR D 139 4.30 13.97 12.92
CA THR D 139 3.12 14.32 12.14
C THR D 139 2.17 13.14 11.95
N ASN D 140 2.52 11.98 12.50
CA ASN D 140 1.75 10.74 12.31
C ASN D 140 1.57 10.44 10.82
N SER D 141 2.63 10.65 10.04
CA SER D 141 2.61 10.32 8.62
C SER D 141 2.31 8.83 8.38
N GLU D 142 1.64 8.55 7.27
CA GLU D 142 1.39 7.21 6.80
C GLU D 142 2.69 6.37 6.76
N LEU D 143 3.79 6.96 6.31
CA LEU D 143 5.07 6.22 6.27
C LEU D 143 5.55 5.77 7.64
N ALA D 144 5.50 6.68 8.61
CA ALA D 144 5.85 6.35 10.00
C ALA D 144 4.94 5.26 10.57
N LEU D 145 3.67 5.32 10.21
CA LEU D 145 2.71 4.31 10.62
C LEU D 145 3.07 2.94 10.03
N MET D 146 3.41 2.91 8.75
CA MET D 146 3.78 1.66 8.08
C MET D 146 5.00 1.04 8.71
N TYR D 147 6.00 1.87 9.02
CA TYR D 147 7.27 1.36 9.49
C TYR D 147 7.53 1.48 10.99
N ASN D 148 6.46 1.69 11.77
CA ASN D 148 6.55 1.62 13.23
C ASN D 148 7.63 2.54 13.79
N ASP D 149 7.67 3.74 13.21
CA ASP D 149 8.63 4.79 13.61
C ASP D 149 10.10 4.39 13.64
N SER D 150 10.46 3.28 12.99
CA SER D 150 11.80 2.71 13.12
C SER D 150 12.51 2.79 11.75
N SER D 151 13.60 3.55 11.65
CA SER D 151 14.27 3.80 10.37
C SER D 151 13.26 4.01 9.22
N VAL D 152 12.34 4.95 9.41
CA VAL D 152 11.21 5.12 8.49
C VAL D 152 11.68 5.37 7.04
N LEU D 153 12.52 6.39 6.87
CA LEU D 153 12.98 6.79 5.55
C LEU D 153 13.82 5.69 4.90
N GLU D 154 14.69 5.08 5.70
CA GLU D 154 15.66 4.09 5.16
C GLU D 154 14.94 2.82 4.70
N ASN D 155 13.94 2.40 5.49
CA ASN D 155 13.05 1.34 5.03
C ASN D 155 12.33 1.71 3.73
N HIS D 156 11.84 2.95 3.61
CA HIS D 156 11.14 3.40 2.42
C HIS D 156 12.04 3.45 1.17
N HIS D 157 13.25 4.00 1.33
CA HIS D 157 14.25 4.06 0.23
C HIS D 157 14.47 2.66 -0.37
N LEU D 158 14.68 1.67 0.49
CA LEU D 158 14.82 0.27 0.06
C LEU D 158 13.58 -0.26 -0.68
N ALA D 159 12.41 -0.10 -0.07
CA ALA D 159 11.14 -0.59 -0.69
C ALA D 159 10.93 0.01 -2.09
N VAL D 160 11.16 1.31 -2.23
CA VAL D 160 11.04 1.98 -3.52
C VAL D 160 12.11 1.48 -4.51
N GLY D 161 13.35 1.41 -4.05
CA GLY D 161 14.47 0.95 -4.90
C GLY D 161 14.18 -0.41 -5.53
N PHE D 162 13.69 -1.33 -4.72
CA PHE D 162 13.31 -2.67 -5.19
C PHE D 162 11.99 -2.67 -6.00
N LYS D 163 11.00 -1.89 -5.57
CA LYS D 163 9.70 -1.81 -6.28
C LYS D 163 9.84 -1.36 -7.73
N LEU D 164 10.73 -0.40 -7.97
CA LEU D 164 10.92 0.15 -9.32
C LEU D 164 11.46 -0.88 -10.31
N LEU D 165 12.07 -1.95 -9.81
CA LEU D 165 12.51 -3.05 -10.68
C LEU D 165 11.33 -3.69 -11.44
N GLN D 166 10.10 -3.49 -10.95
CA GLN D 166 8.87 -4.06 -11.54
C GLN D 166 8.22 -3.19 -12.64
N GLU D 167 8.73 -1.97 -12.84
CA GLU D 167 8.20 -1.14 -13.89
C GLU D 167 8.69 -1.70 -15.23
N GLU D 168 8.13 -1.21 -16.32
CA GLU D 168 8.34 -1.83 -17.63
C GLU D 168 9.80 -1.82 -18.06
N ASN D 169 10.33 -3.01 -18.35
CA ASN D 169 11.72 -3.17 -18.77
C ASN D 169 12.73 -2.59 -17.76
N CYS D 170 12.47 -2.80 -16.47
CA CYS D 170 13.32 -2.27 -15.39
C CYS D 170 14.05 -3.33 -14.54
N ASP D 171 13.76 -4.61 -14.76
CA ASP D 171 14.37 -5.61 -13.88
C ASP D 171 15.80 -5.92 -14.32
N ILE D 172 16.74 -5.12 -13.82
CA ILE D 172 18.17 -5.32 -14.12
C ILE D 172 18.75 -6.62 -13.55
N PHE D 173 18.03 -7.25 -12.62
CA PHE D 173 18.50 -8.49 -12.01
C PHE D 173 17.79 -9.74 -12.57
N GLN D 174 17.14 -9.59 -13.72
CA GLN D 174 16.36 -10.68 -14.32
C GLN D 174 17.16 -11.96 -14.60
N ASN D 175 18.43 -11.81 -14.95
CA ASN D 175 19.29 -12.96 -15.28
C ASN D 175 20.22 -13.45 -14.16
N LEU D 176 20.06 -12.92 -12.93
CA LEU D 176 20.70 -13.50 -11.74
C LEU D 176 19.96 -14.75 -11.30
N THR D 177 20.66 -15.70 -10.67
CA THR D 177 20.00 -16.89 -10.12
C THR D 177 19.26 -16.52 -8.82
N LYS D 178 18.37 -17.40 -8.35
CA LYS D 178 17.71 -17.14 -7.07
C LYS D 178 18.74 -16.97 -5.94
N LYS D 179 19.78 -17.80 -5.93
CA LYS D 179 20.83 -17.67 -4.91
C LYS D 179 21.48 -16.28 -4.96
N GLN D 180 21.84 -15.80 -6.15
CA GLN D 180 22.48 -14.48 -6.33
C GLN D 180 21.54 -13.35 -5.92
N ARG D 181 20.29 -13.44 -6.38
CA ARG D 181 19.25 -12.48 -5.99
C ARG D 181 19.01 -12.44 -4.50
N GLN D 182 18.93 -13.61 -3.83
CA GLN D 182 18.76 -13.60 -2.36
C GLN D 182 19.98 -13.02 -1.63
N SER D 183 21.19 -13.33 -2.08
CA SER D 183 22.39 -12.75 -1.49
C SER D 183 22.46 -11.23 -1.70
N LEU D 184 22.22 -10.79 -2.93
CA LEU D 184 22.28 -9.38 -3.28
C LEU D 184 21.27 -8.59 -2.46
N ARG D 185 20.07 -9.13 -2.38
CA ARG D 185 19.00 -8.47 -1.64
C ARG D 185 19.34 -8.27 -0.17
N LYS D 186 19.86 -9.33 0.48
CA LYS D 186 20.25 -9.21 1.87
C LYS D 186 21.32 -8.13 2.09
N MET D 187 22.35 -8.12 1.25
CA MET D 187 23.44 -7.17 1.41
C MET D 187 22.96 -5.74 1.19
N VAL D 188 22.12 -5.53 0.19
CA VAL D 188 21.59 -4.19 -0.11
C VAL D 188 20.78 -3.66 1.07
N ILE D 189 19.90 -4.51 1.61
CA ILE D 189 19.12 -4.14 2.80
C ILE D 189 20.05 -3.83 4.00
N ASP D 190 21.02 -4.70 4.27
CA ASP D 190 21.95 -4.47 5.40
C ASP D 190 22.70 -3.13 5.27
N ILE D 191 23.13 -2.80 4.06
CA ILE D 191 23.86 -1.56 3.79
C ILE D 191 22.96 -0.31 3.92
N VAL D 192 21.80 -0.30 3.27
CA VAL D 192 20.95 0.90 3.31
C VAL D 192 20.36 1.15 4.71
N LEU D 193 19.96 0.11 5.43
CA LEU D 193 19.46 0.34 6.80
C LEU D 193 20.55 0.91 7.73
N ALA D 194 21.80 0.58 7.44
CA ALA D 194 22.96 1.13 8.16
C ALA D 194 23.24 2.63 7.89
N THR D 195 22.57 3.23 6.89
CA THR D 195 22.73 4.65 6.59
C THR D 195 21.89 5.57 7.48
N ASP D 196 20.99 4.98 8.27
CA ASP D 196 20.27 5.73 9.30
C ASP D 196 21.33 6.30 10.25
N MET D 197 21.38 7.64 10.34
CA MET D 197 22.39 8.31 11.14
C MET D 197 22.32 7.95 12.61
N SER D 198 21.15 7.50 13.07
CA SER D 198 21.03 7.00 14.44
C SER D 198 21.91 5.78 14.70
N LYS D 199 22.34 5.07 13.65
CA LYS D 199 23.22 3.91 13.77
C LYS D 199 24.74 4.26 13.73
N HIS D 200 25.09 5.52 13.55
CA HIS D 200 26.47 5.92 13.30
C HIS D 200 27.46 5.47 14.39
N MET D 201 27.11 5.74 15.64
CA MET D 201 28.01 5.42 16.75
C MET D 201 28.30 3.93 16.83
N ASN D 202 27.27 3.10 16.66
CA ASN D 202 27.46 1.65 16.66
C ASN D 202 28.27 1.13 15.48
N LEU D 203 28.04 1.69 14.29
CA LEU D 203 28.84 1.37 13.11
C LEU D 203 30.32 1.70 13.36
N LEU D 204 30.55 2.89 13.89
CA LEU D 204 31.92 3.35 14.10
C LEU D 204 32.63 2.46 15.11
N ALA D 205 31.94 2.08 16.18
CA ALA D 205 32.48 1.18 17.19
C ALA D 205 32.84 -0.20 16.63
N ASP D 206 32.01 -0.75 15.75
CA ASP D 206 32.32 -1.98 15.00
C ASP D 206 33.59 -1.82 14.16
N LEU D 207 33.65 -0.71 13.42
CA LEU D 207 34.78 -0.43 12.54
C LEU D 207 36.09 -0.35 13.31
N LYS D 208 36.07 0.32 14.47
CA LYS D 208 37.28 0.42 15.32
C LYS D 208 37.76 -0.93 15.84
N THR D 209 36.83 -1.79 16.25
CA THR D 209 37.18 -3.14 16.70
C THR D 209 37.86 -3.89 15.59
N MET D 210 37.34 -3.75 14.38
CA MET D 210 37.95 -4.37 13.22
C MET D 210 39.36 -3.87 12.97
N VAL D 211 39.56 -2.57 13.06
CA VAL D 211 40.91 -2.01 12.87
C VAL D 211 41.85 -2.59 13.93
N GLU D 212 41.37 -2.67 15.17
CA GLU D 212 42.15 -3.20 16.30
C GLU D 212 42.58 -4.65 16.08
N THR D 213 41.77 -5.43 15.39
CA THR D 213 42.10 -6.83 15.10
C THR D 213 42.36 -7.09 13.60
N LYS D 214 42.83 -6.05 12.90
CA LYS D 214 43.02 -6.06 11.44
C LYS D 214 44.00 -7.14 11.01
N LYS D 215 43.61 -7.88 9.98
CA LYS D 215 44.46 -8.89 9.36
C LYS D 215 44.58 -8.59 7.87
N VAL D 216 45.76 -8.86 7.32
CA VAL D 216 45.97 -8.70 5.90
C VAL D 216 46.49 -10.02 5.33
N THR D 217 46.14 -10.30 4.08
CA THR D 217 46.59 -11.51 3.40
C THR D 217 48.08 -11.38 3.00
N SER D 218 48.63 -12.46 2.45
CA SER D 218 49.99 -12.44 1.86
C SER D 218 50.09 -11.46 0.69
N SER D 219 48.95 -11.14 0.07
CA SER D 219 48.85 -10.14 -1.00
C SER D 219 48.78 -8.67 -0.53
N GLY D 220 48.79 -8.47 0.79
CA GLY D 220 48.74 -7.12 1.36
C GLY D 220 47.38 -6.44 1.36
N VAL D 221 46.31 -7.23 1.16
CA VAL D 221 44.94 -6.70 1.20
C VAL D 221 44.18 -7.27 2.42
N LEU D 222 43.13 -6.57 2.81
CA LEU D 222 42.36 -6.92 4.00
C LEU D 222 41.80 -8.35 3.99
N LEU D 223 41.95 -9.06 5.11
CA LEU D 223 41.35 -10.37 5.32
C LEU D 223 39.98 -10.25 5.99
N LEU D 224 38.95 -10.71 5.28
CA LEU D 224 37.56 -10.71 5.78
C LEU D 224 37.03 -12.14 5.64
N ASP D 225 36.82 -12.79 6.78
CA ASP D 225 36.62 -14.24 6.83
C ASP D 225 35.19 -14.71 6.67
N ASN D 226 34.26 -13.82 6.97
CA ASN D 226 32.88 -14.19 7.21
C ASN D 226 31.96 -13.07 6.79
N TYR D 227 30.67 -13.38 6.61
CA TYR D 227 29.69 -12.38 6.16
C TYR D 227 29.64 -11.17 7.07
N SER D 228 29.74 -11.40 8.37
CA SER D 228 29.59 -10.34 9.35
C SER D 228 30.68 -9.27 9.19
N ASP D 229 31.91 -9.70 9.01
CA ASP D 229 33.03 -8.78 8.80
C ASP D 229 32.89 -8.10 7.43
N ARG D 230 32.55 -8.87 6.41
CA ARG D 230 32.39 -8.34 5.07
C ARG D 230 31.30 -7.27 4.93
N ILE D 231 30.13 -7.54 5.48
CA ILE D 231 29.04 -6.57 5.43
C ILE D 231 29.33 -5.35 6.29
N GLN D 232 30.04 -5.52 7.40
CA GLN D 232 30.43 -4.40 8.25
C GLN D 232 31.29 -3.41 7.45
N VAL D 233 32.23 -3.95 6.68
CA VAL D 233 33.11 -3.12 5.85
C VAL D 233 32.31 -2.39 4.79
N LEU D 234 31.40 -3.09 4.10
CA LEU D 234 30.57 -2.48 3.07
C LEU D 234 29.61 -1.43 3.66
N GLN D 235 29.02 -1.71 4.81
CA GLN D 235 28.15 -0.75 5.51
C GLN D 235 28.89 0.57 5.82
N ASN D 236 30.05 0.41 6.43
CA ASN D 236 30.90 1.56 6.75
C ASN D 236 31.41 2.28 5.49
N MET D 237 31.67 1.54 4.41
CA MET D 237 32.14 2.14 3.15
C MET D 237 31.08 3.08 2.56
N VAL D 238 29.85 2.57 2.43
CA VAL D 238 28.74 3.40 1.95
C VAL D 238 28.42 4.55 2.92
N HIS D 239 28.49 4.31 4.24
CA HIS D 239 28.32 5.33 5.26
C HIS D 239 29.37 6.44 5.14
N CYS D 240 30.64 6.06 4.94
CA CYS D 240 31.70 7.03 4.60
C CYS D 240 31.40 7.86 3.33
N ALA D 241 30.93 7.19 2.27
CA ALA D 241 30.58 7.88 1.02
C ALA D 241 29.44 8.90 1.28
N ASP D 242 28.43 8.47 2.04
CA ASP D 242 27.32 9.31 2.45
C ASP D 242 27.82 10.56 3.23
N LEU D 243 28.81 10.36 4.10
CA LEU D 243 29.43 11.44 4.91
C LEU D 243 30.77 11.92 4.32
N SER D 244 30.87 11.94 2.98
CA SER D 244 32.13 12.28 2.30
C SER D 244 32.26 13.76 1.88
N ASN D 245 31.17 14.52 1.99
CA ASN D 245 31.18 15.92 1.50
C ASN D 245 32.37 16.76 2.05
N PRO D 246 32.62 16.73 3.36
CA PRO D 246 33.73 17.54 3.92
C PRO D 246 35.13 17.10 3.51
N THR D 247 35.26 15.91 2.90
CA THR D 247 36.54 15.35 2.47
C THR D 247 36.85 15.66 1.00
N LYS D 248 35.91 16.33 0.34
CA LYS D 248 36.05 16.65 -1.08
C LYS D 248 36.72 18.01 -1.19
N PRO D 249 37.22 18.37 -2.40
CA PRO D 249 37.74 19.73 -2.64
C PRO D 249 36.78 20.79 -2.11
N LEU D 250 37.33 21.85 -1.53
CA LEU D 250 36.54 22.85 -0.82
C LEU D 250 35.39 23.41 -1.64
N GLN D 251 35.61 23.62 -2.93
CA GLN D 251 34.58 24.20 -3.79
C GLN D 251 33.36 23.29 -3.92
N LEU D 252 33.58 21.98 -3.86
CA LEU D 252 32.47 21.00 -3.86
C LEU D 252 31.79 20.96 -2.48
N TYR D 253 32.58 20.83 -1.42
CA TYR D 253 32.08 20.84 -0.05
C TYR D 253 31.18 22.05 0.25
N ARG D 254 31.62 23.25 -0.15
CA ARG D 254 30.80 24.45 0.14
C ARG D 254 29.42 24.41 -0.51
N GLN D 255 29.36 23.94 -1.75
CA GLN D 255 28.11 23.72 -2.44
C GLN D 255 27.21 22.73 -1.71
N TRP D 256 27.79 21.63 -1.21
CA TRP D 256 27.00 20.64 -0.44
C TRP D 256 26.47 21.25 0.85
N THR D 257 27.27 22.10 1.50
CA THR D 257 26.86 22.73 2.75
C THR D 257 25.67 23.65 2.48
N ASP D 258 25.76 24.42 1.41
CA ASP D 258 24.70 25.34 1.03
C ASP D 258 23.40 24.57 0.79
N ARG D 259 23.51 23.40 0.17
CA ARG D 259 22.33 22.61 -0.17
C ARG D 259 21.66 22.00 1.06
N ILE D 260 22.44 21.38 1.95
CA ILE D 260 21.87 20.76 3.14
C ILE D 260 21.26 21.81 4.07
N MET D 261 21.90 22.98 4.17
CA MET D 261 21.37 24.09 4.99
C MET D 261 20.04 24.59 4.45
N GLU D 262 19.91 24.67 3.13
CA GLU D 262 18.64 25.03 2.52
C GLU D 262 17.54 24.01 2.89
N GLU D 263 17.86 22.73 2.79
CA GLU D 263 16.90 21.66 3.13
C GLU D 263 16.53 21.68 4.62
N PHE D 264 17.54 21.80 5.49
CA PHE D 264 17.35 21.90 6.94
C PHE D 264 16.49 23.12 7.30
N PHE D 265 16.82 24.29 6.73
CA PHE D 265 16.09 25.53 7.04
C PHE D 265 14.63 25.46 6.59
N ARG D 266 14.38 24.87 5.43
CA ARG D 266 13.01 24.61 4.99
C ARG D 266 12.24 23.69 5.95
N GLN D 267 12.85 22.59 6.42
CA GLN D 267 12.20 21.76 7.45
C GLN D 267 11.87 22.62 8.66
N GLY D 268 12.82 23.44 9.09
CA GLY D 268 12.65 24.31 10.24
C GLY D 268 11.52 25.30 10.08
N ASP D 269 11.42 25.89 8.89
CA ASP D 269 10.31 26.78 8.56
C ASP D 269 8.96 26.06 8.67
N ARG D 270 8.92 24.78 8.24
CA ARG D 270 7.73 23.97 8.31
C ARG D 270 7.39 23.62 9.76
N GLU D 271 8.40 23.27 10.54
CA GLU D 271 8.21 23.04 11.97
C GLU D 271 7.66 24.29 12.66
N ARG D 272 8.27 25.44 12.37
CA ARG D 272 7.85 26.71 12.95
C ARG D 272 6.39 27.06 12.67
N GLU D 273 5.99 26.99 11.39
CA GLU D 273 4.62 27.33 11.01
C GLU D 273 3.61 26.34 11.61
N ARG D 274 4.06 25.12 11.95
CA ARG D 274 3.18 24.10 12.52
C ARG D 274 3.15 24.13 14.05
N GLY D 275 3.92 25.03 14.66
CA GLY D 275 4.00 25.08 16.12
C GLY D 275 4.78 23.93 16.73
N MET D 276 5.72 23.38 15.96
CA MET D 276 6.58 22.27 16.41
C MET D 276 7.89 22.82 16.91
N GLU D 277 8.55 22.07 17.76
CA GLU D 277 9.92 22.35 18.13
C GLU D 277 10.79 22.31 16.86
N ILE D 278 11.64 23.33 16.67
CA ILE D 278 12.51 23.36 15.51
C ILE D 278 13.69 22.40 15.75
N SER D 279 13.94 21.50 14.79
CA SER D 279 14.97 20.47 14.95
C SER D 279 16.37 21.11 14.95
N PRO D 280 17.37 20.44 15.58
CA PRO D 280 18.72 21.03 15.61
C PRO D 280 19.26 21.31 14.21
N MET D 281 19.93 22.46 14.06
CA MET D 281 20.51 22.87 12.78
C MET D 281 19.48 23.42 11.76
N CYS D 282 18.18 23.47 12.12
CA CYS D 282 17.10 23.83 11.18
C CYS D 282 16.48 25.23 11.35
N ASP D 283 16.95 26.00 12.34
CA ASP D 283 16.43 27.35 12.58
C ASP D 283 17.29 28.42 11.90
N LYS D 284 16.79 28.97 10.81
CA LYS D 284 17.53 29.99 10.06
C LYS D 284 17.81 31.28 10.85
N HIS D 285 16.99 31.55 11.88
CA HIS D 285 17.15 32.74 12.69
C HIS D 285 18.14 32.57 13.84
N ASN D 286 18.58 31.33 14.08
CA ASN D 286 19.60 31.05 15.09
C ASN D 286 20.59 30.02 14.55
N ALA D 287 21.23 30.37 13.45
CA ALA D 287 22.20 29.50 12.77
C ALA D 287 23.63 29.99 13.00
N SER D 288 24.55 29.02 13.07
CA SER D 288 25.99 29.28 13.09
C SER D 288 26.65 28.27 12.13
N VAL D 289 26.48 28.50 10.83
CA VAL D 289 26.85 27.49 9.80
C VAL D 289 28.31 27.06 9.90
N GLU D 290 29.23 28.02 9.99
CA GLU D 290 30.67 27.72 10.02
C GLU D 290 31.07 26.93 11.26
N LYS D 291 30.57 27.38 12.41
CA LYS D 291 30.80 26.70 13.69
C LYS D 291 30.32 25.24 13.65
N SER D 292 29.10 25.07 13.15
CA SER D 292 28.45 23.76 13.02
C SER D 292 29.23 22.81 12.11
N GLN D 293 29.83 23.33 11.05
CA GLN D 293 30.69 22.51 10.19
C GLN D 293 31.93 22.05 10.91
N VAL D 294 32.55 22.93 11.68
CA VAL D 294 33.74 22.53 12.45
C VAL D 294 33.39 21.41 13.42
N GLY D 295 32.26 21.56 14.10
CA GLY D 295 31.76 20.54 15.02
C GLY D 295 31.39 19.22 14.35
N PHE D 296 30.74 19.31 13.19
CA PHE D 296 30.37 18.14 12.37
C PHE D 296 31.62 17.34 12.07
N ILE D 297 32.67 18.06 11.66
CA ILE D 297 33.94 17.43 11.34
C ILE D 297 34.58 16.84 12.59
N ASP D 298 34.65 17.62 13.67
CA ASP D 298 35.30 17.16 14.89
C ASP D 298 34.66 15.92 15.52
N TYR D 299 33.33 15.87 15.57
CA TYR D 299 32.63 14.84 16.34
C TYR D 299 32.12 13.66 15.53
N ILE D 300 31.97 13.81 14.22
CA ILE D 300 31.35 12.77 13.37
C ILE D 300 32.25 12.37 12.21
N VAL D 301 32.61 13.34 11.35
CA VAL D 301 33.26 13.04 10.06
C VAL D 301 34.74 12.63 10.24
N HIS D 302 35.48 13.37 11.07
CA HIS D 302 36.88 13.01 11.28
C HIS D 302 37.10 11.69 12.03
N PRO D 303 36.38 11.46 13.13
CA PRO D 303 36.49 10.16 13.80
C PRO D 303 36.22 8.97 12.87
N LEU D 304 35.19 9.08 12.02
CA LEU D 304 34.85 8.03 11.06
C LEU D 304 35.96 7.85 10.01
N TRP D 305 36.36 8.93 9.37
CA TRP D 305 37.36 8.87 8.29
C TRP D 305 38.75 8.52 8.79
N GLU D 306 39.11 8.98 9.99
CA GLU D 306 40.37 8.57 10.62
C GLU D 306 40.41 7.03 10.80
N THR D 307 39.28 6.46 11.20
CA THR D 307 39.19 5.01 11.39
C THR D 307 39.21 4.27 10.05
N TRP D 308 38.44 4.76 9.07
CA TRP D 308 38.51 4.21 7.73
C TRP D 308 39.94 4.26 7.21
N ALA D 309 40.61 5.42 7.37
CA ALA D 309 42.01 5.57 6.87
C ALA D 309 42.96 4.54 7.48
N ASP D 310 42.79 4.25 8.76
CA ASP D 310 43.53 3.19 9.44
C ASP D 310 43.26 1.81 8.83
N LEU D 311 41.98 1.50 8.56
CA LEU D 311 41.62 0.22 7.92
C LEU D 311 42.36 0.04 6.58
N VAL D 312 42.44 1.12 5.79
CA VAL D 312 43.00 1.03 4.43
C VAL D 312 44.39 1.69 4.30
N HIS D 313 45.08 1.86 5.42
CA HIS D 313 46.32 2.63 5.48
C HIS D 313 47.33 2.18 4.41
N PRO D 314 47.97 3.13 3.71
CA PRO D 314 47.85 4.59 3.70
C PRO D 314 46.97 5.13 2.57
N ASP D 315 46.04 4.32 2.09
CA ASP D 315 45.28 4.67 0.88
C ASP D 315 44.51 5.99 0.98
N ALA D 316 43.98 6.32 2.15
CA ALA D 316 43.11 7.48 2.35
C ALA D 316 43.80 8.72 2.94
N GLN D 317 45.13 8.79 2.91
CA GLN D 317 45.81 9.91 3.57
C GLN D 317 45.47 11.26 2.95
N ASP D 318 45.35 11.33 1.61
CA ASP D 318 45.04 12.60 0.94
C ASP D 318 43.61 13.05 1.24
N ILE D 319 42.71 12.10 1.45
CA ILE D 319 41.32 12.39 1.85
C ILE D 319 41.28 13.01 3.23
N LEU D 320 42.01 12.42 4.17
CA LEU D 320 42.14 12.96 5.54
C LEU D 320 42.79 14.35 5.56
N ASP D 321 43.83 14.54 4.74
CA ASP D 321 44.47 15.86 4.59
C ASP D 321 43.50 16.95 4.12
N THR D 322 42.73 16.65 3.07
CA THR D 322 41.72 17.60 2.55
C THR D 322 40.68 17.96 3.60
N LEU D 323 40.17 16.94 4.29
CA LEU D 323 39.24 17.14 5.39
C LEU D 323 39.78 18.15 6.40
N GLU D 324 41.03 17.95 6.79
CA GLU D 324 41.68 18.82 7.78
C GLU D 324 41.89 20.24 7.23
N ASP D 325 42.26 20.36 5.95
CA ASP D 325 42.31 21.68 5.30
C ASP D 325 40.94 22.38 5.31
N ASN D 326 39.89 21.60 5.06
CA ASN D 326 38.55 22.17 4.98
C ASN D 326 38.01 22.60 6.34
N ARG D 327 38.31 21.83 7.38
CA ARG D 327 37.92 22.20 8.74
C ARG D 327 38.56 23.55 9.10
N GLU D 328 39.84 23.71 8.75
CA GLU D 328 40.55 24.96 9.02
C GLU D 328 39.92 26.14 8.28
N TRP D 329 39.42 25.90 7.06
CA TRP D 329 38.77 26.97 6.32
C TRP D 329 37.44 27.44 6.98
N TYR D 330 36.58 26.52 7.39
CA TYR D 330 35.36 26.89 8.10
C TYR D 330 35.66 27.53 9.45
N GLN D 331 36.64 27.00 10.17
CA GLN D 331 37.10 27.61 11.44
C GLN D 331 37.43 29.09 11.21
N SER D 332 38.16 29.38 10.14
CA SER D 332 38.64 30.73 9.86
C SER D 332 37.55 31.71 9.41
N THR D 333 36.35 31.20 9.12
CA THR D 333 35.24 32.07 8.70
C THR D 333 34.08 32.07 9.72
N ILE D 334 34.36 31.64 10.94
CA ILE D 334 33.42 31.79 12.05
C ILE D 334 33.47 33.26 12.47
N PRO D 335 32.32 33.97 12.43
CA PRO D 335 32.34 35.35 12.96
C PRO D 335 32.68 35.34 14.44
N GLN D 336 33.40 36.33 14.93
CA GLN D 336 33.78 36.28 16.34
C GLN D 336 32.71 36.89 17.24
ZN ZN E . -17.95 -14.53 -8.24
MG MG F . -17.45 -10.72 -7.05
S SO4 G . -20.49 -32.76 -6.79
O1 SO4 G . -20.97 -33.58 -7.90
O2 SO4 G . -19.28 -32.12 -7.17
O3 SO4 G . -21.58 -31.83 -6.43
O4 SO4 G . -20.21 -33.55 -5.59
C1 D71 H . -26.41 -18.37 -6.01
C2 D71 H . -26.67 -17.07 -5.73
C3 D71 H . -27.77 -16.76 -4.74
C5 D71 H . -28.17 -19.11 -4.48
C6 D71 H . -27.19 -19.44 -5.35
C14 D71 H . -27.29 -14.30 -5.07
O56 D71 H . -32.33 -12.59 -4.90
N54 D71 H . -32.32 -12.95 -3.76
O58 D71 H . -33.34 -12.54 -2.98
C40 D71 H . -31.28 -13.77 -3.23
C39 D71 H . -30.24 -14.17 -4.02
C41 D71 H . -31.27 -14.18 -1.78
C42 D71 H . -30.25 -14.92 -1.27
C43 D71 H . -29.13 -15.36 -2.15
C22 D71 H . -29.12 -14.99 -3.47
N13 D71 H . -28.07 -15.38 -4.41
N4 D71 H . -28.45 -17.74 -4.18
O52 D71 H . -27.54 -13.12 -4.80
N15 D71 H . -26.24 -14.59 -6.04
C16 D71 H . -25.91 -15.95 -6.37
O50 D71 H . -25.00 -16.20 -7.21
C24 D71 H . -25.48 -13.47 -6.68
C26 D71 H . -24.56 -12.81 -5.67
C32 D71 H . -24.72 -11.55 -5.19
C31 D71 H . -23.73 -11.05 -4.20
N30 D71 H . -22.75 -11.83 -3.81
C29 D71 H . -22.59 -13.17 -4.32
C28 D71 H . -23.45 -13.67 -5.20
C1 EOH I . -9.30 -0.24 -18.46
C2 EOH I . -7.96 0.03 -19.17
O EOH I . -10.45 -0.07 -19.35
C1 EOH J . 2.59 -17.00 -0.67
C2 EOH J . 2.84 -15.85 0.32
O EOH J . 1.79 -16.60 -1.77
C1 EOH K . -0.27 -8.55 -17.74
C2 EOH K . -0.64 -7.59 -16.62
O EOH K . 1.13 -8.67 -17.95
ZN ZN L . -6.89 20.33 -12.00
MG MG M . -6.65 16.33 -12.55
S SO4 N . -1.46 37.54 -10.87
O1 SO4 N . -2.24 38.75 -11.16
O2 SO4 N . -0.31 37.52 -11.79
O3 SO4 N . -1.00 37.51 -9.50
O4 SO4 N . -2.30 36.38 -11.09
C1 D71 O . -5.08 25.43 -19.63
C2 D71 O . -5.20 24.22 -20.22
C3 D71 O . -4.56 24.01 -21.57
C5 D71 O . -3.74 26.27 -21.50
C6 D71 O . -4.30 26.50 -20.29
C14 D71 O . -5.45 21.63 -21.56
O56 D71 O . -6.55 20.81 -26.56
N54 D71 O . -5.43 21.15 -26.85
O58 D71 O . -5.05 21.03 -28.12
C40 D71 O . -4.54 21.68 -25.86
C39 D71 O . -4.97 21.92 -24.60
C41 D71 O . -3.10 22.00 -26.17
C42 D71 O . -2.26 22.49 -25.23
C43 D71 O . -2.77 22.73 -23.85
C22 D71 O . -4.08 22.46 -23.54
N13 D71 O . -4.66 22.70 -22.22
N4 D71 O . -3.89 25.00 -22.13
O52 D71 O . -5.55 20.53 -22.11
N15 D71 O . -6.10 21.85 -20.26
C16 D71 O . -5.96 23.10 -19.59
O50 D71 O . -6.51 23.29 -18.47
C24 D71 O . -6.86 20.73 -19.62
C26 D71 O . -5.89 19.69 -19.09
C32 D71 O . -5.72 18.47 -19.61
C31 D71 O . -4.69 17.58 -18.99
N30 D71 O . -3.99 18.02 -17.98
C29 D71 O . -4.16 19.34 -17.43
C28 D71 O . -5.07 20.17 -17.95
C1 EOH P . -1.04 15.35 -22.69
C2 EOH P . -1.01 14.29 -21.59
O EOH P . -1.22 14.79 -23.99
C1 EOH Q . 4.04 15.19 6.70
C2 EOH Q . 4.78 14.45 5.58
O EOH Q . 2.95 15.97 6.21
C1 EOH R . -19.17 6.99 -4.55
C2 EOH R . -19.77 6.48 -3.24
O EOH R . -20.18 7.35 -5.51
ZN ZN S . 1.92 -15.20 19.34
MG MG T . 4.22 -13.75 16.29
S SO4 U . -10.55 -25.76 27.86
O1 SO4 U . -11.69 -26.55 27.41
O2 SO4 U . -10.86 -24.36 27.68
O3 SO4 U . -10.22 -26.09 29.26
O4 SO4 U . -9.38 -26.16 27.07
C1 D71 V . 3.44 -24.24 21.61
C2 D71 V . 4.53 -24.05 20.82
C3 D71 V . 5.18 -25.27 20.22
C5 D71 V . 3.54 -26.66 21.28
C6 D71 V . 2.92 -25.59 21.85
C14 D71 V . 6.85 -23.72 19.13
O56 D71 V . 11.14 -26.95 19.45
N54 D71 V . 10.50 -27.75 18.82
O58 D71 V . 11.12 -28.86 18.43
C40 D71 V . 9.14 -27.52 18.47
C39 D71 V . 8.44 -26.49 19.05
C41 D71 V . 8.44 -28.37 17.46
C42 D71 V . 7.15 -28.13 17.11
C43 D71 V . 6.40 -27.01 17.76
C22 D71 V . 7.03 -26.22 18.70
N13 D71 V . 6.34 -25.09 19.36
N4 D71 V . 4.69 -26.46 20.46
O52 D71 V . 7.85 -23.53 18.41
N15 D71 V . 6.23 -22.56 19.74
C16 D71 V . 5.08 -22.69 20.57
O50 D71 V . 4.57 -21.67 21.08
C24 D71 V . 6.78 -21.20 19.49
C26 D71 V . 6.52 -20.72 18.09
C32 D71 V . 7.46 -20.67 17.11
C31 D71 V . 7.05 -20.15 15.78
N30 D71 V . 5.81 -19.78 15.59
C29 D71 V . 4.83 -19.84 16.62
C28 D71 V . 5.14 -20.30 17.84
C1 EOH W . 10.35 2.59 18.49
C2 EOH W . 9.89 4.06 18.58
O EOH W . 11.21 2.21 19.58
ZN ZN X . 22.49 10.07 1.60
MG MG Y . 19.51 8.69 4.11
C1 D71 Z . 27.26 17.68 4.48
C2 D71 Z . 26.60 17.39 5.63
C3 D71 Z . 26.41 18.50 6.62
C5 D71 Z . 27.55 20.02 5.15
C6 D71 Z . 27.75 19.05 4.22
C14 D71 Z . 25.22 16.84 8.10
O56 D71 Z . 26.92 18.47 12.80
N54 D71 Z . 26.46 19.54 12.54
O58 D71 Z . 26.46 20.48 13.51
C40 D71 Z . 25.90 19.84 11.27
C39 D71 Z . 26.06 18.97 10.23
C41 D71 Z . 25.10 21.09 11.02
C42 D71 Z . 24.55 21.33 9.81
C43 D71 Z . 24.73 20.37 8.69
C22 D71 Z . 25.45 19.23 8.89
N13 D71 Z . 25.69 18.21 7.85
N4 D71 Z . 26.87 19.71 6.35
O52 D71 Z . 24.61 16.60 9.15
N15 D71 Z . 25.44 15.76 7.13
C16 D71 Z . 26.10 16.02 5.92
O50 D71 Z . 26.25 15.07 5.11
C24 D71 Z . 24.92 14.39 7.42
C26 D71 Z . 23.43 14.39 7.29
C32 D71 Z . 22.56 14.29 8.32
C31 D71 Z . 21.11 14.33 8.01
N30 D71 Z . 20.72 14.51 6.77
C29 D71 Z . 21.63 14.65 5.68
C28 D71 Z . 22.96 14.60 5.90
C1 EOH AA . 18.10 -8.62 6.06
C2 EOH AA . 17.73 -9.95 5.37
O EOH AA . 19.25 -8.77 6.94
#